data_7Y0B
#
_entry.id   7Y0B
#
_cell.length_a   80.994
_cell.length_b   142.077
_cell.length_c   154.263
_cell.angle_alpha   90.000
_cell.angle_beta   90.000
_cell.angle_gamma   90.000
#
_symmetry.space_group_name_H-M   'P 21 21 21'
#
loop_
_entity.id
_entity.type
_entity.pdbx_description
1 polymer 'Short-chain specific acyl-CoA dehydrogenase, mitochondrial'
2 non-polymer 'FLAVIN-ADENINE DINUCLEOTIDE'
3 non-polymer (2S,3R,4R,5S,6R)-2-[4-chloranyl-3-[[4-[(3S)-oxolan-3-yl]oxyphenyl]methyl]phenyl]-6-(hydroxymethyl)oxane-3,4,5-triol
4 water water
#
_entity_poly.entity_id   1
_entity_poly.type   'polypeptide(L)'
_entity_poly.pdbx_seq_one_letter_code
;MGLHTIYQSVELPETHQMLLQTCRDFAEKELFPIAAQVDKEHLFPAAQVKKMGGLGLLAMDVPEELGGAGLDYLAYAIAM
EEISRGCASTGVIMSVNNSLYLGPILKFGSKEQKQAWVTPFTSGDKIGCFALSEPGNGSDAGAASTTARAEGDSWVLNGT
KAWITNAWEASAAVVFASTDRALQNKGISAFLVPMPTPGLTLGKKEDKLGIRGSSTANLIFEDCRIPKDSILGEPGMGFK
IAMQTLDMGRIGIASQALGIAQTALDCAVNYAENRMAFGAPLTKLQVIQFKLADMALALESARLLTWRAAMLKDNKKPFI
KEAAMAKLAASEAATAISHQAIQILGGMGYVTEMPAERHYRDARITEIYEGTSEIQRLVIAGHLLRSYRSLEHHHHHH
;
_entity_poly.pdbx_strand_id   A,B,C,D
#
loop_
_chem_comp.id
_chem_comp.type
_chem_comp.name
_chem_comp.formula
7R3 non-polymer (2S,3R,4R,5S,6R)-2-[4-chloranyl-3-[[4-[(3S)-oxolan-3-yl]oxyphenyl]methyl]phenyl]-6-(hydroxymethyl)oxane-3,4,5-triol 'C23 H27 Cl O7'
FAD non-polymer 'FLAVIN-ADENINE DINUCLEOTIDE' 'C27 H33 N9 O15 P2'
#
# COMPACT_ATOMS: atom_id res chain seq x y z
N ILE A 6 22.28 2.85 -13.33
CA ILE A 6 23.02 3.14 -12.11
C ILE A 6 22.28 4.21 -11.28
N TYR A 7 22.80 4.44 -10.08
CA TYR A 7 22.34 5.42 -9.10
C TYR A 7 23.49 6.37 -8.79
N GLN A 8 23.19 7.40 -8.00
CA GLN A 8 24.18 8.38 -7.58
C GLN A 8 24.37 8.33 -6.07
N SER A 9 25.55 8.68 -5.69
CA SER A 9 25.94 8.80 -4.35
C SER A 9 26.86 9.98 -4.29
N VAL A 10 26.85 10.67 -3.18
CA VAL A 10 27.80 11.71 -3.04
C VAL A 10 29.08 10.94 -2.80
N GLU A 11 30.09 11.33 -3.51
CA GLU A 11 31.39 10.77 -3.53
C GLU A 11 31.87 9.66 -2.61
N LEU A 12 31.86 8.48 -3.18
CA LEU A 12 32.34 7.39 -2.48
C LEU A 12 33.84 7.52 -2.49
N PRO A 13 34.50 7.02 -1.48
CA PRO A 13 35.95 7.00 -1.51
C PRO A 13 36.47 6.15 -2.70
N GLU A 14 37.65 6.53 -3.21
CA GLU A 14 38.23 5.83 -4.35
C GLU A 14 38.37 4.35 -4.06
N THR A 15 38.75 4.02 -2.82
CA THR A 15 38.71 2.65 -2.31
C THR A 15 37.43 1.94 -2.71
N HIS A 16 36.29 2.54 -2.36
CA HIS A 16 35.03 1.83 -2.46
C HIS A 16 34.50 1.83 -3.89
N GLN A 17 34.82 2.86 -4.67
CA GLN A 17 34.47 2.91 -6.06
C GLN A 17 35.18 1.73 -6.79
N MET A 18 36.46 1.55 -6.56
CA MET A 18 37.17 0.45 -7.20
C MET A 18 36.64 -0.89 -6.73
N LEU A 19 36.33 -1.01 -5.44
CA LEU A 19 35.73 -2.24 -4.93
C LEU A 19 34.43 -2.57 -5.66
N LEU A 20 33.57 -1.56 -5.85
CA LEU A 20 32.30 -1.80 -6.53
C LEU A 20 32.53 -2.37 -7.92
N GLN A 21 33.45 -1.78 -8.67
CA GLN A 21 33.74 -2.26 -10.02
C GLN A 21 34.35 -3.65 -9.99
N THR A 22 35.29 -3.90 -9.06
CA THR A 22 35.84 -5.25 -8.96
C THR A 22 34.74 -6.26 -8.65
N CYS A 23 33.81 -5.91 -7.77
CA CYS A 23 32.76 -6.85 -7.38
C CYS A 23 31.73 -7.01 -8.48
N ARG A 24 31.46 -5.95 -9.24
CA ARG A 24 30.52 -6.07 -10.33
C ARG A 24 31.11 -6.92 -11.45
N ASP A 25 32.39 -6.71 -11.75
CA ASP A 25 33.06 -7.55 -12.74
C ASP A 25 33.02 -9.01 -12.34
N PHE A 26 33.35 -9.31 -11.08
CA PHE A 26 33.30 -10.71 -10.64
C PHE A 26 31.88 -11.28 -10.74
N ALA A 27 30.88 -10.51 -10.33
CA ALA A 27 29.51 -11.02 -10.38
C ALA A 27 29.10 -11.33 -11.83
N GLU A 28 29.33 -10.39 -12.74
CA GLU A 28 28.83 -10.62 -14.10
C GLU A 28 29.59 -11.73 -14.81
N LYS A 29 30.89 -11.90 -14.52
CA LYS A 29 31.66 -12.95 -15.17
C LYS A 29 31.56 -14.31 -14.49
N GLU A 30 31.53 -14.36 -13.16
CA GLU A 30 31.56 -15.66 -12.49
C GLU A 30 30.22 -16.09 -11.92
N LEU A 31 29.32 -15.15 -11.59
CA LEU A 31 28.09 -15.51 -10.90
C LEU A 31 26.89 -15.55 -11.83
N PHE A 32 26.73 -14.54 -12.69
CA PHE A 32 25.68 -14.54 -13.70
C PHE A 32 25.61 -15.84 -14.51
N PRO A 33 26.72 -16.40 -15.03
CA PRO A 33 26.60 -17.65 -15.81
C PRO A 33 26.15 -18.87 -15.01
N ILE A 34 26.26 -18.87 -13.67
CA ILE A 34 25.92 -20.04 -12.88
C ILE A 34 24.66 -19.86 -12.06
N ALA A 35 24.10 -18.64 -11.96
CA ALA A 35 23.03 -18.36 -11.01
C ALA A 35 21.85 -19.30 -11.21
N ALA A 36 21.45 -19.53 -12.46
CA ALA A 36 20.32 -20.43 -12.72
C ALA A 36 20.64 -21.86 -12.30
N GLN A 37 21.86 -22.35 -12.57
CA GLN A 37 22.20 -23.72 -12.20
C GLN A 37 22.27 -23.90 -10.70
N VAL A 38 22.92 -22.98 -9.99
CA VAL A 38 22.97 -22.98 -8.53
C VAL A 38 21.57 -23.12 -7.95
N ASP A 39 20.62 -22.32 -8.46
CA ASP A 39 19.26 -22.37 -7.97
C ASP A 39 18.56 -23.68 -8.34
N LYS A 40 18.64 -24.06 -9.62
CA LYS A 40 17.89 -25.22 -10.10
C LYS A 40 18.42 -26.52 -9.50
N GLU A 41 19.72 -26.69 -9.45
CA GLU A 41 20.29 -27.91 -8.91
C GLU A 41 20.60 -27.82 -7.42
N HIS A 42 20.13 -26.76 -6.76
CA HIS A 42 20.46 -26.46 -5.36
C HIS A 42 21.91 -26.82 -5.06
N LEU A 43 22.80 -26.22 -5.82
CA LEU A 43 24.20 -26.63 -5.87
C LEU A 43 25.09 -25.58 -5.20
N PHE A 44 25.79 -26.00 -4.14
CA PHE A 44 26.64 -25.07 -3.41
C PHE A 44 27.77 -24.56 -4.31
N PRO A 45 27.92 -23.24 -4.51
CA PRO A 45 28.91 -22.67 -5.46
C PRO A 45 30.34 -22.65 -4.91
N ALA A 46 30.92 -23.84 -4.73
CA ALA A 46 32.18 -23.94 -3.99
C ALA A 46 33.31 -23.20 -4.70
N ALA A 47 33.46 -23.39 -6.02
CA ALA A 47 34.59 -22.78 -6.72
C ALA A 47 34.52 -21.27 -6.67
N GLN A 48 33.31 -20.70 -6.77
CA GLN A 48 33.15 -19.25 -6.72
C GLN A 48 33.45 -18.72 -5.33
N VAL A 49 32.97 -19.40 -4.29
CA VAL A 49 33.25 -18.98 -2.91
C VAL A 49 34.75 -18.98 -2.66
N LYS A 50 35.45 -20.02 -3.12
CA LYS A 50 36.90 -20.05 -2.95
C LYS A 50 37.56 -18.85 -3.63
N LYS A 51 37.20 -18.59 -4.89
CA LYS A 51 37.73 -17.42 -5.59
C LYS A 51 37.42 -16.13 -4.83
N MET A 52 36.19 -16.01 -4.29
CA MET A 52 35.86 -14.82 -3.52
C MET A 52 36.72 -14.73 -2.27
N GLY A 53 36.99 -15.87 -1.63
CA GLY A 53 37.90 -15.88 -0.51
C GLY A 53 39.24 -15.29 -0.87
N GLY A 54 39.78 -15.68 -2.03
CA GLY A 54 41.04 -15.14 -2.49
C GLY A 54 41.02 -13.65 -2.75
N LEU A 55 39.84 -13.08 -3.01
CA LEU A 55 39.70 -11.65 -3.22
C LEU A 55 39.51 -10.87 -1.92
N GLY A 56 39.30 -11.55 -0.80
CA GLY A 56 39.02 -10.89 0.45
C GLY A 56 37.56 -10.73 0.78
N LEU A 57 36.65 -11.21 -0.09
CA LEU A 57 35.23 -10.93 0.05
C LEU A 57 34.58 -11.72 1.18
N LEU A 58 35.20 -12.82 1.62
CA LEU A 58 34.64 -13.59 2.71
C LEU A 58 35.05 -13.07 4.08
N ALA A 59 35.94 -12.07 4.14
CA ALA A 59 36.45 -11.56 5.40
C ALA A 59 36.78 -10.07 5.22
N MET A 60 35.75 -9.27 5.00
CA MET A 60 35.98 -7.91 4.53
C MET A 60 36.39 -6.96 5.65
N ASP A 61 35.63 -6.94 6.75
CA ASP A 61 35.94 -6.09 7.90
C ASP A 61 36.91 -6.77 8.86
N VAL A 62 37.83 -7.58 8.36
CA VAL A 62 38.75 -8.36 9.19
C VAL A 62 40.14 -7.76 9.02
N PRO A 63 40.87 -7.51 10.11
CA PRO A 63 42.24 -6.98 9.99
C PRO A 63 43.09 -7.81 9.04
N GLU A 64 43.89 -7.12 8.22
CA GLU A 64 44.79 -7.83 7.30
C GLU A 64 45.74 -8.73 8.07
N GLU A 65 46.22 -8.29 9.22
CA GLU A 65 47.10 -9.13 10.02
C GLU A 65 46.46 -10.46 10.40
N LEU A 66 45.14 -10.61 10.26
CA LEU A 66 44.46 -11.88 10.55
C LEU A 66 44.04 -12.61 9.28
N GLY A 67 44.46 -12.14 8.11
CA GLY A 67 44.05 -12.73 6.85
C GLY A 67 42.91 -12.03 6.15
N GLY A 68 42.34 -10.98 6.73
CA GLY A 68 41.20 -10.31 6.15
C GLY A 68 41.60 -9.25 5.14
N ALA A 69 40.59 -8.52 4.67
CA ALA A 69 40.80 -7.49 3.67
C ALA A 69 41.07 -6.11 4.28
N GLY A 70 40.86 -5.94 5.58
CA GLY A 70 41.07 -4.65 6.21
C GLY A 70 40.22 -3.54 5.63
N LEU A 71 38.98 -3.84 5.27
CA LEU A 71 38.03 -2.89 4.73
C LEU A 71 37.02 -2.52 5.83
N ASP A 72 35.88 -1.93 5.46
CA ASP A 72 34.91 -1.53 6.47
C ASP A 72 33.51 -2.02 6.07
N TYR A 73 32.51 -1.66 6.87
CA TYR A 73 31.16 -2.15 6.61
C TYR A 73 30.51 -1.45 5.43
N LEU A 74 30.89 -0.21 5.12
CA LEU A 74 30.42 0.39 3.87
C LEU A 74 30.90 -0.43 2.68
N ALA A 75 32.19 -0.76 2.65
CA ALA A 75 32.72 -1.63 1.60
C ALA A 75 31.99 -2.97 1.57
N TYR A 76 31.76 -3.55 2.74
CA TYR A 76 31.02 -4.80 2.84
C TYR A 76 29.62 -4.69 2.24
N ALA A 77 28.92 -3.59 2.51
CA ALA A 77 27.57 -3.40 1.98
C ALA A 77 27.59 -3.31 0.45
N ILE A 78 28.58 -2.63 -0.11
CA ILE A 78 28.68 -2.51 -1.55
C ILE A 78 29.03 -3.85 -2.18
N ALA A 79 29.96 -4.59 -1.56
CA ALA A 79 30.30 -5.91 -2.10
C ALA A 79 29.13 -6.87 -1.96
N MET A 80 28.45 -6.86 -0.82
CA MET A 80 27.27 -7.71 -0.66
C MET A 80 26.26 -7.46 -1.77
N GLU A 81 25.97 -6.19 -2.05
CA GLU A 81 24.97 -5.89 -3.07
C GLU A 81 25.40 -6.42 -4.43
N GLU A 82 26.66 -6.16 -4.82
CA GLU A 82 27.08 -6.56 -6.17
C GLU A 82 27.14 -8.08 -6.29
N ILE A 83 27.56 -8.76 -5.23
CA ILE A 83 27.63 -10.22 -5.28
C ILE A 83 26.21 -10.80 -5.35
N SER A 84 25.29 -10.25 -4.56
CA SER A 84 23.94 -10.79 -4.50
C SER A 84 23.15 -10.44 -5.75
N ARG A 85 23.44 -9.31 -6.38
CA ARG A 85 22.94 -9.04 -7.72
C ARG A 85 23.29 -10.18 -8.68
N GLY A 86 24.44 -10.83 -8.49
CA GLY A 86 24.80 -11.98 -9.31
C GLY A 86 24.19 -13.29 -8.87
N CYS A 87 24.22 -13.58 -7.58
CA CYS A 87 23.66 -14.83 -7.08
C CYS A 87 23.27 -14.62 -5.63
N ALA A 88 21.97 -14.79 -5.32
CA ALA A 88 21.53 -14.49 -3.97
C ALA A 88 22.04 -15.52 -2.97
N SER A 89 22.25 -16.76 -3.42
CA SER A 89 22.83 -17.81 -2.59
C SER A 89 24.27 -17.48 -2.23
N THR A 90 25.08 -17.18 -3.25
CA THR A 90 26.46 -16.77 -3.02
C THR A 90 26.51 -15.59 -2.04
N GLY A 91 25.57 -14.65 -2.15
CA GLY A 91 25.54 -13.52 -1.23
C GLY A 91 25.32 -13.92 0.22
N VAL A 92 24.36 -14.83 0.47
CA VAL A 92 24.07 -15.17 1.86
C VAL A 92 25.19 -16.00 2.46
N ILE A 93 25.75 -16.93 1.68
CA ILE A 93 26.91 -17.71 2.12
C ILE A 93 28.01 -16.75 2.54
N MET A 94 28.25 -15.72 1.74
CA MET A 94 29.24 -14.70 2.04
C MET A 94 28.84 -13.87 3.26
N SER A 95 27.56 -13.47 3.34
CA SER A 95 27.15 -12.63 4.46
C SER A 95 27.23 -13.38 5.79
N VAL A 96 26.91 -14.67 5.81
CA VAL A 96 27.03 -15.46 7.04
C VAL A 96 28.46 -15.47 7.53
N ASN A 97 29.41 -15.80 6.63
CA ASN A 97 30.82 -15.86 7.04
C ASN A 97 31.29 -14.52 7.57
N ASN A 98 30.91 -13.42 6.90
CA ASN A 98 31.38 -12.09 7.30
C ASN A 98 30.76 -11.65 8.62
N SER A 99 29.44 -11.48 8.66
CA SER A 99 28.84 -10.85 9.83
C SER A 99 28.54 -11.84 10.95
N LEU A 100 28.06 -13.04 10.61
CA LEU A 100 27.50 -13.93 11.61
C LEU A 100 28.55 -14.83 12.25
N TYR A 101 29.58 -15.23 11.51
CA TYR A 101 30.63 -16.08 12.06
C TYR A 101 31.84 -15.25 12.49
N LEU A 102 32.49 -14.55 11.56
CA LEU A 102 33.69 -13.80 11.89
C LEU A 102 33.39 -12.60 12.78
N GLY A 103 32.25 -11.94 12.55
CA GLY A 103 31.90 -10.73 13.28
C GLY A 103 31.97 -10.84 14.79
N PRO A 104 31.26 -11.80 15.37
CA PRO A 104 31.32 -11.93 16.84
C PRO A 104 32.68 -12.39 17.34
N ILE A 105 33.40 -13.24 16.59
CA ILE A 105 34.73 -13.61 17.03
C ILE A 105 35.64 -12.39 17.07
N LEU A 106 35.59 -11.56 16.03
CA LEU A 106 36.39 -10.33 16.01
C LEU A 106 36.01 -9.41 17.15
N LYS A 107 34.71 -9.29 17.43
CA LYS A 107 34.25 -8.25 18.37
C LYS A 107 34.43 -8.68 19.82
N PHE A 108 34.20 -9.97 20.14
CA PHE A 108 34.24 -10.44 21.54
C PHE A 108 35.32 -11.46 21.83
N GLY A 109 36.13 -11.84 20.85
CA GLY A 109 37.06 -12.94 21.04
C GLY A 109 38.40 -12.52 21.57
N SER A 110 39.12 -13.49 22.12
CA SER A 110 40.47 -13.23 22.59
C SER A 110 41.46 -13.24 21.44
N LYS A 111 42.63 -12.66 21.67
CA LYS A 111 43.74 -12.73 20.71
C LYS A 111 43.94 -14.15 20.19
N GLU A 112 43.91 -15.13 21.09
CA GLU A 112 44.17 -16.50 20.67
C GLU A 112 42.97 -17.08 19.93
N GLN A 113 41.75 -16.71 20.35
CA GLN A 113 40.57 -17.19 19.66
C GLN A 113 40.50 -16.66 18.24
N LYS A 114 40.90 -15.40 18.05
CA LYS A 114 40.94 -14.84 16.70
C LYS A 114 41.91 -15.62 15.82
N GLN A 115 43.11 -15.90 16.34
CA GLN A 115 44.08 -16.65 15.55
C GLN A 115 43.56 -18.02 15.14
N ALA A 116 42.86 -18.71 16.04
CA ALA A 116 42.44 -20.08 15.75
C ALA A 116 41.13 -20.15 14.98
N TRP A 117 40.24 -19.17 15.15
CA TRP A 117 38.91 -19.28 14.57
C TRP A 117 38.64 -18.28 13.46
N VAL A 118 39.41 -17.21 13.37
CA VAL A 118 39.19 -16.22 12.31
C VAL A 118 40.12 -16.56 11.14
N THR A 119 41.43 -16.55 11.39
CA THR A 119 42.41 -16.66 10.32
C THR A 119 42.20 -17.84 9.37
N PRO A 120 41.96 -19.07 9.83
CA PRO A 120 41.72 -20.16 8.86
C PRO A 120 40.41 -20.02 8.11
N PHE A 121 39.57 -19.03 8.42
CA PHE A 121 38.28 -18.88 7.76
C PHE A 121 38.21 -17.61 6.92
N THR A 122 39.35 -17.07 6.48
CA THR A 122 39.38 -15.79 5.75
C THR A 122 39.64 -15.93 4.25
N SER A 123 39.93 -17.13 3.75
CA SER A 123 40.39 -17.29 2.37
C SER A 123 39.50 -18.21 1.52
N GLY A 124 38.33 -18.62 2.01
CA GLY A 124 37.45 -19.47 1.24
C GLY A 124 37.71 -20.96 1.36
N ASP A 125 38.76 -21.37 2.05
CA ASP A 125 39.01 -22.79 2.30
C ASP A 125 38.05 -23.36 3.33
N LYS A 126 37.71 -22.57 4.34
CA LYS A 126 36.76 -22.97 5.36
C LYS A 126 35.84 -21.79 5.63
N ILE A 127 34.55 -22.08 5.80
CA ILE A 127 33.57 -21.06 6.12
C ILE A 127 32.84 -21.51 7.39
N GLY A 128 32.21 -20.53 8.05
CA GLY A 128 31.55 -20.72 9.32
C GLY A 128 30.04 -20.55 9.21
N CYS A 129 29.38 -20.72 10.35
CA CYS A 129 27.94 -20.58 10.42
C CYS A 129 27.55 -20.13 11.82
N PHE A 130 26.25 -19.90 11.99
CA PHE A 130 25.73 -19.14 13.12
C PHE A 130 24.47 -19.84 13.59
N ALA A 131 24.47 -20.35 14.82
CA ALA A 131 23.38 -21.21 15.29
C ALA A 131 22.73 -20.59 16.53
N LEU A 132 21.70 -19.77 16.29
CA LEU A 132 20.92 -19.17 17.36
C LEU A 132 19.50 -19.70 17.44
N SER A 133 18.81 -19.85 16.31
CA SER A 133 17.44 -20.31 16.32
C SER A 133 17.35 -21.79 16.72
N GLU A 134 16.21 -22.17 17.21
CA GLU A 134 15.87 -23.54 17.55
C GLU A 134 14.48 -23.86 16.95
N PRO A 135 14.09 -25.13 16.82
CA PRO A 135 12.79 -25.43 16.20
C PRO A 135 11.63 -24.73 16.88
N GLY A 136 11.70 -24.51 18.18
CA GLY A 136 10.61 -23.92 18.92
C GLY A 136 10.67 -22.43 19.08
N ASN A 137 11.75 -21.82 18.65
CA ASN A 137 11.92 -20.41 18.81
C ASN A 137 12.93 -19.75 17.88
N GLY A 138 12.46 -18.97 16.92
CA GLY A 138 13.36 -18.18 16.10
C GLY A 138 13.32 -16.71 16.48
N SER A 139 12.13 -16.12 16.55
CA SER A 139 12.03 -14.70 16.89
C SER A 139 12.30 -14.48 18.37
N ASP A 140 11.78 -15.37 19.18
CA ASP A 140 11.94 -15.30 20.60
C ASP A 140 13.29 -15.88 20.92
N ALA A 141 14.29 -15.11 20.55
CA ALA A 141 15.66 -15.41 20.73
C ALA A 141 16.03 -15.98 22.03
N GLY A 142 15.73 -15.26 23.08
CA GLY A 142 16.05 -15.58 24.45
C GLY A 142 15.57 -16.85 25.07
N ALA A 143 14.63 -17.52 24.47
CA ALA A 143 14.05 -18.74 24.90
C ALA A 143 14.85 -20.02 24.48
N ALA A 144 16.17 -19.88 24.27
CA ALA A 144 17.07 -20.95 23.92
C ALA A 144 17.02 -22.09 24.93
N SER A 145 16.54 -23.22 24.51
CA SER A 145 16.49 -24.38 25.35
C SER A 145 17.71 -25.36 25.19
N THR A 146 18.53 -25.16 24.15
CA THR A 146 19.79 -25.88 24.05
C THR A 146 20.69 -25.47 25.22
N THR A 147 21.27 -26.45 25.91
CA THR A 147 22.01 -26.17 27.13
C THR A 147 23.51 -26.38 26.93
N ALA A 148 24.30 -25.68 27.75
CA ALA A 148 25.73 -25.93 27.87
C ALA A 148 26.08 -25.93 29.35
N ARG A 149 26.53 -27.06 29.86
CA ARG A 149 26.92 -27.15 31.27
C ARG A 149 28.44 -27.24 31.38
N ALA A 150 29.00 -26.57 32.38
CA ALA A 150 30.42 -26.65 32.66
C ALA A 150 30.76 -28.02 33.26
N GLU A 151 31.83 -28.63 32.76
CA GLU A 151 32.37 -29.87 33.33
C GLU A 151 33.88 -29.64 33.40
N GLY A 152 34.31 -28.95 34.45
CA GLY A 152 35.73 -28.65 34.60
C GLY A 152 36.22 -27.79 33.45
N ASP A 153 37.23 -28.30 32.73
CA ASP A 153 37.82 -27.58 31.62
C ASP A 153 37.13 -27.86 30.30
N SER A 154 35.85 -28.18 30.31
CA SER A 154 35.13 -28.39 29.08
C SER A 154 33.68 -27.95 29.26
N TRP A 155 32.99 -27.74 28.12
CA TRP A 155 31.57 -27.45 28.08
C TRP A 155 30.87 -28.59 27.35
N VAL A 156 29.69 -28.97 27.83
CA VAL A 156 28.93 -30.07 27.23
C VAL A 156 27.58 -29.53 26.78
N LEU A 157 27.31 -29.64 25.47
CA LEU A 157 26.14 -29.04 24.85
C LEU A 157 25.10 -30.11 24.52
N ASN A 158 23.83 -29.82 24.84
CA ASN A 158 22.72 -30.68 24.45
C ASN A 158 21.56 -29.84 23.89
N GLY A 159 21.03 -30.26 22.74
CA GLY A 159 19.89 -29.60 22.15
C GLY A 159 20.03 -29.40 20.65
N THR A 160 18.95 -28.99 20.00
CA THR A 160 18.91 -28.85 18.55
C THR A 160 18.80 -27.37 18.19
N LYS A 161 19.76 -26.90 17.41
CA LYS A 161 19.63 -25.60 16.76
C LYS A 161 18.99 -25.80 15.39
N ALA A 162 18.32 -24.77 14.91
CA ALA A 162 17.46 -24.92 13.75
C ALA A 162 17.83 -23.90 12.69
N TRP A 163 17.65 -24.30 11.43
CA TRP A 163 17.70 -23.40 10.28
C TRP A 163 19.10 -22.85 10.01
N ILE A 164 20.14 -23.64 10.17
CA ILE A 164 21.51 -23.10 10.15
C ILE A 164 22.01 -23.03 8.70
N THR A 165 22.24 -21.81 8.19
CA THR A 165 22.75 -21.65 6.83
C THR A 165 24.25 -21.96 6.82
N ASN A 166 24.71 -22.61 5.74
CA ASN A 166 26.05 -23.18 5.60
C ASN A 166 26.24 -24.43 6.45
N ALA A 167 25.18 -24.98 7.04
CA ALA A 167 25.31 -26.13 7.94
C ALA A 167 26.11 -27.25 7.30
N TRP A 168 25.81 -27.57 6.05
CA TRP A 168 26.47 -28.71 5.41
C TRP A 168 27.81 -28.37 4.78
N GLU A 169 28.28 -27.12 4.87
CA GLU A 169 29.58 -26.75 4.32
C GLU A 169 30.54 -26.17 5.33
N ALA A 170 30.07 -25.82 6.53
CA ALA A 170 30.89 -25.07 7.47
C ALA A 170 31.83 -25.98 8.26
N SER A 171 32.97 -25.42 8.67
CA SER A 171 33.93 -26.09 9.54
C SER A 171 33.91 -25.55 10.97
N ALA A 172 32.98 -24.65 11.28
CA ALA A 172 32.88 -24.09 12.62
C ALA A 172 31.55 -23.36 12.74
N ALA A 173 31.02 -23.33 13.97
CA ALA A 173 29.78 -22.62 14.26
C ALA A 173 29.98 -21.75 15.47
N VAL A 174 29.31 -20.60 15.47
CA VAL A 174 29.06 -19.83 16.69
C VAL A 174 27.70 -20.28 17.20
N VAL A 175 27.68 -20.93 18.37
CA VAL A 175 26.51 -21.61 18.88
C VAL A 175 26.07 -20.93 20.18
N PHE A 176 24.78 -20.67 20.30
CA PHE A 176 24.23 -20.06 21.50
C PHE A 176 23.46 -21.10 22.28
N ALA A 177 23.79 -21.23 23.57
CA ALA A 177 23.17 -22.22 24.43
C ALA A 177 23.03 -21.63 25.84
N SER A 178 22.03 -22.12 26.57
CA SER A 178 21.77 -21.63 27.91
C SER A 178 22.73 -22.26 28.90
N THR A 179 23.52 -21.44 29.60
CA THR A 179 24.34 -21.91 30.71
C THR A 179 23.65 -21.73 32.05
N ASP A 180 22.48 -21.09 32.09
CA ASP A 180 21.72 -20.97 33.34
C ASP A 180 20.27 -20.70 32.93
N ARG A 181 19.50 -21.77 32.78
CA ARG A 181 18.13 -21.60 32.30
C ARG A 181 17.28 -20.81 33.29
N ALA A 182 17.64 -20.83 34.57
CA ALA A 182 16.94 -20.00 35.54
C ALA A 182 17.08 -18.52 35.22
N LEU A 183 18.24 -18.12 34.71
CA LEU A 183 18.52 -16.72 34.44
C LEU A 183 17.86 -16.22 33.16
N GLN A 184 17.22 -17.09 32.40
CA GLN A 184 16.52 -16.72 31.17
C GLN A 184 17.40 -15.87 30.26
N ASN A 185 16.96 -14.61 30.03
CA ASN A 185 17.62 -13.69 29.13
C ASN A 185 19.10 -13.51 29.41
N LYS A 186 19.49 -13.67 30.67
CA LYS A 186 20.83 -13.36 31.11
C LYS A 186 21.64 -14.61 31.35
N GLY A 187 21.10 -15.78 31.00
CA GLY A 187 21.79 -17.04 31.19
C GLY A 187 22.09 -17.75 29.89
N ILE A 188 22.35 -16.97 28.81
CA ILE A 188 22.78 -17.50 27.52
C ILE A 188 24.27 -17.27 27.36
N SER A 189 24.95 -18.19 26.70
CA SER A 189 26.35 -18.00 26.38
C SER A 189 26.60 -18.39 24.93
N ALA A 190 27.73 -17.94 24.38
CA ALA A 190 28.11 -18.18 23.00
C ALA A 190 29.34 -19.08 22.96
N PHE A 191 29.37 -20.02 22.01
CA PHE A 191 30.43 -21.02 21.95
C PHE A 191 30.95 -21.24 20.54
N LEU A 192 32.27 -21.41 20.42
CA LEU A 192 32.91 -21.78 19.17
C LEU A 192 33.01 -23.30 19.11
N VAL A 193 32.42 -23.88 18.07
CA VAL A 193 32.27 -25.32 17.96
C VAL A 193 32.91 -25.74 16.63
N PRO A 194 33.82 -26.72 16.63
CA PRO A 194 34.35 -27.22 15.35
C PRO A 194 33.32 -28.07 14.66
N MET A 195 33.43 -28.15 13.33
CA MET A 195 32.59 -29.02 12.54
C MET A 195 33.47 -29.78 11.56
N PRO A 196 33.40 -31.12 11.52
CA PRO A 196 32.52 -31.90 12.39
C PRO A 196 33.16 -32.09 13.77
N THR A 197 32.40 -32.61 14.74
CA THR A 197 32.93 -32.88 16.08
C THR A 197 32.06 -33.94 16.73
N PRO A 198 32.62 -34.79 17.59
CA PRO A 198 31.80 -35.82 18.24
C PRO A 198 30.66 -35.17 19.03
N GLY A 199 29.50 -35.78 18.96
CA GLY A 199 28.33 -35.24 19.60
C GLY A 199 27.48 -34.34 18.73
N LEU A 200 27.99 -33.93 17.57
CA LEU A 200 27.25 -33.08 16.64
C LEU A 200 26.77 -33.89 15.46
N THR A 201 25.49 -33.79 15.13
CA THR A 201 24.94 -34.39 13.93
C THR A 201 24.15 -33.35 13.15
N LEU A 202 24.20 -33.43 11.82
CA LEU A 202 23.46 -32.51 10.95
C LEU A 202 22.11 -33.10 10.59
N GLY A 203 21.09 -32.26 10.64
CA GLY A 203 19.80 -32.65 10.08
C GLY A 203 19.85 -32.71 8.58
N LYS A 204 18.76 -33.23 8.00
CA LYS A 204 18.58 -33.20 6.56
C LYS A 204 18.48 -31.75 6.07
N LYS A 205 18.99 -31.51 4.86
CA LYS A 205 18.92 -30.17 4.27
C LYS A 205 17.46 -29.78 4.02
N GLU A 206 17.13 -28.51 4.32
CA GLU A 206 15.83 -27.97 3.96
C GLU A 206 15.69 -27.79 2.45
N ASP A 207 14.49 -28.05 1.95
CA ASP A 207 14.14 -27.82 0.55
C ASP A 207 13.40 -26.48 0.50
N LYS A 208 14.03 -25.46 -0.09
CA LYS A 208 13.65 -24.07 0.12
C LYS A 208 13.05 -23.44 -1.14
N LEU A 209 12.22 -22.41 -0.90
CA LEU A 209 11.67 -21.61 -1.98
C LEU A 209 12.76 -20.93 -2.81
N GLY A 210 13.80 -20.42 -2.14
CA GLY A 210 14.84 -19.67 -2.81
C GLY A 210 16.16 -19.80 -2.07
N ILE A 211 17.14 -18.95 -2.39
CA ILE A 211 18.55 -19.11 -2.04
C ILE A 211 18.90 -20.59 -1.95
N ARG A 212 18.49 -21.33 -2.98
CA ARG A 212 18.59 -22.78 -3.00
C ARG A 212 20.02 -23.29 -3.11
N GLY A 213 20.99 -22.43 -3.36
CA GLY A 213 22.39 -22.81 -3.37
C GLY A 213 23.06 -22.81 -2.01
N SER A 214 22.46 -22.19 -1.01
CA SER A 214 22.94 -22.30 0.35
C SER A 214 22.31 -23.53 1.01
N SER A 215 23.04 -24.15 1.93
CA SER A 215 22.46 -25.24 2.71
C SER A 215 21.89 -24.71 4.01
N THR A 216 20.81 -25.36 4.47
CA THR A 216 20.07 -25.02 5.68
C THR A 216 19.70 -26.31 6.38
N ALA A 217 20.13 -26.46 7.64
CA ALA A 217 19.85 -27.71 8.34
C ALA A 217 19.98 -27.50 9.83
N ASN A 218 19.39 -28.42 10.59
CA ASN A 218 19.53 -28.39 12.04
C ASN A 218 20.92 -28.85 12.44
N LEU A 219 21.38 -28.33 13.57
CA LEU A 219 22.58 -28.82 14.25
C LEU A 219 22.11 -29.52 15.52
N ILE A 220 22.42 -30.80 15.65
CA ILE A 220 21.91 -31.61 16.75
C ILE A 220 23.07 -31.95 17.67
N PHE A 221 23.05 -31.42 18.89
CA PHE A 221 24.09 -31.67 19.87
C PHE A 221 23.61 -32.69 20.90
N GLU A 222 24.35 -33.77 21.05
CA GLU A 222 24.10 -34.78 22.08
C GLU A 222 25.39 -35.01 22.84
N ASP A 223 25.43 -34.54 24.09
CA ASP A 223 26.61 -34.59 24.94
C ASP A 223 27.86 -34.15 24.18
N CYS A 224 27.72 -33.03 23.47
CA CYS A 224 28.80 -32.53 22.62
C CYS A 224 29.79 -31.76 23.48
N ARG A 225 31.00 -32.29 23.61
CA ARG A 225 32.01 -31.74 24.50
C ARG A 225 32.98 -30.84 23.73
N ILE A 226 33.28 -29.67 24.29
CA ILE A 226 34.26 -28.75 23.72
C ILE A 226 35.11 -28.19 24.84
N PRO A 227 36.32 -27.73 24.54
CA PRO A 227 37.18 -27.20 25.60
C PRO A 227 36.58 -25.95 26.24
N LYS A 228 37.12 -25.62 27.42
CA LYS A 228 36.58 -24.52 28.22
C LYS A 228 36.71 -23.19 27.50
N ASP A 229 37.86 -22.93 26.87
CA ASP A 229 38.04 -21.67 26.18
C ASP A 229 37.36 -21.63 24.80
N SER A 230 36.43 -22.54 24.53
CA SER A 230 35.53 -22.33 23.39
C SER A 230 34.50 -21.26 23.66
N ILE A 231 34.31 -20.83 24.91
CA ILE A 231 33.27 -19.83 25.19
C ILE A 231 33.75 -18.46 24.69
N LEU A 232 32.83 -17.74 24.04
CA LEU A 232 33.06 -16.38 23.60
C LEU A 232 32.56 -15.42 24.67
N GLY A 233 33.46 -14.59 25.21
CA GLY A 233 33.10 -13.73 26.31
C GLY A 233 32.86 -14.57 27.57
N GLU A 234 32.21 -13.93 28.58
CA GLU A 234 31.87 -14.53 29.86
C GLU A 234 30.53 -15.26 29.78
N PRO A 235 30.27 -16.19 30.71
CA PRO A 235 28.92 -16.75 30.79
C PRO A 235 27.89 -15.66 31.02
N GLY A 236 26.73 -15.78 30.35
CA GLY A 236 25.69 -14.78 30.45
C GLY A 236 25.72 -13.70 29.38
N MET A 237 26.83 -13.58 28.65
CA MET A 237 26.95 -12.60 27.58
C MET A 237 26.35 -13.08 26.26
N GLY A 238 25.76 -14.28 26.21
CA GLY A 238 25.34 -14.86 24.95
C GLY A 238 24.25 -14.06 24.26
N PHE A 239 23.26 -13.59 25.04
CA PHE A 239 22.17 -12.85 24.41
C PHE A 239 22.65 -11.54 23.80
N LYS A 240 23.48 -10.79 24.51
CA LYS A 240 24.06 -9.57 23.97
C LYS A 240 24.90 -9.85 22.73
N ILE A 241 25.72 -10.90 22.77
CA ILE A 241 26.55 -11.22 21.62
C ILE A 241 25.66 -11.49 20.42
N ALA A 242 24.57 -12.25 20.63
CA ALA A 242 23.65 -12.56 19.54
C ALA A 242 23.03 -11.31 18.95
N MET A 243 22.57 -10.38 19.82
CA MET A 243 21.86 -9.20 19.33
C MET A 243 22.81 -8.26 18.60
N GLN A 244 24.01 -8.04 19.15
CA GLN A 244 24.96 -7.18 18.45
C GLN A 244 25.49 -7.83 17.18
N THR A 245 25.59 -9.17 17.15
CA THR A 245 25.96 -9.83 15.91
C THR A 245 24.87 -9.66 14.87
N LEU A 246 23.61 -9.77 15.30
CA LEU A 246 22.48 -9.58 14.39
C LEU A 246 22.41 -8.15 13.86
N ASP A 247 22.69 -7.15 14.70
CA ASP A 247 22.78 -5.77 14.24
C ASP A 247 23.72 -5.65 13.05
N MET A 248 24.88 -6.30 13.12
CA MET A 248 25.82 -6.28 12.00
C MET A 248 25.27 -7.07 10.81
N GLY A 249 24.80 -8.30 11.06
CA GLY A 249 24.30 -9.12 9.99
C GLY A 249 23.14 -8.50 9.24
N ARG A 250 22.32 -7.71 9.93
CA ARG A 250 21.16 -7.10 9.28
C ARG A 250 21.60 -6.11 8.22
N ILE A 251 22.77 -5.50 8.37
CA ILE A 251 23.31 -4.67 7.30
C ILE A 251 23.69 -5.54 6.12
N GLY A 252 24.22 -6.74 6.40
CA GLY A 252 24.51 -7.69 5.34
C GLY A 252 23.28 -8.14 4.59
N ILE A 253 22.20 -8.46 5.33
CA ILE A 253 21.00 -8.95 4.66
C ILE A 253 20.31 -7.81 3.90
N ALA A 254 20.28 -6.61 4.49
CA ALA A 254 19.82 -5.44 3.75
C ALA A 254 20.53 -5.34 2.40
N SER A 255 21.85 -5.56 2.39
CA SER A 255 22.63 -5.41 1.15
C SER A 255 22.35 -6.55 0.18
N GLN A 256 22.20 -7.78 0.69
CA GLN A 256 21.76 -8.89 -0.14
C GLN A 256 20.46 -8.54 -0.84
N ALA A 257 19.49 -8.02 -0.09
CA ALA A 257 18.22 -7.62 -0.67
C ALA A 257 18.39 -6.49 -1.68
N LEU A 258 19.35 -5.58 -1.47
CA LEU A 258 19.57 -4.52 -2.44
C LEU A 258 19.99 -5.10 -3.79
N GLY A 259 20.88 -6.10 -3.76
CA GLY A 259 21.34 -6.72 -4.99
C GLY A 259 20.27 -7.53 -5.69
N ILE A 260 19.45 -8.25 -4.94
CA ILE A 260 18.32 -8.94 -5.56
C ILE A 260 17.40 -7.93 -6.21
N ALA A 261 17.12 -6.84 -5.52
CA ALA A 261 16.26 -5.78 -6.03
C ALA A 261 16.86 -5.16 -7.29
N GLN A 262 18.16 -4.85 -7.26
CA GLN A 262 18.81 -4.22 -8.41
C GLN A 262 18.75 -5.12 -9.64
N THR A 263 19.08 -6.40 -9.47
CA THR A 263 19.09 -7.25 -10.64
C THR A 263 17.68 -7.48 -11.17
N ALA A 264 16.67 -7.45 -10.29
CA ALA A 264 15.29 -7.53 -10.79
C ALA A 264 14.93 -6.28 -11.58
N LEU A 265 15.34 -5.11 -11.12
CA LEU A 265 15.07 -3.88 -11.87
C LEU A 265 15.88 -3.82 -13.16
N ASP A 266 17.12 -4.30 -13.13
CA ASP A 266 17.90 -4.41 -14.35
C ASP A 266 17.14 -5.21 -15.40
N CYS A 267 16.62 -6.36 -14.99
CA CYS A 267 15.95 -7.25 -15.92
C CYS A 267 14.67 -6.60 -16.46
N ALA A 268 13.90 -5.94 -15.58
CA ALA A 268 12.67 -5.29 -16.02
C ALA A 268 12.94 -4.14 -16.98
N VAL A 269 13.97 -3.32 -16.70
CA VAL A 269 14.23 -2.19 -17.58
C VAL A 269 14.64 -2.67 -18.97
N ASN A 270 15.61 -3.57 -19.05
CA ASN A 270 16.03 -4.09 -20.35
C ASN A 270 14.87 -4.72 -21.09
N TYR A 271 14.01 -5.44 -20.38
CA TYR A 271 12.88 -6.12 -21.04
C TYR A 271 11.87 -5.10 -21.54
N ALA A 272 11.49 -4.13 -20.70
CA ALA A 272 10.45 -3.17 -21.09
C ALA A 272 10.92 -2.28 -22.25
N GLU A 273 12.22 -2.02 -22.34
CA GLU A 273 12.76 -1.21 -23.44
C GLU A 273 12.77 -1.96 -24.75
N ASN A 274 12.66 -3.29 -24.73
CA ASN A 274 12.81 -4.08 -25.94
C ASN A 274 11.60 -4.91 -26.30
N ARG A 275 10.56 -4.90 -25.47
CA ARG A 275 9.30 -5.57 -25.75
C ARG A 275 8.29 -4.54 -26.26
N MET A 276 7.66 -4.84 -27.40
CA MET A 276 6.62 -3.97 -27.94
C MET A 276 5.25 -4.48 -27.49
N ALA A 277 4.31 -3.56 -27.35
CA ALA A 277 2.90 -3.88 -27.20
C ALA A 277 2.10 -2.67 -27.64
N PHE A 278 1.03 -2.91 -28.41
CA PHE A 278 0.16 -1.84 -28.89
C PHE A 278 0.95 -0.79 -29.68
N GLY A 279 1.95 -1.26 -30.44
CA GLY A 279 2.66 -0.40 -31.36
C GLY A 279 3.85 0.36 -30.83
N ALA A 280 4.21 0.17 -29.56
CA ALA A 280 5.34 0.90 -28.98
C ALA A 280 5.97 0.07 -27.87
N PRO A 281 7.20 0.39 -27.46
CA PRO A 281 7.83 -0.31 -26.34
C PRO A 281 7.02 -0.19 -25.05
N LEU A 282 7.23 -1.15 -24.14
CA LEU A 282 6.53 -1.06 -22.85
C LEU A 282 6.84 0.22 -22.13
N THR A 283 8.06 0.75 -22.27
CA THR A 283 8.41 1.95 -21.53
C THR A 283 7.67 3.18 -22.04
N LYS A 284 6.95 3.07 -23.16
CA LYS A 284 6.06 4.17 -23.54
C LYS A 284 4.75 4.16 -22.76
N LEU A 285 4.42 3.07 -22.07
CA LEU A 285 3.19 3.02 -21.30
C LEU A 285 3.38 3.71 -19.94
N GLN A 286 2.44 4.58 -19.59
CA GLN A 286 2.55 5.33 -18.35
C GLN A 286 2.61 4.40 -17.14
N VAL A 287 1.81 3.33 -17.14
CA VAL A 287 1.80 2.45 -15.97
C VAL A 287 3.16 1.77 -15.82
N ILE A 288 3.83 1.46 -16.94
CA ILE A 288 5.14 0.83 -16.84
C ILE A 288 6.17 1.84 -16.33
N GLN A 289 6.10 3.08 -16.82
CA GLN A 289 6.98 4.12 -16.31
C GLN A 289 6.80 4.30 -14.80
N PHE A 290 5.56 4.27 -14.32
CA PHE A 290 5.30 4.46 -12.88
C PHE A 290 5.82 3.28 -12.07
N LYS A 291 5.63 2.05 -12.56
CA LYS A 291 6.23 0.89 -11.90
C LYS A 291 7.73 1.06 -11.75
N LEU A 292 8.39 1.37 -12.86
CA LEU A 292 9.83 1.50 -12.88
C LEU A 292 10.30 2.62 -11.95
N ALA A 293 9.61 3.77 -11.96
CA ALA A 293 9.97 4.84 -11.04
C ALA A 293 9.83 4.39 -9.60
N ASP A 294 8.72 3.71 -9.27
CA ASP A 294 8.49 3.26 -7.90
C ASP A 294 9.54 2.24 -7.48
N MET A 295 9.92 1.33 -8.39
CA MET A 295 10.97 0.38 -8.08
C MET A 295 12.30 1.09 -7.83
N ALA A 296 12.65 2.03 -8.70
CA ALA A 296 13.87 2.82 -8.54
C ALA A 296 13.90 3.55 -7.20
N LEU A 297 12.81 4.25 -6.86
CA LEU A 297 12.77 5.00 -5.61
C LEU A 297 12.95 4.07 -4.41
N ALA A 298 12.19 2.97 -4.38
CA ALA A 298 12.26 2.04 -3.25
C ALA A 298 13.68 1.48 -3.09
N LEU A 299 14.34 1.19 -4.20
CA LEU A 299 15.68 0.62 -4.14
C LEU A 299 16.69 1.64 -3.64
N GLU A 300 16.70 2.84 -4.24
CA GLU A 300 17.69 3.85 -3.88
C GLU A 300 17.53 4.32 -2.44
N SER A 301 16.29 4.49 -1.98
CA SER A 301 16.14 4.94 -0.59
C SER A 301 16.50 3.83 0.38
N ALA A 302 16.28 2.57 0.01
CA ALA A 302 16.69 1.48 0.89
C ALA A 302 18.21 1.37 0.94
N ARG A 303 18.88 1.64 -0.18
CA ARG A 303 20.35 1.65 -0.18
C ARG A 303 20.88 2.77 0.72
N LEU A 304 20.27 3.96 0.64
CA LEU A 304 20.67 5.04 1.54
C LEU A 304 20.53 4.64 2.99
N LEU A 305 19.40 4.02 3.35
CA LEU A 305 19.26 3.52 4.72
C LEU A 305 20.35 2.53 5.07
N THR A 306 20.69 1.65 4.11
CA THR A 306 21.70 0.62 4.34
C THR A 306 23.06 1.24 4.56
N TRP A 307 23.44 2.20 3.68
CA TRP A 307 24.75 2.81 3.81
C TRP A 307 24.87 3.63 5.07
N ARG A 308 23.75 4.23 5.52
CA ARG A 308 23.76 4.95 6.78
C ARG A 308 24.10 4.02 7.93
N ALA A 309 23.48 2.83 7.95
CA ALA A 309 23.76 1.89 9.03
C ALA A 309 25.21 1.45 8.99
N ALA A 310 25.71 1.13 7.78
CA ALA A 310 27.10 0.72 7.61
C ALA A 310 28.06 1.79 8.10
N MET A 311 27.80 3.06 7.78
CA MET A 311 28.76 4.10 8.11
C MET A 311 28.74 4.41 9.60
N LEU A 312 27.57 4.39 10.22
CA LEU A 312 27.48 4.51 11.67
C LEU A 312 28.30 3.44 12.38
N LYS A 313 28.16 2.17 11.95
CA LYS A 313 28.97 1.11 12.53
C LYS A 313 30.46 1.39 12.34
N ASP A 314 30.86 1.77 11.12
CA ASP A 314 32.25 2.11 10.85
C ASP A 314 32.75 3.22 11.76
N ASN A 315 31.90 4.24 12.01
CA ASN A 315 32.25 5.32 12.91
C ASN A 315 32.01 4.97 14.38
N LYS A 316 31.70 3.71 14.69
CA LYS A 316 31.47 3.25 16.06
C LYS A 316 30.39 4.09 16.75
N LYS A 317 29.32 4.37 16.03
CA LYS A 317 28.14 5.03 16.56
C LYS A 317 27.03 4.00 16.73
N PRO A 318 26.03 4.29 17.55
CA PRO A 318 24.92 3.34 17.68
C PRO A 318 24.20 3.18 16.35
N PHE A 319 23.77 1.94 16.06
CA PHE A 319 23.16 1.71 14.76
C PHE A 319 22.10 0.62 14.77
N ILE A 320 21.49 0.32 15.93
CA ILE A 320 20.50 -0.75 16.01
C ILE A 320 19.24 -0.38 15.23
N LYS A 321 18.65 0.76 15.53
CA LYS A 321 17.47 1.19 14.77
C LYS A 321 17.79 1.30 13.28
N GLU A 322 18.95 1.86 12.96
CA GLU A 322 19.32 2.12 11.57
C GLU A 322 19.51 0.82 10.77
N ALA A 323 20.16 -0.18 11.39
CA ALA A 323 20.30 -1.47 10.72
C ALA A 323 18.95 -2.15 10.55
N ALA A 324 18.07 -2.03 11.55
CA ALA A 324 16.75 -2.63 11.42
C ALA A 324 15.93 -1.94 10.34
N MET A 325 16.03 -0.60 10.24
CA MET A 325 15.33 0.09 9.17
C MET A 325 15.84 -0.32 7.80
N ALA A 326 17.17 -0.42 7.65
CA ALA A 326 17.74 -0.81 6.36
C ALA A 326 17.25 -2.20 5.96
N LYS A 327 17.39 -3.17 6.87
CA LYS A 327 16.97 -4.54 6.59
C LYS A 327 15.49 -4.60 6.24
N LEU A 328 14.66 -3.89 7.00
CA LEU A 328 13.22 -3.88 6.73
C LEU A 328 12.92 -3.26 5.37
N ALA A 329 13.46 -2.07 5.10
CA ALA A 329 13.14 -1.40 3.84
C ALA A 329 13.68 -2.17 2.65
N ALA A 330 14.93 -2.63 2.74
CA ALA A 330 15.53 -3.36 1.62
C ALA A 330 14.79 -4.66 1.33
N SER A 331 14.43 -5.40 2.39
CA SER A 331 13.79 -6.70 2.19
C SER A 331 12.40 -6.56 1.59
N GLU A 332 11.61 -5.60 2.09
CA GLU A 332 10.29 -5.36 1.50
C GLU A 332 10.42 -4.77 0.10
N ALA A 333 11.43 -3.94 -0.14
CA ALA A 333 11.69 -3.46 -1.50
C ALA A 333 12.03 -4.63 -2.43
N ALA A 334 12.88 -5.55 -1.99
CA ALA A 334 13.27 -6.66 -2.86
C ALA A 334 12.05 -7.48 -3.30
N THR A 335 11.14 -7.75 -2.38
CA THR A 335 9.94 -8.51 -2.73
C THR A 335 9.04 -7.70 -3.64
N ALA A 336 8.83 -6.41 -3.32
CA ALA A 336 7.97 -5.57 -4.16
C ALA A 336 8.56 -5.40 -5.56
N ILE A 337 9.88 -5.15 -5.63
CA ILE A 337 10.51 -4.93 -6.94
C ILE A 337 10.56 -6.23 -7.75
N SER A 338 10.90 -7.34 -7.12
CA SER A 338 10.92 -8.58 -7.89
C SER A 338 9.52 -8.97 -8.33
N HIS A 339 8.51 -8.70 -7.49
CA HIS A 339 7.12 -8.89 -7.92
C HIS A 339 6.80 -8.09 -9.17
N GLN A 340 7.15 -6.79 -9.18
CA GLN A 340 6.78 -5.94 -10.31
C GLN A 340 7.61 -6.26 -11.55
N ALA A 341 8.82 -6.79 -11.36
CA ALA A 341 9.61 -7.25 -12.50
C ALA A 341 8.92 -8.41 -13.20
N ILE A 342 8.44 -9.40 -12.43
CA ILE A 342 7.62 -10.45 -13.01
C ILE A 342 6.45 -9.85 -13.79
N GLN A 343 5.76 -8.88 -13.17
CA GLN A 343 4.60 -8.29 -13.83
C GLN A 343 4.99 -7.64 -15.15
N ILE A 344 6.06 -6.84 -15.15
CA ILE A 344 6.49 -6.16 -16.38
C ILE A 344 6.85 -7.18 -17.46
N LEU A 345 7.43 -8.32 -17.07
CA LEU A 345 7.74 -9.34 -18.07
C LEU A 345 6.51 -10.08 -18.56
N GLY A 346 5.41 -10.06 -17.80
CA GLY A 346 4.23 -10.78 -18.26
C GLY A 346 4.44 -12.28 -18.14
N GLY A 347 4.04 -13.01 -19.17
CA GLY A 347 4.22 -14.45 -19.17
C GLY A 347 5.65 -14.86 -18.92
N MET A 348 6.60 -14.14 -19.54
CA MET A 348 8.03 -14.42 -19.35
C MET A 348 8.46 -14.29 -17.90
N GLY A 349 7.71 -13.57 -17.07
CA GLY A 349 8.06 -13.48 -15.66
C GLY A 349 7.76 -14.72 -14.84
N TYR A 350 7.06 -15.70 -15.42
CA TYR A 350 6.60 -16.86 -14.67
C TYR A 350 7.39 -18.12 -14.95
N VAL A 351 8.40 -18.05 -15.82
CA VAL A 351 9.08 -19.25 -16.31
C VAL A 351 10.59 -19.04 -16.24
N THR A 352 11.32 -20.13 -16.43
CA THR A 352 12.77 -20.05 -16.27
C THR A 352 13.49 -19.52 -17.50
N GLU A 353 12.77 -19.27 -18.61
CA GLU A 353 13.39 -18.54 -19.72
C GLU A 353 14.01 -17.24 -19.25
N MET A 354 13.45 -16.64 -18.21
CA MET A 354 13.94 -15.40 -17.65
C MET A 354 14.23 -15.59 -16.17
N PRO A 355 15.03 -14.70 -15.56
CA PRO A 355 15.43 -14.87 -14.17
C PRO A 355 14.53 -14.18 -13.15
N ALA A 356 13.43 -13.56 -13.59
CA ALA A 356 12.60 -12.78 -12.66
C ALA A 356 11.95 -13.68 -11.61
N GLU A 357 11.42 -14.83 -12.03
CA GLU A 357 10.76 -15.70 -11.07
C GLU A 357 11.74 -16.15 -9.99
N ARG A 358 12.99 -16.42 -10.37
CA ARG A 358 14.00 -16.74 -9.35
C ARG A 358 14.19 -15.56 -8.39
N HIS A 359 14.30 -14.33 -8.90
CA HIS A 359 14.48 -13.17 -8.03
C HIS A 359 13.33 -13.04 -7.04
N TYR A 360 12.10 -13.32 -7.50
CA TYR A 360 10.94 -13.27 -6.62
C TYR A 360 11.12 -14.22 -5.45
N ARG A 361 11.57 -15.45 -5.74
CA ARG A 361 11.75 -16.47 -4.72
C ARG A 361 12.90 -16.13 -3.78
N ASP A 362 14.04 -15.68 -4.32
CA ASP A 362 15.18 -15.30 -3.48
C ASP A 362 14.83 -14.12 -2.57
N ALA A 363 14.10 -13.13 -3.08
CA ALA A 363 13.80 -11.96 -2.26
C ALA A 363 13.00 -12.34 -1.02
N ARG A 364 12.18 -13.40 -1.12
CA ARG A 364 11.19 -13.66 -0.08
C ARG A 364 11.84 -13.99 1.25
N ILE A 365 13.05 -14.56 1.22
CA ILE A 365 13.71 -14.97 2.45
C ILE A 365 14.20 -13.76 3.25
N THR A 366 14.50 -12.64 2.58
CA THR A 366 15.04 -11.47 3.27
C THR A 366 14.02 -10.83 4.20
N GLU A 367 12.71 -11.08 4.01
CA GLU A 367 11.75 -10.60 4.98
C GLU A 367 11.64 -11.50 6.20
N ILE A 368 12.26 -12.68 6.21
CA ILE A 368 12.13 -13.65 7.31
C ILE A 368 13.39 -13.72 8.17
N TYR A 369 14.55 -14.10 7.58
CA TYR A 369 15.62 -14.45 8.50
C TYR A 369 16.36 -13.22 9.01
N GLU A 370 17.17 -13.45 10.05
CA GLU A 370 17.86 -12.43 10.83
C GLU A 370 16.88 -11.44 11.46
N GLY A 371 15.69 -11.93 11.81
CA GLY A 371 14.65 -11.11 12.40
C GLY A 371 13.61 -10.74 11.37
N THR A 372 12.39 -11.26 11.53
CA THR A 372 11.32 -11.00 10.58
C THR A 372 11.00 -9.50 10.52
N SER A 373 10.28 -9.10 9.48
CA SER A 373 9.85 -7.71 9.39
C SER A 373 9.10 -7.28 10.64
N GLU A 374 8.32 -8.20 11.22
CA GLU A 374 7.60 -7.89 12.46
C GLU A 374 8.56 -7.55 13.58
N ILE A 375 9.60 -8.38 13.74
CA ILE A 375 10.61 -8.11 14.77
C ILE A 375 11.35 -6.81 14.45
N GLN A 376 11.65 -6.56 13.17
CA GLN A 376 12.31 -5.31 12.83
C GLN A 376 11.46 -4.11 13.25
N ARG A 377 10.16 -4.17 13.02
CA ARG A 377 9.31 -3.04 13.43
C ARG A 377 9.30 -2.90 14.94
N LEU A 378 9.29 -4.02 15.67
CA LEU A 378 9.39 -3.95 17.12
C LEU A 378 10.69 -3.29 17.57
N VAL A 379 11.80 -3.67 16.95
CA VAL A 379 13.11 -3.07 17.28
C VAL A 379 13.08 -1.57 17.01
N ILE A 380 12.54 -1.16 15.86
CA ILE A 380 12.43 0.26 15.50
C ILE A 380 11.61 1.00 16.55
N ALA A 381 10.41 0.49 16.83
CA ALA A 381 9.53 1.13 17.81
C ALA A 381 10.21 1.27 19.17
N GLY A 382 10.89 0.21 19.63
CA GLY A 382 11.56 0.28 20.92
C GLY A 382 12.57 1.41 20.98
N HIS A 383 13.37 1.57 19.93
CA HIS A 383 14.44 2.54 20.00
C HIS A 383 13.95 3.96 19.72
N LEU A 384 12.91 4.11 18.90
CA LEU A 384 12.25 5.42 18.78
C LEU A 384 11.74 5.89 20.16
N LEU A 385 11.02 5.02 20.87
CA LEU A 385 10.47 5.41 22.15
C LEU A 385 11.56 5.67 23.17
N ARG A 386 12.56 4.77 23.24
CA ARG A 386 13.67 5.01 24.15
C ARG A 386 14.39 6.32 23.83
N SER A 387 14.51 6.65 22.55
CA SER A 387 15.13 7.92 22.18
C SER A 387 14.27 9.08 22.68
N TYR A 388 12.94 8.96 22.55
CA TYR A 388 12.06 10.01 23.03
C TYR A 388 12.09 10.12 24.55
N ARG A 389 12.25 9.00 25.25
CA ARG A 389 12.25 9.05 26.71
C ARG A 389 13.56 9.57 27.29
N SER A 390 14.58 9.74 26.46
CA SER A 390 15.87 10.26 26.90
C SER A 390 15.74 11.69 27.37
N TYR B 7 -28.56 -15.83 -3.65
CA TYR B 7 -27.96 -14.62 -3.12
C TYR B 7 -26.50 -14.85 -2.69
N GLN B 8 -25.87 -13.82 -2.18
CA GLN B 8 -24.46 -13.79 -1.75
C GLN B 8 -24.13 -14.08 -0.27
N SER B 9 -23.95 -15.31 0.20
CA SER B 9 -23.58 -15.57 1.62
C SER B 9 -24.81 -15.34 2.50
N VAL B 10 -25.57 -14.41 1.99
CA VAL B 10 -26.85 -14.19 2.41
C VAL B 10 -27.30 -15.49 1.60
N GLU B 11 -27.96 -16.42 2.27
CA GLU B 11 -28.39 -17.70 1.74
C GLU B 11 -28.17 -18.21 0.31
N LEU B 12 -27.21 -19.08 0.14
CA LEU B 12 -27.04 -19.69 -1.14
C LEU B 12 -28.23 -20.62 -1.42
N PRO B 13 -28.58 -20.83 -2.70
CA PRO B 13 -29.60 -21.83 -3.01
C PRO B 13 -29.06 -23.19 -2.64
N GLU B 14 -29.96 -24.11 -2.39
CA GLU B 14 -29.47 -25.36 -1.82
C GLU B 14 -28.77 -26.24 -2.85
N THR B 15 -29.07 -26.11 -4.15
CA THR B 15 -28.23 -26.77 -5.14
C THR B 15 -26.78 -26.29 -5.03
N HIS B 16 -26.58 -24.98 -4.90
CA HIS B 16 -25.24 -24.44 -4.81
C HIS B 16 -24.57 -24.81 -3.48
N GLN B 17 -25.34 -24.77 -2.38
CA GLN B 17 -24.81 -25.19 -1.09
C GLN B 17 -24.42 -26.66 -1.09
N MET B 18 -25.25 -27.52 -1.68
CA MET B 18 -24.87 -28.93 -1.80
C MET B 18 -23.65 -29.10 -2.69
N LEU B 19 -23.62 -28.37 -3.81
CA LEU B 19 -22.46 -28.41 -4.68
C LEU B 19 -21.20 -27.99 -3.93
N LEU B 20 -21.28 -26.92 -3.13
CA LEU B 20 -20.15 -26.50 -2.31
C LEU B 20 -19.63 -27.66 -1.48
N GLN B 21 -20.51 -28.35 -0.75
CA GLN B 21 -20.07 -29.43 0.11
C GLN B 21 -19.53 -30.61 -0.72
N THR B 22 -20.18 -30.92 -1.84
CA THR B 22 -19.68 -31.94 -2.74
C THR B 22 -18.24 -31.66 -3.17
N CYS B 23 -17.99 -30.44 -3.67
CA CYS B 23 -16.65 -30.11 -4.16
C CYS B 23 -15.63 -30.04 -3.03
N ARG B 24 -16.04 -29.50 -1.88
CA ARG B 24 -15.13 -29.46 -0.74
C ARG B 24 -14.76 -30.87 -0.28
N ASP B 25 -15.73 -31.79 -0.29
CA ASP B 25 -15.44 -33.18 0.03
C ASP B 25 -14.49 -33.80 -0.98
N PHE B 26 -14.71 -33.55 -2.27
CA PHE B 26 -13.84 -34.10 -3.29
C PHE B 26 -12.42 -33.56 -3.12
N ALA B 27 -12.30 -32.24 -2.93
CA ALA B 27 -10.99 -31.63 -2.80
C ALA B 27 -10.21 -32.22 -1.64
N GLU B 28 -10.84 -32.28 -0.46
CA GLU B 28 -10.08 -32.70 0.71
C GLU B 28 -9.72 -34.17 0.65
N LYS B 29 -10.56 -34.98 0.00
CA LYS B 29 -10.31 -36.41 -0.13
C LYS B 29 -9.42 -36.78 -1.31
N GLU B 30 -9.55 -36.09 -2.46
CA GLU B 30 -8.80 -36.48 -3.65
C GLU B 30 -7.69 -35.51 -4.07
N LEU B 31 -7.75 -34.24 -3.67
CA LEU B 31 -6.75 -33.27 -4.09
C LEU B 31 -5.74 -32.92 -3.00
N PHE B 32 -6.19 -32.64 -1.78
CA PHE B 32 -5.26 -32.35 -0.70
C PHE B 32 -4.12 -33.38 -0.58
N PRO B 33 -4.37 -34.70 -0.62
CA PRO B 33 -3.25 -35.65 -0.47
C PRO B 33 -2.31 -35.72 -1.66
N ILE B 34 -2.67 -35.15 -2.80
CA ILE B 34 -1.80 -35.20 -3.99
C ILE B 34 -1.29 -33.83 -4.42
N ALA B 35 -1.77 -32.75 -3.80
CA ALA B 35 -1.39 -31.41 -4.25
C ALA B 35 0.12 -31.22 -4.25
N ALA B 36 0.80 -31.65 -3.18
CA ALA B 36 2.24 -31.40 -3.08
C ALA B 36 3.03 -32.19 -4.13
N GLN B 37 2.59 -33.40 -4.44
CA GLN B 37 3.33 -34.21 -5.43
C GLN B 37 3.12 -33.68 -6.84
N VAL B 38 1.90 -33.27 -7.16
CA VAL B 38 1.62 -32.70 -8.46
C VAL B 38 2.53 -31.51 -8.73
N ASP B 39 2.74 -30.66 -7.71
CA ASP B 39 3.60 -29.49 -7.87
C ASP B 39 5.06 -29.89 -8.00
N LYS B 40 5.54 -30.71 -7.06
CA LYS B 40 6.95 -31.07 -7.02
C LYS B 40 7.37 -31.91 -8.23
N GLU B 41 6.47 -32.76 -8.73
CA GLU B 41 6.79 -33.63 -9.85
C GLU B 41 6.25 -33.10 -11.17
N HIS B 42 5.64 -31.91 -11.16
CA HIS B 42 4.95 -31.33 -12.31
C HIS B 42 4.17 -32.42 -13.05
N LEU B 43 3.28 -33.06 -12.30
CA LEU B 43 2.54 -34.23 -12.75
C LEU B 43 1.10 -33.83 -13.05
N PHE B 44 0.66 -34.09 -14.28
CA PHE B 44 -0.72 -33.87 -14.66
C PHE B 44 -1.64 -34.82 -13.89
N PRO B 45 -2.68 -34.31 -13.22
CA PRO B 45 -3.48 -35.19 -12.33
C PRO B 45 -4.59 -35.91 -13.09
N ALA B 46 -4.19 -36.83 -13.98
CA ALA B 46 -5.14 -37.41 -14.93
C ALA B 46 -6.27 -38.16 -14.22
N ALA B 47 -5.93 -38.98 -13.21
CA ALA B 47 -6.97 -39.76 -12.54
C ALA B 47 -7.96 -38.84 -11.83
N GLN B 48 -7.46 -37.78 -11.22
CA GLN B 48 -8.35 -36.85 -10.55
C GLN B 48 -9.20 -36.10 -11.56
N VAL B 49 -8.61 -35.76 -12.71
CA VAL B 49 -9.36 -35.04 -13.74
C VAL B 49 -10.47 -35.93 -14.29
N LYS B 50 -10.19 -37.22 -14.53
CA LYS B 50 -11.23 -38.11 -15.01
C LYS B 50 -12.39 -38.19 -14.03
N LYS B 51 -12.09 -38.33 -12.73
CA LYS B 51 -13.16 -38.40 -11.75
C LYS B 51 -13.98 -37.12 -11.74
N MET B 52 -13.32 -35.96 -11.86
CA MET B 52 -14.07 -34.71 -11.93
C MET B 52 -14.97 -34.68 -13.15
N GLY B 53 -14.47 -35.17 -14.29
CA GLY B 53 -15.33 -35.34 -15.45
C GLY B 53 -16.59 -36.12 -15.12
N GLY B 54 -16.43 -37.22 -14.37
CA GLY B 54 -17.58 -38.03 -14.01
C GLY B 54 -18.62 -37.27 -13.21
N LEU B 55 -18.17 -36.35 -12.34
CA LEU B 55 -19.04 -35.52 -11.54
C LEU B 55 -19.64 -34.33 -12.29
N GLY B 56 -19.23 -34.10 -13.54
CA GLY B 56 -19.74 -32.96 -14.29
C GLY B 56 -18.99 -31.65 -14.08
N LEU B 57 -17.87 -31.67 -13.36
CA LEU B 57 -17.14 -30.44 -13.05
C LEU B 57 -16.34 -29.92 -14.23
N LEU B 58 -16.04 -30.76 -15.22
CA LEU B 58 -15.32 -30.27 -16.40
C LEU B 58 -16.24 -29.65 -17.43
N ALA B 59 -17.55 -29.68 -17.21
CA ALA B 59 -18.51 -29.19 -18.18
C ALA B 59 -19.75 -28.71 -17.43
N MET B 60 -19.60 -27.68 -16.60
CA MET B 60 -20.61 -27.37 -15.60
C MET B 60 -21.78 -26.58 -16.18
N ASP B 61 -21.50 -25.54 -16.97
CA ASP B 61 -22.56 -24.75 -17.58
C ASP B 61 -23.01 -25.34 -18.91
N VAL B 62 -22.55 -26.54 -19.25
CA VAL B 62 -22.89 -27.21 -20.50
C VAL B 62 -24.25 -27.89 -20.33
N PRO B 63 -25.14 -27.83 -21.31
CA PRO B 63 -26.46 -28.43 -21.13
C PRO B 63 -26.38 -29.95 -21.01
N GLU B 64 -27.31 -30.51 -20.25
CA GLU B 64 -27.29 -31.95 -19.98
C GLU B 64 -27.42 -32.76 -21.27
N GLU B 65 -28.17 -32.26 -22.25
CA GLU B 65 -28.32 -32.98 -23.52
C GLU B 65 -27.02 -33.05 -24.30
N LEU B 66 -26.05 -32.18 -24.01
CA LEU B 66 -24.73 -32.25 -24.61
C LEU B 66 -23.74 -32.97 -23.73
N GLY B 67 -24.18 -33.53 -22.60
CA GLY B 67 -23.31 -34.24 -21.71
C GLY B 67 -22.80 -33.42 -20.54
N GLY B 68 -23.26 -32.18 -20.38
CA GLY B 68 -22.81 -31.32 -19.31
C GLY B 68 -23.67 -31.46 -18.05
N ALA B 69 -23.29 -30.69 -17.03
CA ALA B 69 -23.97 -30.75 -15.73
C ALA B 69 -25.24 -29.93 -15.70
N GLY B 70 -25.42 -29.03 -16.65
CA GLY B 70 -26.57 -28.15 -16.64
C GLY B 70 -26.59 -27.14 -15.51
N LEU B 71 -25.43 -26.79 -14.96
CA LEU B 71 -25.38 -25.82 -13.87
C LEU B 71 -25.16 -24.40 -14.40
N ASP B 72 -24.85 -23.46 -13.52
CA ASP B 72 -24.70 -22.06 -13.90
C ASP B 72 -23.34 -21.55 -13.44
N TYR B 73 -23.06 -20.28 -13.68
CA TYR B 73 -21.73 -19.75 -13.40
C TYR B 73 -21.53 -19.44 -11.92
N LEU B 74 -22.59 -19.22 -11.15
CA LEU B 74 -22.42 -19.20 -9.70
C LEU B 74 -21.97 -20.56 -9.20
N ALA B 75 -22.57 -21.62 -9.73
CA ALA B 75 -22.12 -22.97 -9.40
C ALA B 75 -20.68 -23.19 -9.82
N TYR B 76 -20.33 -22.75 -11.04
CA TYR B 76 -18.95 -22.84 -11.53
C TYR B 76 -17.98 -22.13 -10.59
N ALA B 77 -18.30 -20.89 -10.20
CA ALA B 77 -17.43 -20.11 -9.34
C ALA B 77 -17.21 -20.82 -8.00
N ILE B 78 -18.29 -21.38 -7.43
CA ILE B 78 -18.17 -22.09 -6.16
C ILE B 78 -17.27 -23.31 -6.32
N ALA B 79 -17.50 -24.09 -7.38
CA ALA B 79 -16.72 -25.32 -7.58
C ALA B 79 -15.26 -24.99 -7.88
N MET B 80 -15.02 -23.96 -8.71
CA MET B 80 -13.66 -23.56 -8.99
C MET B 80 -12.90 -23.19 -7.72
N GLU B 81 -13.55 -22.50 -6.78
CA GLU B 81 -12.86 -22.16 -5.55
C GLU B 81 -12.52 -23.40 -4.74
N GLU B 82 -13.51 -24.29 -4.53
CA GLU B 82 -13.27 -25.47 -3.72
C GLU B 82 -12.20 -26.36 -4.33
N ILE B 83 -12.24 -26.54 -5.65
CA ILE B 83 -11.25 -27.38 -6.33
C ILE B 83 -9.87 -26.75 -6.22
N SER B 84 -9.77 -25.45 -6.54
CA SER B 84 -8.48 -24.76 -6.51
C SER B 84 -7.93 -24.65 -5.10
N ARG B 85 -8.81 -24.61 -4.09
CA ARG B 85 -8.35 -24.70 -2.70
C ARG B 85 -7.56 -25.98 -2.47
N GLY B 86 -7.95 -27.07 -3.11
CA GLY B 86 -7.25 -28.33 -2.98
C GLY B 86 -6.03 -28.45 -3.88
N CYS B 87 -6.12 -28.00 -5.13
CA CYS B 87 -4.95 -28.01 -6.01
C CYS B 87 -5.12 -26.92 -7.05
N ALA B 88 -4.15 -26.00 -7.13
CA ALA B 88 -4.29 -24.90 -8.07
C ALA B 88 -4.16 -25.33 -9.51
N SER B 89 -3.34 -26.36 -9.79
CA SER B 89 -3.18 -26.84 -11.16
C SER B 89 -4.45 -27.52 -11.64
N THR B 90 -4.97 -28.42 -10.82
CA THR B 90 -6.27 -29.01 -11.08
C THR B 90 -7.33 -27.94 -11.34
N GLY B 91 -7.27 -26.83 -10.58
CA GLY B 91 -8.19 -25.73 -10.82
C GLY B 91 -8.10 -25.15 -12.22
N VAL B 92 -6.87 -24.87 -12.68
CA VAL B 92 -6.76 -24.19 -13.97
C VAL B 92 -7.10 -25.13 -15.12
N ILE B 93 -6.75 -26.41 -15.00
CA ILE B 93 -7.14 -27.43 -15.99
C ILE B 93 -8.65 -27.40 -16.16
N MET B 94 -9.37 -27.49 -15.05
CA MET B 94 -10.82 -27.43 -15.07
C MET B 94 -11.32 -26.11 -15.65
N SER B 95 -10.72 -24.99 -15.25
CA SER B 95 -11.21 -23.70 -15.73
C SER B 95 -11.03 -23.56 -17.24
N VAL B 96 -9.90 -24.01 -17.78
CA VAL B 96 -9.67 -23.92 -19.23
C VAL B 96 -10.73 -24.74 -19.97
N ASN B 97 -11.02 -25.95 -19.48
CA ASN B 97 -12.00 -26.77 -20.18
C ASN B 97 -13.38 -26.13 -20.16
N ASN B 98 -13.77 -25.57 -19.02
CA ASN B 98 -15.10 -25.01 -18.89
C ASN B 98 -15.27 -23.73 -19.70
N SER B 99 -14.51 -22.68 -19.35
CA SER B 99 -14.78 -21.38 -19.94
C SER B 99 -14.09 -21.18 -21.26
N LEU B 100 -12.83 -21.60 -21.39
CA LEU B 100 -12.07 -21.16 -22.55
C LEU B 100 -12.25 -22.08 -23.75
N TYR B 101 -12.47 -23.38 -23.53
CA TYR B 101 -12.66 -24.30 -24.63
C TYR B 101 -14.15 -24.54 -24.90
N LEU B 102 -14.86 -25.13 -23.93
CA LEU B 102 -16.28 -25.42 -24.14
C LEU B 102 -17.10 -24.15 -24.27
N GLY B 103 -16.74 -23.10 -23.52
CA GLY B 103 -17.48 -21.86 -23.49
C GLY B 103 -17.75 -21.22 -24.83
N PRO B 104 -16.70 -20.98 -25.63
CA PRO B 104 -16.97 -20.38 -26.96
C PRO B 104 -17.70 -21.32 -27.91
N ILE B 105 -17.44 -22.63 -27.84
CA ILE B 105 -18.12 -23.54 -28.76
C ILE B 105 -19.62 -23.59 -28.48
N LEU B 106 -19.99 -23.56 -27.20
CA LEU B 106 -21.42 -23.50 -26.84
C LEU B 106 -22.05 -22.22 -27.34
N LYS B 107 -21.40 -21.10 -27.11
CA LYS B 107 -22.01 -19.81 -27.39
C LYS B 107 -22.05 -19.49 -28.89
N PHE B 108 -21.09 -20.01 -29.67
CA PHE B 108 -20.95 -19.64 -31.07
C PHE B 108 -21.01 -20.80 -32.06
N GLY B 109 -21.01 -22.04 -31.57
CA GLY B 109 -20.85 -23.17 -32.46
C GLY B 109 -22.14 -23.60 -33.13
N SER B 110 -21.95 -24.23 -34.30
CA SER B 110 -22.95 -25.03 -34.99
C SER B 110 -23.58 -26.08 -34.09
N LYS B 111 -24.82 -26.48 -34.39
CA LYS B 111 -25.35 -27.69 -33.78
C LYS B 111 -24.39 -28.86 -34.01
N GLU B 112 -23.86 -28.99 -35.23
CA GLU B 112 -22.93 -30.09 -35.50
C GLU B 112 -21.57 -29.86 -34.87
N GLN B 113 -21.13 -28.60 -34.73
CA GLN B 113 -19.86 -28.36 -34.03
C GLN B 113 -19.98 -28.72 -32.55
N LYS B 114 -21.11 -28.39 -31.94
CA LYS B 114 -21.34 -28.77 -30.56
C LYS B 114 -21.35 -30.29 -30.40
N GLN B 115 -22.05 -31.00 -31.29
CA GLN B 115 -22.07 -32.45 -31.17
C GLN B 115 -20.68 -33.03 -31.30
N ALA B 116 -19.88 -32.50 -32.23
CA ALA B 116 -18.57 -33.10 -32.45
C ALA B 116 -17.51 -32.59 -31.47
N TRP B 117 -17.59 -31.33 -31.03
CA TRP B 117 -16.51 -30.76 -30.24
C TRP B 117 -16.85 -30.47 -28.77
N VAL B 118 -18.13 -30.41 -28.39
CA VAL B 118 -18.47 -30.23 -26.99
C VAL B 118 -18.63 -31.59 -26.32
N THR B 119 -19.60 -32.39 -26.80
CA THR B 119 -19.97 -33.62 -26.13
C THR B 119 -18.80 -34.58 -25.85
N PRO B 120 -17.85 -34.84 -26.75
CA PRO B 120 -16.72 -35.71 -26.39
C PRO B 120 -15.77 -35.10 -25.37
N PHE B 121 -16.03 -33.87 -24.91
CA PHE B 121 -15.11 -33.19 -24.01
C PHE B 121 -15.77 -32.81 -22.70
N THR B 122 -16.85 -33.53 -22.34
CA THR B 122 -17.62 -33.23 -21.14
C THR B 122 -17.41 -34.22 -20.01
N SER B 123 -16.74 -35.36 -20.25
CA SER B 123 -16.67 -36.46 -19.29
C SER B 123 -15.28 -36.67 -18.71
N GLY B 124 -14.29 -35.90 -19.14
CA GLY B 124 -12.93 -36.07 -18.63
C GLY B 124 -12.08 -37.07 -19.38
N ASP B 125 -12.59 -37.69 -20.45
CA ASP B 125 -11.73 -38.49 -21.32
C ASP B 125 -10.92 -37.62 -22.26
N LYS B 126 -11.49 -36.52 -22.73
CA LYS B 126 -10.80 -35.57 -23.58
C LYS B 126 -11.01 -34.18 -23.00
N ILE B 127 -9.96 -33.36 -23.02
CA ILE B 127 -10.09 -31.96 -22.66
C ILE B 127 -9.51 -31.11 -23.79
N GLY B 128 -9.82 -29.82 -23.75
CA GLY B 128 -9.43 -28.87 -24.77
C GLY B 128 -8.51 -27.79 -24.24
N CYS B 129 -8.16 -26.86 -25.13
CA CYS B 129 -7.30 -25.73 -24.80
C CYS B 129 -7.73 -24.53 -25.65
N PHE B 130 -7.12 -23.38 -25.37
CA PHE B 130 -7.53 -22.08 -25.92
C PHE B 130 -6.25 -21.38 -26.33
N ALA B 131 -6.10 -21.08 -27.62
CA ALA B 131 -4.82 -20.56 -28.12
C ALA B 131 -5.04 -19.18 -28.73
N LEU B 132 -4.89 -18.15 -27.92
CA LEU B 132 -4.99 -16.76 -28.34
C LEU B 132 -3.64 -16.07 -28.40
N SER B 133 -2.91 -16.07 -27.29
CA SER B 133 -1.62 -15.41 -27.23
C SER B 133 -0.62 -16.04 -28.18
N GLU B 134 0.43 -15.29 -28.46
CA GLU B 134 1.51 -15.67 -29.36
C GLU B 134 2.79 -15.12 -28.75
N PRO B 135 3.95 -15.60 -29.19
CA PRO B 135 5.18 -15.09 -28.58
C PRO B 135 5.28 -13.57 -28.63
N GLY B 136 4.87 -12.94 -29.72
CA GLY B 136 4.98 -11.49 -29.80
C GLY B 136 3.88 -10.67 -29.14
N ASN B 137 2.82 -11.30 -28.64
CA ASN B 137 1.67 -10.52 -28.18
C ASN B 137 0.77 -11.39 -27.31
N GLY B 138 0.56 -10.97 -26.07
CA GLY B 138 -0.43 -11.57 -25.21
C GLY B 138 -1.48 -10.56 -24.83
N SER B 139 -1.08 -9.52 -24.09
CA SER B 139 -2.05 -8.48 -23.72
C SER B 139 -2.61 -7.83 -24.97
N ASP B 140 -1.77 -7.61 -25.97
CA ASP B 140 -2.21 -7.04 -27.24
C ASP B 140 -2.76 -8.17 -28.11
N ALA B 141 -3.92 -8.68 -27.69
CA ALA B 141 -4.46 -9.90 -28.31
C ALA B 141 -4.77 -9.68 -29.78
N GLY B 142 -5.28 -8.49 -30.13
CA GLY B 142 -5.68 -8.17 -31.48
C GLY B 142 -4.53 -8.15 -32.48
N ALA B 143 -3.29 -8.18 -32.00
CA ALA B 143 -2.15 -8.23 -32.89
C ALA B 143 -1.82 -9.63 -33.39
N ALA B 144 -2.72 -10.60 -33.19
CA ALA B 144 -2.47 -11.96 -33.65
C ALA B 144 -1.98 -11.99 -35.09
N SER B 145 -0.86 -12.67 -35.33
CA SER B 145 -0.27 -12.74 -36.66
C SER B 145 -0.08 -14.16 -37.17
N THR B 146 -0.50 -15.19 -36.41
CA THR B 146 -0.80 -16.47 -37.01
C THR B 146 -1.87 -16.25 -38.07
N THR B 147 -1.69 -16.84 -39.25
CA THR B 147 -2.57 -16.59 -40.37
C THR B 147 -3.38 -17.84 -40.72
N ALA B 148 -4.58 -17.61 -41.27
CA ALA B 148 -5.41 -18.66 -41.83
C ALA B 148 -5.83 -18.22 -43.23
N ARG B 149 -5.51 -19.02 -44.23
CA ARG B 149 -5.81 -18.68 -45.62
C ARG B 149 -6.72 -19.74 -46.21
N ALA B 150 -7.80 -19.31 -46.87
CA ALA B 150 -8.71 -20.23 -47.51
C ALA B 150 -8.10 -20.74 -48.81
N GLU B 151 -8.02 -22.07 -48.96
CA GLU B 151 -7.61 -22.68 -50.21
C GLU B 151 -8.40 -23.98 -50.38
N GLY B 152 -9.11 -24.11 -51.50
CA GLY B 152 -9.84 -25.35 -51.74
C GLY B 152 -10.91 -25.52 -50.69
N ASP B 153 -10.96 -26.70 -50.09
CA ASP B 153 -11.89 -26.95 -48.99
C ASP B 153 -11.20 -26.86 -47.62
N SER B 154 -10.08 -26.13 -47.54
CA SER B 154 -9.29 -26.05 -46.32
C SER B 154 -9.09 -24.61 -45.88
N TRP B 155 -8.88 -24.44 -44.57
CA TRP B 155 -8.14 -23.31 -44.04
C TRP B 155 -6.70 -23.78 -43.82
N VAL B 156 -5.74 -22.95 -44.21
CA VAL B 156 -4.33 -23.27 -44.06
C VAL B 156 -3.75 -22.36 -42.98
N LEU B 157 -3.30 -22.95 -41.87
CA LEU B 157 -2.84 -22.22 -40.69
C LEU B 157 -1.31 -22.20 -40.63
N ASN B 158 -0.75 -21.01 -40.38
CA ASN B 158 0.71 -20.83 -40.26
C ASN B 158 1.02 -19.84 -39.15
N GLY B 159 1.85 -20.26 -38.20
CA GLY B 159 2.24 -19.36 -37.11
C GLY B 159 2.31 -20.04 -35.78
N THR B 160 2.84 -19.36 -34.76
CA THR B 160 3.05 -19.97 -33.45
C THR B 160 2.13 -19.32 -32.42
N LYS B 161 1.35 -20.14 -31.75
CA LYS B 161 0.62 -19.72 -30.56
C LYS B 161 1.49 -20.02 -29.34
N ALA B 162 1.42 -19.16 -28.33
CA ALA B 162 2.29 -19.30 -27.18
C ALA B 162 1.51 -19.45 -25.88
N TRP B 163 2.12 -20.16 -24.92
CA TRP B 163 1.66 -20.23 -23.54
C TRP B 163 0.37 -21.03 -23.38
N ILE B 164 0.17 -22.09 -24.16
CA ILE B 164 -1.15 -22.71 -24.23
C ILE B 164 -1.32 -23.72 -23.10
N THR B 165 -2.21 -23.42 -22.14
CA THR B 165 -2.48 -24.33 -21.02
C THR B 165 -3.20 -25.57 -21.52
N ASN B 166 -2.81 -26.74 -20.98
CA ASN B 166 -3.28 -28.07 -21.39
C ASN B 166 -2.76 -28.50 -22.75
N ALA B 167 -1.74 -27.81 -23.29
CA ALA B 167 -1.26 -28.13 -24.63
C ALA B 167 -0.89 -29.60 -24.77
N TRP B 168 -0.23 -30.18 -23.77
CA TRP B 168 0.27 -31.54 -23.88
C TRP B 168 -0.75 -32.60 -23.52
N GLU B 169 -1.94 -32.22 -23.06
CA GLU B 169 -2.98 -33.19 -22.72
C GLU B 169 -4.27 -33.01 -23.50
N ALA B 170 -4.42 -31.94 -24.28
CA ALA B 170 -5.71 -31.67 -24.87
C ALA B 170 -5.85 -32.34 -26.24
N SER B 171 -7.10 -32.63 -26.62
CA SER B 171 -7.40 -33.25 -27.91
C SER B 171 -8.06 -32.30 -28.90
N ALA B 172 -8.24 -31.04 -28.54
CA ALA B 172 -8.80 -30.05 -29.46
C ALA B 172 -8.43 -28.67 -28.94
N ALA B 173 -8.33 -27.71 -29.85
CA ALA B 173 -8.02 -26.34 -29.49
C ALA B 173 -8.98 -25.40 -30.20
N VAL B 174 -9.40 -24.35 -29.49
CA VAL B 174 -9.98 -23.15 -30.11
C VAL B 174 -8.82 -22.21 -30.44
N VAL B 175 -8.54 -22.02 -31.73
CA VAL B 175 -7.35 -21.28 -32.18
C VAL B 175 -7.80 -19.98 -32.84
N PHE B 176 -7.14 -18.89 -32.48
CA PHE B 176 -7.41 -17.60 -33.10
C PHE B 176 -6.26 -17.26 -34.04
N ALA B 177 -6.59 -17.05 -35.31
CA ALA B 177 -5.65 -16.71 -36.35
C ALA B 177 -6.26 -15.62 -37.20
N SER B 178 -5.41 -14.79 -37.81
CA SER B 178 -5.91 -13.68 -38.60
C SER B 178 -6.17 -14.17 -40.02
N THR B 179 -7.39 -13.94 -40.50
CA THR B 179 -7.70 -14.19 -41.90
C THR B 179 -7.45 -12.95 -42.78
N ASP B 180 -7.10 -11.81 -42.17
CA ASP B 180 -6.59 -10.68 -42.92
C ASP B 180 -6.00 -9.67 -41.93
N ARG B 181 -4.67 -9.59 -41.89
CA ARG B 181 -4.02 -8.73 -40.91
C ARG B 181 -4.30 -7.26 -41.18
N ALA B 182 -4.60 -6.89 -42.43
CA ALA B 182 -4.95 -5.51 -42.71
C ALA B 182 -6.23 -5.06 -42.03
N LEU B 183 -7.10 -5.99 -41.63
CA LEU B 183 -8.32 -5.63 -40.92
C LEU B 183 -8.13 -5.54 -39.41
N GLN B 184 -6.93 -5.85 -38.90
CA GLN B 184 -6.55 -5.64 -37.50
C GLN B 184 -7.50 -6.47 -36.63
N ASN B 185 -8.08 -5.93 -35.56
CA ASN B 185 -8.84 -6.83 -34.72
C ASN B 185 -10.25 -7.05 -35.23
N LYS B 186 -10.53 -6.65 -36.48
CA LYS B 186 -11.67 -7.16 -37.24
C LYS B 186 -11.26 -8.27 -38.23
N GLY B 187 -9.97 -8.62 -38.30
CA GLY B 187 -9.53 -9.62 -39.25
C GLY B 187 -9.16 -10.97 -38.62
N ILE B 188 -9.61 -11.21 -37.41
CA ILE B 188 -9.29 -12.42 -36.67
C ILE B 188 -10.47 -13.36 -36.76
N SER B 189 -10.20 -14.66 -36.88
CA SER B 189 -11.22 -15.70 -36.90
C SER B 189 -10.86 -16.77 -35.89
N ALA B 190 -11.85 -17.56 -35.50
CA ALA B 190 -11.64 -18.64 -34.54
C ALA B 190 -11.84 -19.98 -35.24
N PHE B 191 -10.98 -20.95 -34.91
CA PHE B 191 -11.00 -22.26 -35.56
C PHE B 191 -10.94 -23.38 -34.54
N LEU B 192 -11.67 -24.47 -34.82
CA LEU B 192 -11.62 -25.70 -34.04
C LEU B 192 -10.57 -26.61 -34.68
N VAL B 193 -9.54 -26.95 -33.92
CA VAL B 193 -8.37 -27.66 -34.45
C VAL B 193 -8.19 -28.95 -33.64
N PRO B 194 -8.22 -30.12 -34.27
CA PRO B 194 -7.98 -31.35 -33.51
C PRO B 194 -6.52 -31.45 -33.13
N MET B 195 -6.25 -32.13 -32.02
CA MET B 195 -4.87 -32.38 -31.59
C MET B 195 -4.77 -33.86 -31.27
N PRO B 196 -3.82 -34.60 -31.87
CA PRO B 196 -2.83 -34.10 -32.83
C PRO B 196 -3.42 -33.97 -34.25
N THR B 197 -2.65 -33.37 -35.15
CA THR B 197 -3.09 -33.16 -36.53
C THR B 197 -1.85 -32.81 -37.36
N PRO B 198 -1.83 -33.15 -38.65
CA PRO B 198 -0.66 -32.82 -39.47
C PRO B 198 -0.48 -31.30 -39.60
N GLY B 199 0.77 -30.87 -39.54
CA GLY B 199 1.09 -29.45 -39.54
C GLY B 199 1.12 -28.81 -38.18
N LEU B 200 0.70 -29.51 -37.13
CA LEU B 200 0.73 -28.99 -35.77
C LEU B 200 1.82 -29.71 -34.98
N THR B 201 2.72 -28.93 -34.36
CA THR B 201 3.76 -29.44 -33.48
C THR B 201 3.64 -28.77 -32.12
N LEU B 202 3.89 -29.54 -31.05
CA LEU B 202 3.91 -29.00 -29.70
C LEU B 202 5.32 -28.51 -29.37
N GLY B 203 5.40 -27.32 -28.77
CA GLY B 203 6.67 -26.87 -28.22
C GLY B 203 6.98 -27.55 -26.90
N LYS B 204 8.19 -27.30 -26.43
CA LYS B 204 8.62 -27.85 -25.15
C LYS B 204 7.76 -27.29 -24.02
N LYS B 205 7.49 -28.14 -23.02
CA LYS B 205 6.79 -27.70 -21.82
C LYS B 205 7.55 -26.57 -21.13
N GLU B 206 6.80 -25.57 -20.67
CA GLU B 206 7.40 -24.51 -19.87
C GLU B 206 7.68 -25.00 -18.45
N ASP B 207 8.83 -24.62 -17.91
CA ASP B 207 9.16 -24.85 -16.51
C ASP B 207 8.70 -23.61 -15.73
N LYS B 208 7.63 -23.76 -14.95
CA LYS B 208 6.85 -22.64 -14.41
C LYS B 208 7.09 -22.43 -12.92
N LEU B 209 6.87 -21.18 -12.48
CA LEU B 209 6.97 -20.85 -11.06
C LEU B 209 5.97 -21.67 -10.23
N GLY B 210 4.75 -21.81 -10.72
CA GLY B 210 3.70 -22.58 -10.06
C GLY B 210 2.72 -23.16 -11.07
N ILE B 211 1.51 -23.50 -10.61
CA ILE B 211 0.56 -24.38 -11.29
C ILE B 211 1.31 -25.41 -12.12
N ARG B 212 2.27 -26.10 -11.48
CA ARG B 212 3.23 -26.94 -12.19
C ARG B 212 2.62 -28.26 -12.68
N GLY B 213 1.41 -28.60 -12.22
CA GLY B 213 0.68 -29.75 -12.74
C GLY B 213 -0.03 -29.52 -14.05
N SER B 214 -0.23 -28.26 -14.45
CA SER B 214 -0.73 -28.00 -15.79
C SER B 214 0.43 -27.98 -16.77
N SER B 215 0.14 -28.30 -18.04
CA SER B 215 1.14 -28.16 -19.09
C SER B 215 0.96 -26.81 -19.77
N THR B 216 2.08 -26.23 -20.23
CA THR B 216 2.09 -24.97 -20.94
C THR B 216 3.12 -25.07 -22.03
N ALA B 217 2.70 -24.89 -23.29
CA ALA B 217 3.60 -25.08 -24.40
C ALA B 217 3.05 -24.37 -25.63
N ASN B 218 3.95 -24.07 -26.56
CA ASN B 218 3.56 -23.45 -27.80
C ASN B 218 2.85 -24.43 -28.72
N LEU B 219 1.91 -23.91 -29.52
CA LEU B 219 1.30 -24.63 -30.63
C LEU B 219 1.88 -24.04 -31.91
N ILE B 220 2.66 -24.85 -32.64
CA ILE B 220 3.38 -24.41 -33.84
C ILE B 220 2.66 -24.96 -35.06
N PHE B 221 2.07 -24.07 -35.85
CA PHE B 221 1.34 -24.43 -37.06
C PHE B 221 2.21 -24.17 -38.29
N GLU B 222 2.36 -25.19 -39.12
CA GLU B 222 3.15 -25.07 -40.33
C GLU B 222 2.39 -25.77 -41.44
N ASP B 223 1.84 -24.99 -42.37
CA ASP B 223 1.03 -25.52 -43.47
C ASP B 223 0.01 -26.53 -42.92
N CYS B 224 -0.72 -26.11 -41.89
CA CYS B 224 -1.68 -26.95 -41.16
C CYS B 224 -3.06 -26.78 -41.74
N ARG B 225 -3.56 -27.81 -42.41
CA ARG B 225 -4.83 -27.73 -43.10
C ARG B 225 -5.93 -28.40 -42.30
N ILE B 226 -7.04 -27.69 -42.15
CA ILE B 226 -8.25 -28.16 -41.45
C ILE B 226 -9.42 -27.86 -42.37
N PRO B 227 -10.54 -28.58 -42.22
CA PRO B 227 -11.67 -28.37 -43.14
C PRO B 227 -12.26 -26.97 -43.01
N LYS B 228 -12.94 -26.53 -44.10
CA LYS B 228 -13.49 -25.17 -44.15
C LYS B 228 -14.49 -24.92 -43.03
N ASP B 229 -15.28 -25.92 -42.66
CA ASP B 229 -16.31 -25.71 -41.64
C ASP B 229 -15.74 -25.78 -40.21
N SER B 230 -14.42 -25.80 -40.05
CA SER B 230 -13.79 -25.71 -38.74
C SER B 230 -13.88 -24.32 -38.14
N ILE B 231 -14.29 -23.31 -38.92
CA ILE B 231 -14.33 -21.96 -38.41
C ILE B 231 -15.52 -21.83 -37.45
N LEU B 232 -15.25 -21.29 -36.27
CA LEU B 232 -16.28 -20.99 -35.28
C LEU B 232 -16.85 -19.62 -35.62
N GLY B 233 -18.09 -19.57 -36.07
CA GLY B 233 -18.69 -18.32 -36.48
C GLY B 233 -18.30 -17.97 -37.91
N GLU B 234 -18.24 -16.66 -38.19
CA GLU B 234 -17.91 -16.15 -39.49
C GLU B 234 -16.53 -15.51 -39.47
N PRO B 235 -15.89 -15.36 -40.63
CA PRO B 235 -14.57 -14.71 -40.65
C PRO B 235 -14.65 -13.30 -40.07
N GLY B 236 -13.68 -12.95 -39.24
CA GLY B 236 -13.67 -11.65 -38.60
C GLY B 236 -14.35 -11.59 -37.25
N MET B 237 -15.07 -12.64 -36.83
CA MET B 237 -15.70 -12.65 -35.51
C MET B 237 -14.71 -13.05 -34.41
N GLY B 238 -13.50 -13.46 -34.77
CA GLY B 238 -12.62 -14.09 -33.81
C GLY B 238 -12.29 -13.21 -32.61
N PHE B 239 -12.06 -11.91 -32.85
CA PHE B 239 -11.65 -11.07 -31.72
C PHE B 239 -12.78 -10.95 -30.70
N LYS B 240 -14.02 -10.77 -31.16
CA LYS B 240 -15.17 -10.74 -30.28
C LYS B 240 -15.37 -12.08 -29.57
N ILE B 241 -15.17 -13.19 -30.30
CA ILE B 241 -15.25 -14.51 -29.69
C ILE B 241 -14.25 -14.63 -28.55
N ALA B 242 -12.98 -14.25 -28.81
CA ALA B 242 -11.96 -14.32 -27.76
C ALA B 242 -12.32 -13.48 -26.54
N MET B 243 -12.82 -12.25 -26.76
CA MET B 243 -13.02 -11.31 -25.66
C MET B 243 -14.20 -11.69 -24.79
N GLN B 244 -15.32 -12.09 -25.41
CA GLN B 244 -16.45 -12.61 -24.65
C GLN B 244 -16.12 -13.91 -23.94
N THR B 245 -15.21 -14.71 -24.51
CA THR B 245 -14.77 -15.94 -23.86
C THR B 245 -13.96 -15.62 -22.60
N LEU B 246 -13.02 -14.68 -22.71
CA LEU B 246 -12.20 -14.27 -21.58
C LEU B 246 -13.04 -13.59 -20.48
N ASP B 247 -14.10 -12.86 -20.85
CA ASP B 247 -15.01 -12.29 -19.84
C ASP B 247 -15.54 -13.38 -18.92
N MET B 248 -15.91 -14.53 -19.49
CA MET B 248 -16.35 -15.67 -18.70
C MET B 248 -15.18 -16.35 -18.00
N GLY B 249 -14.06 -16.51 -18.71
CA GLY B 249 -12.91 -17.16 -18.13
C GLY B 249 -12.39 -16.42 -16.92
N ARG B 250 -12.43 -15.08 -16.95
CA ARG B 250 -11.95 -14.29 -15.83
C ARG B 250 -12.69 -14.62 -14.54
N ILE B 251 -13.99 -14.90 -14.61
CA ILE B 251 -14.72 -15.35 -13.44
C ILE B 251 -14.16 -16.67 -12.93
N GLY B 252 -13.71 -17.53 -13.84
CA GLY B 252 -13.08 -18.77 -13.45
C GLY B 252 -11.76 -18.54 -12.73
N ILE B 253 -10.92 -17.65 -13.25
CA ILE B 253 -9.61 -17.39 -12.65
C ILE B 253 -9.77 -16.66 -11.32
N ALA B 254 -10.70 -15.72 -11.25
CA ALA B 254 -11.02 -15.09 -9.98
C ALA B 254 -11.35 -16.14 -8.95
N SER B 255 -12.15 -17.13 -9.35
CA SER B 255 -12.55 -18.21 -8.44
C SER B 255 -11.36 -19.08 -8.06
N GLN B 256 -10.47 -19.38 -9.02
CA GLN B 256 -9.24 -20.10 -8.70
C GLN B 256 -8.44 -19.36 -7.64
N ALA B 257 -8.30 -18.03 -7.82
CA ALA B 257 -7.54 -17.24 -6.86
C ALA B 257 -8.21 -17.26 -5.48
N LEU B 258 -9.55 -17.23 -5.46
CA LEU B 258 -10.27 -17.35 -4.18
C LEU B 258 -9.86 -18.61 -3.44
N GLY B 259 -9.71 -19.73 -4.16
CA GLY B 259 -9.35 -20.98 -3.50
C GLY B 259 -7.92 -21.00 -3.02
N ILE B 260 -7.00 -20.47 -3.83
CA ILE B 260 -5.62 -20.34 -3.38
C ILE B 260 -5.56 -19.47 -2.13
N ALA B 261 -6.27 -18.34 -2.15
CA ALA B 261 -6.30 -17.45 -1.00
C ALA B 261 -6.87 -18.14 0.24
N GLN B 262 -8.03 -18.78 0.08
CA GLN B 262 -8.68 -19.47 1.20
C GLN B 262 -7.77 -20.51 1.84
N THR B 263 -7.09 -21.32 1.04
CA THR B 263 -6.28 -22.36 1.66
C THR B 263 -4.99 -21.79 2.26
N ALA B 264 -4.46 -20.71 1.69
CA ALA B 264 -3.37 -20.02 2.37
C ALA B 264 -3.82 -19.45 3.71
N LEU B 265 -5.04 -18.90 3.75
CA LEU B 265 -5.55 -18.39 5.02
C LEU B 265 -5.81 -19.53 6.02
N ASP B 266 -6.42 -20.64 5.56
CA ASP B 266 -6.57 -21.82 6.42
C ASP B 266 -5.22 -22.20 7.02
N CYS B 267 -4.20 -22.30 6.17
CA CYS B 267 -2.88 -22.71 6.64
C CYS B 267 -2.36 -21.78 7.72
N ALA B 268 -2.53 -20.46 7.53
CA ALA B 268 -1.99 -19.49 8.48
C ALA B 268 -2.72 -19.55 9.81
N VAL B 269 -4.06 -19.66 9.79
CA VAL B 269 -4.83 -19.69 11.03
C VAL B 269 -4.48 -20.93 11.85
N ASN B 270 -4.51 -22.12 11.22
CA ASN B 270 -4.16 -23.33 11.96
C ASN B 270 -2.78 -23.20 12.56
N TYR B 271 -1.81 -22.75 11.78
CA TYR B 271 -0.45 -22.64 12.30
C TYR B 271 -0.39 -21.66 13.46
N ALA B 272 -0.95 -20.46 13.27
CA ALA B 272 -0.84 -19.43 14.29
C ALA B 272 -1.51 -19.84 15.59
N GLU B 273 -2.57 -20.66 15.51
CA GLU B 273 -3.26 -21.14 16.71
C GLU B 273 -2.42 -22.11 17.53
N ASN B 274 -1.44 -22.77 16.90
CA ASN B 274 -0.65 -23.79 17.56
C ASN B 274 0.82 -23.46 17.72
N ARG B 275 1.32 -22.42 17.08
CA ARG B 275 2.72 -22.01 17.25
C ARG B 275 2.79 -21.09 18.46
N MET B 276 3.71 -21.38 19.38
CA MET B 276 3.88 -20.60 20.60
C MET B 276 5.03 -19.62 20.46
N ALA B 277 4.83 -18.40 20.95
CA ALA B 277 5.90 -17.42 20.99
C ALA B 277 5.68 -16.55 22.20
N PHE B 278 6.78 -16.20 22.87
CA PHE B 278 6.75 -15.31 24.03
C PHE B 278 5.63 -15.71 24.98
N GLY B 279 5.40 -17.02 25.12
CA GLY B 279 4.51 -17.54 26.15
C GLY B 279 3.09 -17.89 25.72
N ALA B 280 2.71 -17.67 24.47
CA ALA B 280 1.31 -17.83 24.08
C ALA B 280 1.23 -18.16 22.59
N PRO B 281 0.07 -18.62 22.11
CA PRO B 281 -0.09 -18.82 20.66
C PRO B 281 0.11 -17.52 19.89
N LEU B 282 0.54 -17.65 18.63
CA LEU B 282 0.75 -16.48 17.78
C LEU B 282 -0.51 -15.64 17.66
N THR B 283 -1.69 -16.27 17.73
CA THR B 283 -2.93 -15.52 17.57
C THR B 283 -3.21 -14.57 18.75
N LYS B 284 -2.42 -14.64 19.83
CA LYS B 284 -2.55 -13.66 20.89
C LYS B 284 -1.82 -12.36 20.58
N LEU B 285 -0.92 -12.38 19.61
CA LEU B 285 -0.20 -11.16 19.27
C LEU B 285 -1.10 -10.28 18.40
N GLN B 286 -1.12 -8.99 18.73
CA GLN B 286 -1.99 -8.06 18.01
C GLN B 286 -1.65 -8.00 16.51
N VAL B 287 -0.36 -7.95 16.14
CA VAL B 287 -0.01 -7.83 14.73
C VAL B 287 -0.52 -9.03 13.93
N ILE B 288 -0.50 -10.22 14.55
CA ILE B 288 -0.99 -11.44 13.89
C ILE B 288 -2.49 -11.37 13.68
N GLN B 289 -3.24 -10.91 14.69
CA GLN B 289 -4.67 -10.71 14.54
C GLN B 289 -4.98 -9.73 13.40
N PHE B 290 -4.24 -8.63 13.32
CA PHE B 290 -4.44 -7.67 12.25
C PHE B 290 -4.15 -8.29 10.89
N LYS B 291 -3.04 -9.04 10.77
CA LYS B 291 -2.75 -9.72 9.51
C LYS B 291 -3.91 -10.62 9.11
N LEU B 292 -4.42 -11.40 10.06
CA LEU B 292 -5.49 -12.34 9.74
C LEU B 292 -6.76 -11.60 9.37
N ALA B 293 -7.09 -10.53 10.10
CA ALA B 293 -8.27 -9.73 9.78
C ALA B 293 -8.19 -9.17 8.36
N ASP B 294 -7.05 -8.60 7.98
CA ASP B 294 -6.90 -8.03 6.64
C ASP B 294 -6.93 -9.11 5.56
N MET B 295 -6.42 -10.30 5.85
CA MET B 295 -6.48 -11.38 4.87
C MET B 295 -7.93 -11.84 4.68
N ALA B 296 -8.67 -12.00 5.78
CA ALA B 296 -10.06 -12.39 5.68
C ALA B 296 -10.88 -11.32 4.96
N LEU B 297 -10.58 -10.04 5.19
CA LEU B 297 -11.34 -9.00 4.52
C LEU B 297 -11.06 -9.00 3.02
N ALA B 298 -9.79 -9.11 2.64
CA ALA B 298 -9.46 -9.10 1.22
C ALA B 298 -10.13 -10.27 0.51
N LEU B 299 -10.13 -11.44 1.17
CA LEU B 299 -10.65 -12.66 0.53
C LEU B 299 -12.17 -12.60 0.43
N GLU B 300 -12.85 -12.17 1.50
CA GLU B 300 -14.32 -12.17 1.48
C GLU B 300 -14.86 -11.11 0.54
N SER B 301 -14.20 -9.96 0.43
CA SER B 301 -14.71 -8.95 -0.49
C SER B 301 -14.45 -9.35 -1.94
N ALA B 302 -13.31 -10.01 -2.21
CA ALA B 302 -13.08 -10.47 -3.57
C ALA B 302 -14.03 -11.61 -3.94
N ARG B 303 -14.46 -12.42 -2.97
CA ARG B 303 -15.49 -13.40 -3.28
C ARG B 303 -16.80 -12.72 -3.62
N LEU B 304 -17.16 -11.67 -2.88
CA LEU B 304 -18.38 -10.93 -3.20
C LEU B 304 -18.31 -10.39 -4.62
N LEU B 305 -17.15 -9.86 -5.03
CA LEU B 305 -17.03 -9.37 -6.39
C LEU B 305 -17.16 -10.51 -7.40
N THR B 306 -16.60 -11.67 -7.06
CA THR B 306 -16.65 -12.82 -7.95
C THR B 306 -18.08 -13.31 -8.13
N TRP B 307 -18.77 -13.52 -7.05
CA TRP B 307 -20.13 -13.97 -7.10
C TRP B 307 -21.03 -12.97 -7.81
N ARG B 308 -20.79 -11.69 -7.65
CA ARG B 308 -21.55 -10.68 -8.38
C ARG B 308 -21.38 -10.86 -9.88
N ALA B 309 -20.14 -10.97 -10.35
CA ALA B 309 -19.92 -11.19 -11.78
C ALA B 309 -20.61 -12.45 -12.26
N ALA B 310 -20.45 -13.55 -11.52
CA ALA B 310 -21.08 -14.82 -11.89
C ALA B 310 -22.60 -14.71 -11.96
N MET B 311 -23.22 -14.01 -11.01
CA MET B 311 -24.67 -13.90 -10.99
C MET B 311 -25.19 -12.99 -12.09
N LEU B 312 -24.45 -11.92 -12.40
CA LEU B 312 -24.83 -11.07 -13.53
C LEU B 312 -24.84 -11.87 -14.83
N LYS B 313 -23.80 -12.68 -15.05
CA LYS B 313 -23.78 -13.52 -16.24
C LYS B 313 -25.00 -14.43 -16.27
N ASP B 314 -25.27 -15.11 -15.15
CA ASP B 314 -26.41 -16.03 -15.07
C ASP B 314 -27.71 -15.32 -15.37
N ASN B 315 -27.86 -14.07 -14.93
CA ASN B 315 -29.09 -13.31 -15.15
C ASN B 315 -29.10 -12.62 -16.50
N LYS B 316 -28.15 -12.94 -17.39
CA LYS B 316 -28.06 -12.35 -18.72
C LYS B 316 -27.84 -10.83 -18.66
N LYS B 317 -27.09 -10.36 -17.68
CA LYS B 317 -26.77 -8.95 -17.53
C LYS B 317 -25.34 -8.67 -18.01
N PRO B 318 -25.03 -7.43 -18.39
CA PRO B 318 -23.64 -7.11 -18.72
C PRO B 318 -22.74 -7.35 -17.51
N PHE B 319 -21.57 -7.96 -17.76
CA PHE B 319 -20.71 -8.30 -16.64
C PHE B 319 -19.22 -8.13 -16.96
N ILE B 320 -18.88 -7.35 -18.00
CA ILE B 320 -17.47 -7.25 -18.38
C ILE B 320 -16.67 -6.56 -17.28
N LYS B 321 -17.16 -5.42 -16.79
CA LYS B 321 -16.44 -4.69 -15.76
C LYS B 321 -16.42 -5.48 -14.46
N GLU B 322 -17.55 -6.07 -14.09
CA GLU B 322 -17.62 -6.84 -12.85
C GLU B 322 -16.70 -8.06 -12.90
N ALA B 323 -16.64 -8.75 -14.06
CA ALA B 323 -15.71 -9.86 -14.20
C ALA B 323 -14.27 -9.40 -14.02
N ALA B 324 -13.92 -8.29 -14.67
CA ALA B 324 -12.55 -7.79 -14.56
C ALA B 324 -12.22 -7.40 -13.13
N MET B 325 -13.13 -6.73 -12.44
CA MET B 325 -12.94 -6.39 -11.03
C MET B 325 -12.73 -7.63 -10.18
N ALA B 326 -13.55 -8.66 -10.37
CA ALA B 326 -13.39 -9.87 -9.57
C ALA B 326 -12.02 -10.52 -9.80
N LYS B 327 -11.61 -10.61 -11.07
CA LYS B 327 -10.32 -11.22 -11.39
C LYS B 327 -9.17 -10.42 -10.80
N LEU B 328 -9.20 -9.10 -10.98
CA LEU B 328 -8.17 -8.24 -10.40
C LEU B 328 -8.11 -8.38 -8.88
N ALA B 329 -9.26 -8.27 -8.23
CA ALA B 329 -9.26 -8.24 -6.76
C ALA B 329 -8.82 -9.58 -6.19
N ALA B 330 -9.35 -10.68 -6.74
CA ALA B 330 -9.05 -12.00 -6.23
C ALA B 330 -7.57 -12.34 -6.43
N SER B 331 -7.01 -11.99 -7.60
CA SER B 331 -5.61 -12.32 -7.88
C SER B 331 -4.66 -11.55 -6.97
N GLU B 332 -4.87 -10.24 -6.82
CA GLU B 332 -4.01 -9.49 -5.92
C GLU B 332 -4.21 -9.91 -4.46
N ALA B 333 -5.44 -10.26 -4.09
CA ALA B 333 -5.67 -10.79 -2.75
C ALA B 333 -4.96 -12.12 -2.56
N ALA B 334 -5.01 -12.99 -3.58
CA ALA B 334 -4.35 -14.29 -3.46
C ALA B 334 -2.84 -14.13 -3.26
N THR B 335 -2.22 -13.16 -3.95
CA THR B 335 -0.79 -12.94 -3.74
C THR B 335 -0.50 -12.31 -2.37
N ALA B 336 -1.34 -11.36 -1.95
CA ALA B 336 -1.08 -10.73 -0.65
C ALA B 336 -1.36 -11.69 0.50
N ILE B 337 -2.41 -12.50 0.37
CA ILE B 337 -2.74 -13.43 1.44
C ILE B 337 -1.70 -14.53 1.54
N SER B 338 -1.30 -15.12 0.39
CA SER B 338 -0.28 -16.15 0.42
C SER B 338 1.07 -15.61 0.90
N HIS B 339 1.39 -14.35 0.60
CA HIS B 339 2.61 -13.74 1.16
C HIS B 339 2.54 -13.66 2.68
N GLN B 340 1.41 -13.20 3.22
CA GLN B 340 1.27 -13.06 4.66
C GLN B 340 1.17 -14.41 5.37
N ALA B 341 0.70 -15.44 4.65
CA ALA B 341 0.67 -16.77 5.25
C ALA B 341 2.09 -17.32 5.40
N ILE B 342 2.94 -17.13 4.39
CA ILE B 342 4.37 -17.42 4.54
C ILE B 342 4.92 -16.71 5.76
N GLN B 343 4.65 -15.39 5.85
CA GLN B 343 5.18 -14.56 6.93
C GLN B 343 4.72 -15.06 8.28
N ILE B 344 3.44 -15.44 8.39
CA ILE B 344 2.93 -15.93 9.67
C ILE B 344 3.61 -17.26 10.06
N LEU B 345 3.99 -18.09 9.08
CA LEU B 345 4.69 -19.34 9.40
C LEU B 345 6.16 -19.10 9.73
N GLY B 346 6.71 -17.95 9.37
CA GLY B 346 8.10 -17.70 9.63
C GLY B 346 8.99 -18.58 8.77
N GLY B 347 10.03 -19.14 9.39
CA GLY B 347 10.92 -20.03 8.65
C GLY B 347 10.18 -21.17 7.97
N MET B 348 9.19 -21.75 8.65
CA MET B 348 8.38 -22.81 8.05
C MET B 348 7.62 -22.34 6.82
N GLY B 349 7.41 -21.02 6.64
CA GLY B 349 6.81 -20.51 5.43
C GLY B 349 7.67 -20.65 4.18
N TYR B 350 8.97 -20.91 4.34
CA TYR B 350 9.91 -20.87 3.23
C TYR B 350 10.29 -22.26 2.70
N VAL B 351 9.75 -23.34 3.26
CA VAL B 351 10.22 -24.68 2.93
C VAL B 351 9.04 -25.60 2.61
N THR B 352 9.36 -26.77 2.05
CA THR B 352 8.33 -27.71 1.58
C THR B 352 7.63 -28.47 2.71
N GLU B 353 8.16 -28.46 3.94
CA GLU B 353 7.41 -29.02 5.06
C GLU B 353 6.02 -28.42 5.20
N MET B 354 5.79 -27.26 4.62
CA MET B 354 4.49 -26.61 4.70
C MET B 354 4.06 -26.21 3.30
N PRO B 355 2.77 -26.04 3.07
CA PRO B 355 2.29 -25.73 1.72
C PRO B 355 2.24 -24.24 1.38
N ALA B 356 2.69 -23.37 2.30
CA ALA B 356 2.58 -21.93 2.09
C ALA B 356 3.43 -21.45 0.93
N GLU B 357 4.65 -21.97 0.78
CA GLU B 357 5.48 -21.49 -0.32
C GLU B 357 4.87 -21.88 -1.67
N ARG B 358 4.21 -23.04 -1.73
CA ARG B 358 3.52 -23.42 -2.96
C ARG B 358 2.35 -22.48 -3.26
N HIS B 359 1.53 -22.16 -2.25
CA HIS B 359 0.40 -21.26 -2.47
C HIS B 359 0.85 -19.90 -3.00
N TYR B 360 1.98 -19.38 -2.48
CA TYR B 360 2.56 -18.14 -3.00
C TYR B 360 2.94 -18.27 -4.47
N ARG B 361 3.54 -19.40 -4.84
CA ARG B 361 3.94 -19.58 -6.23
C ARG B 361 2.74 -19.72 -7.14
N ASP B 362 1.71 -20.46 -6.69
CA ASP B 362 0.50 -20.64 -7.48
C ASP B 362 -0.31 -19.36 -7.60
N ALA B 363 -0.31 -18.54 -6.55
CA ALA B 363 -1.09 -17.30 -6.59
C ALA B 363 -0.57 -16.36 -7.67
N ARG B 364 0.75 -16.33 -7.84
CA ARG B 364 1.40 -15.30 -8.65
C ARG B 364 0.91 -15.32 -10.10
N ILE B 365 0.48 -16.49 -10.59
CA ILE B 365 0.07 -16.56 -11.99
C ILE B 365 -1.27 -15.87 -12.21
N THR B 366 -2.11 -15.80 -11.16
CA THR B 366 -3.46 -15.27 -11.35
C THR B 366 -3.45 -13.78 -11.63
N GLU B 367 -2.34 -13.10 -11.35
CA GLU B 367 -2.18 -11.69 -11.70
C GLU B 367 -1.73 -11.50 -13.13
N ILE B 368 -1.50 -12.58 -13.88
CA ILE B 368 -0.92 -12.49 -15.22
C ILE B 368 -1.88 -13.01 -16.29
N TYR B 369 -2.25 -14.29 -16.23
CA TYR B 369 -2.96 -14.83 -17.40
C TYR B 369 -4.44 -14.43 -17.41
N GLU B 370 -5.07 -14.68 -18.56
CA GLU B 370 -6.41 -14.18 -18.89
C GLU B 370 -6.53 -12.67 -18.67
N GLY B 371 -5.45 -11.96 -18.98
CA GLY B 371 -5.44 -10.51 -18.85
C GLY B 371 -4.76 -10.05 -17.59
N THR B 372 -3.58 -9.45 -17.73
CA THR B 372 -2.84 -8.94 -16.60
C THR B 372 -3.68 -7.95 -15.78
N SER B 373 -3.27 -7.77 -14.53
CA SER B 373 -3.92 -6.76 -13.68
C SER B 373 -3.98 -5.40 -14.37
N GLU B 374 -2.94 -5.06 -15.13
CA GLU B 374 -2.93 -3.80 -15.86
C GLU B 374 -4.04 -3.77 -16.92
N ILE B 375 -4.18 -4.87 -17.67
CA ILE B 375 -5.26 -4.92 -18.65
C ILE B 375 -6.61 -4.89 -17.94
N GLN B 376 -6.71 -5.49 -16.77
CA GLN B 376 -7.94 -5.48 -16.02
C GLN B 376 -8.29 -4.06 -15.62
N ARG B 377 -7.29 -3.31 -15.17
CA ARG B 377 -7.54 -1.92 -14.80
C ARG B 377 -7.97 -1.08 -16.01
N LEU B 378 -7.31 -1.26 -17.16
CA LEU B 378 -7.77 -0.62 -18.39
C LEU B 378 -9.21 -0.99 -18.72
N VAL B 379 -9.54 -2.29 -18.64
CA VAL B 379 -10.90 -2.74 -18.95
C VAL B 379 -11.90 -2.05 -18.02
N ILE B 380 -11.58 -1.99 -16.72
CA ILE B 380 -12.49 -1.38 -15.76
C ILE B 380 -12.64 0.12 -16.03
N ALA B 381 -11.51 0.81 -16.27
CA ALA B 381 -11.58 2.23 -16.59
C ALA B 381 -12.45 2.49 -17.80
N GLY B 382 -12.29 1.68 -18.85
CA GLY B 382 -13.06 1.88 -20.06
C GLY B 382 -14.56 1.81 -19.81
N HIS B 383 -14.99 0.82 -19.02
CA HIS B 383 -16.42 0.65 -18.78
C HIS B 383 -16.95 1.64 -17.76
N LEU B 384 -16.14 2.01 -16.77
CA LEU B 384 -16.54 3.05 -15.84
C LEU B 384 -16.87 4.34 -16.57
N LEU B 385 -15.96 4.77 -17.45
CA LEU B 385 -16.13 6.04 -18.15
C LEU B 385 -17.37 6.01 -19.06
N ARG B 386 -17.63 4.87 -19.71
CA ARG B 386 -18.83 4.76 -20.53
C ARG B 386 -20.10 4.85 -19.70
N SER B 387 -20.09 4.33 -18.48
CA SER B 387 -21.26 4.47 -17.62
C SER B 387 -21.53 5.93 -17.30
N TYR B 388 -20.49 6.74 -17.12
CA TYR B 388 -20.73 8.16 -16.85
C TYR B 388 -21.16 8.93 -18.09
N ARG B 389 -20.87 8.41 -19.28
CA ARG B 389 -21.29 9.02 -20.53
C ARG B 389 -22.63 8.45 -21.00
N LEU C 3 33.71 19.56 -1.70
CA LEU C 3 32.90 19.92 -0.55
C LEU C 3 31.87 18.80 -0.32
N HIS C 4 31.46 18.58 0.93
CA HIS C 4 30.54 17.52 1.35
C HIS C 4 31.09 16.11 1.10
N THR C 5 31.54 15.45 2.16
CA THR C 5 31.90 14.04 2.07
C THR C 5 30.66 13.17 2.24
N ILE C 6 30.79 11.92 1.85
CA ILE C 6 29.71 11.01 2.00
C ILE C 6 29.33 10.89 3.47
N TYR C 7 30.34 10.88 4.35
CA TYR C 7 30.13 10.71 5.79
C TYR C 7 29.29 11.84 6.37
N GLN C 8 29.27 13.00 5.73
CA GLN C 8 28.51 14.13 6.28
C GLN C 8 27.00 13.92 6.20
N SER C 9 26.54 12.92 5.43
CA SER C 9 25.13 12.54 5.47
C SER C 9 24.79 11.78 6.74
N VAL C 10 25.80 11.31 7.47
CA VAL C 10 25.60 10.51 8.67
C VAL C 10 25.88 11.33 9.92
N GLU C 11 26.89 12.19 9.89
CA GLU C 11 27.08 13.19 10.92
C GLU C 11 27.34 14.53 10.28
N LEU C 12 26.41 15.46 10.51
CA LEU C 12 26.46 16.78 9.91
C LEU C 12 27.74 17.51 10.31
N PRO C 13 28.30 18.32 9.42
CA PRO C 13 29.32 19.28 9.86
C PRO C 13 28.76 20.11 11.00
N GLU C 14 29.66 20.47 11.94
CA GLU C 14 29.23 21.20 13.12
C GLU C 14 28.43 22.44 12.76
N THR C 15 28.85 23.14 11.70
CA THR C 15 28.12 24.33 11.28
C THR C 15 26.68 24.00 10.92
N HIS C 16 26.45 22.86 10.26
CA HIS C 16 25.09 22.45 9.96
C HIS C 16 24.36 21.92 11.19
N GLN C 17 25.09 21.28 12.10
CA GLN C 17 24.47 20.85 13.35
C GLN C 17 24.06 22.07 14.17
N MET C 18 24.89 23.10 14.18
CA MET C 18 24.56 24.35 14.87
C MET C 18 23.36 25.02 14.23
N LEU C 19 23.34 25.07 12.90
CA LEU C 19 22.22 25.69 12.18
C LEU C 19 20.90 25.00 12.51
N LEU C 20 20.91 23.66 12.55
CA LEU C 20 19.73 22.90 12.97
C LEU C 20 19.21 23.40 14.31
N GLN C 21 20.07 23.42 15.33
CA GLN C 21 19.63 23.81 16.66
C GLN C 21 19.11 25.25 16.67
N THR C 22 19.79 26.14 15.92
CA THR C 22 19.35 27.52 15.84
C THR C 22 17.97 27.65 15.21
N CYS C 23 17.74 26.98 14.07
CA CYS C 23 16.39 27.03 13.50
C CYS C 23 15.35 26.32 14.34
N ARG C 24 15.72 25.25 15.03
CA ARG C 24 14.75 24.59 15.89
C ARG C 24 14.35 25.50 17.04
N ASP C 25 15.33 26.10 17.71
CA ASP C 25 15.04 27.08 18.76
C ASP C 25 14.12 28.17 18.24
N PHE C 26 14.41 28.68 17.04
CA PHE C 26 13.57 29.73 16.48
C PHE C 26 12.16 29.23 16.21
N ALA C 27 12.03 28.04 15.63
CA ALA C 27 10.70 27.52 15.29
C ALA C 27 9.87 27.32 16.55
N GLU C 28 10.46 26.72 17.59
CA GLU C 28 9.68 26.45 18.79
C GLU C 28 9.34 27.73 19.54
N LYS C 29 10.26 28.69 19.57
CA LYS C 29 9.99 29.96 20.25
C LYS C 29 9.06 30.85 19.44
N GLU C 30 9.34 31.03 18.15
CA GLU C 30 8.63 32.02 17.35
C GLU C 30 7.49 31.46 16.51
N LEU C 31 7.55 30.18 16.10
CA LEU C 31 6.60 29.64 15.14
C LEU C 31 5.53 28.74 15.78
N PHE C 32 5.95 27.78 16.63
CA PHE C 32 5.01 26.94 17.36
C PHE C 32 3.87 27.74 17.99
N PRO C 33 4.11 28.84 18.71
CA PRO C 33 2.99 29.54 19.37
C PRO C 33 1.99 30.16 18.40
N ILE C 34 2.36 30.38 17.14
CA ILE C 34 1.48 31.10 16.23
C ILE C 34 0.95 30.23 15.09
N ALA C 35 1.41 28.97 14.96
CA ALA C 35 1.04 28.16 13.80
C ALA C 35 -0.47 28.01 13.68
N ALA C 36 -1.16 27.75 14.79
CA ALA C 36 -2.60 27.54 14.73
C ALA C 36 -3.32 28.81 14.30
N GLN C 37 -2.90 29.96 14.85
CA GLN C 37 -3.48 31.25 14.46
C GLN C 37 -3.26 31.53 12.99
N VAL C 38 -2.03 31.32 12.50
CA VAL C 38 -1.73 31.58 11.09
C VAL C 38 -2.66 30.77 10.20
N ASP C 39 -2.96 29.53 10.62
CA ASP C 39 -3.82 28.65 9.85
C ASP C 39 -5.29 29.07 9.94
N LYS C 40 -5.82 29.23 11.15
CA LYS C 40 -7.25 29.51 11.25
C LYS C 40 -7.60 30.89 10.70
N GLU C 41 -6.70 31.87 10.87
CA GLU C 41 -6.95 33.22 10.39
C GLU C 41 -6.43 33.47 8.97
N HIS C 42 -5.82 32.47 8.33
CA HIS C 42 -5.11 32.62 7.06
C HIS C 42 -4.26 33.89 7.04
N LEU C 43 -3.38 33.98 8.04
CA LEU C 43 -2.60 35.18 8.31
C LEU C 43 -1.16 35.00 7.81
N PHE C 44 -0.77 35.79 6.83
CA PHE C 44 0.62 35.92 6.44
C PHE C 44 1.46 36.28 7.66
N PRO C 45 2.50 35.51 7.98
CA PRO C 45 3.28 35.81 9.21
C PRO C 45 4.40 36.82 9.00
N ALA C 46 4.02 38.09 8.77
CA ALA C 46 4.98 39.09 8.29
C ALA C 46 6.13 39.29 9.27
N ALA C 47 5.81 39.44 10.55
CA ALA C 47 6.84 39.71 11.55
C ALA C 47 7.81 38.55 11.66
N GLN C 48 7.33 37.32 11.53
CA GLN C 48 8.23 36.17 11.65
C GLN C 48 9.12 36.05 10.42
N VAL C 49 8.58 36.29 9.24
CA VAL C 49 9.40 36.30 8.03
C VAL C 49 10.48 37.36 8.11
N LYS C 50 10.16 38.52 8.68
CA LYS C 50 11.18 39.55 8.88
C LYS C 50 12.29 39.05 9.79
N LYS C 51 11.94 38.48 10.94
CA LYS C 51 12.97 37.94 11.83
C LYS C 51 13.79 36.87 11.13
N MET C 52 13.15 36.02 10.33
CA MET C 52 13.91 35.01 9.59
C MET C 52 14.84 35.66 8.56
N GLY C 53 14.39 36.74 7.93
CA GLY C 53 15.25 37.45 7.00
C GLY C 53 16.51 37.96 7.68
N GLY C 54 16.37 38.50 8.90
CA GLY C 54 17.53 38.94 9.64
C GLY C 54 18.48 37.82 10.01
N LEU C 55 17.94 36.60 10.16
CA LEU C 55 18.74 35.41 10.47
C LEU C 55 19.43 34.82 9.25
N GLY C 56 19.10 35.29 8.04
CA GLY C 56 19.65 34.73 6.82
C GLY C 56 18.84 33.59 6.21
N LEU C 57 17.72 33.20 6.82
CA LEU C 57 16.98 32.02 6.37
C LEU C 57 16.23 32.26 5.06
N LEU C 58 16.02 33.50 4.66
CA LEU C 58 15.30 33.79 3.43
C LEU C 58 16.22 33.85 2.22
N ALA C 59 17.53 33.70 2.42
CA ALA C 59 18.51 33.79 1.36
C ALA C 59 19.73 32.97 1.76
N MET C 60 19.52 31.67 1.94
CA MET C 60 20.56 30.84 2.56
C MET C 60 21.70 30.55 1.59
N ASP C 61 21.38 30.27 0.33
CA ASP C 61 22.32 29.97 -0.75
C ASP C 61 22.92 31.22 -1.37
N VAL C 62 22.47 32.41 -0.98
CA VAL C 62 22.92 33.65 -1.60
C VAL C 62 24.30 34.02 -1.07
N PRO C 63 25.25 34.42 -1.92
CA PRO C 63 26.58 34.82 -1.42
C PRO C 63 26.48 35.94 -0.39
N GLU C 64 27.38 35.90 0.59
CA GLU C 64 27.41 36.98 1.56
C GLU C 64 27.65 38.33 0.89
N GLU C 65 28.42 38.34 -0.19
CA GLU C 65 28.68 39.57 -0.95
C GLU C 65 27.38 40.26 -1.38
N LEU C 66 26.33 39.49 -1.62
CA LEU C 66 25.04 40.02 -2.06
C LEU C 66 24.01 40.12 -0.94
N GLY C 67 24.41 39.93 0.31
CA GLY C 67 23.51 40.04 1.43
C GLY C 67 22.93 38.74 1.93
N GLY C 68 23.34 37.59 1.38
CA GLY C 68 22.81 36.31 1.79
C GLY C 68 23.58 35.72 2.96
N ALA C 69 23.23 34.48 3.30
CA ALA C 69 23.89 33.80 4.40
C ALA C 69 25.17 33.11 3.96
N GLY C 70 25.31 32.81 2.67
CA GLY C 70 26.50 32.13 2.20
C GLY C 70 26.57 30.66 2.58
N LEU C 71 25.43 30.01 2.76
CA LEU C 71 25.35 28.59 3.13
C LEU C 71 25.08 27.77 1.87
N ASP C 72 24.69 26.52 2.04
CA ASP C 72 24.49 25.66 0.88
C ASP C 72 23.09 25.01 0.92
N TYR C 73 22.81 24.07 0.02
CA TYR C 73 21.47 23.53 -0.03
C TYR C 73 21.24 22.48 1.06
N LEU C 74 22.31 21.80 1.49
CA LEU C 74 22.18 20.95 2.67
C LEU C 74 21.73 21.79 3.87
N ALA C 75 22.33 22.97 4.06
CA ALA C 75 21.89 23.84 5.13
C ALA C 75 20.45 24.32 4.89
N TYR C 76 20.12 24.62 3.64
CA TYR C 76 18.75 25.04 3.30
C TYR C 76 17.74 23.95 3.61
N ALA C 77 18.07 22.70 3.33
CA ALA C 77 17.13 21.61 3.59
C ALA C 77 16.91 21.40 5.08
N ILE C 78 18.00 21.50 5.86
CA ILE C 78 17.91 21.40 7.31
C ILE C 78 17.05 22.51 7.87
N ALA C 79 17.25 23.74 7.37
CA ALA C 79 16.50 24.86 7.89
C ALA C 79 15.03 24.78 7.47
N MET C 80 14.78 24.41 6.20
CA MET C 80 13.40 24.26 5.72
C MET C 80 12.63 23.25 6.56
N GLU C 81 13.28 22.15 6.98
CA GLU C 81 12.62 21.16 7.83
C GLU C 81 12.28 21.76 9.19
N GLU C 82 13.25 22.37 9.86
CA GLU C 82 12.98 22.89 11.20
C GLU C 82 11.91 23.97 11.16
N ILE C 83 11.99 24.86 10.17
CA ILE C 83 11.03 25.95 10.11
C ILE C 83 9.64 25.41 9.81
N SER C 84 9.55 24.48 8.86
CA SER C 84 8.26 23.91 8.46
C SER C 84 7.67 23.06 9.57
N ARG C 85 8.51 22.41 10.38
CA ARG C 85 8.06 21.74 11.59
C ARG C 85 7.27 22.69 12.49
N GLY C 86 7.65 23.98 12.50
CA GLY C 86 6.94 25.00 13.25
C GLY C 86 5.68 25.47 12.56
N CYS C 87 5.77 25.80 11.27
CA CYS C 87 4.64 26.35 10.54
C CYS C 87 4.82 26.03 9.06
N ALA C 88 3.93 25.29 8.50
CA ALA C 88 4.01 24.94 7.13
C ALA C 88 3.93 26.10 6.15
N SER C 89 3.21 27.16 6.50
CA SER C 89 3.01 28.34 5.66
C SER C 89 4.31 29.12 5.61
N THR C 90 4.84 29.36 6.80
CA THR C 90 6.13 30.03 6.93
C THR C 90 7.20 29.29 6.15
N GLY C 91 7.13 27.95 6.16
CA GLY C 91 8.04 27.16 5.35
C GLY C 91 7.91 27.41 3.85
N VAL C 92 6.72 27.34 3.32
CA VAL C 92 6.56 27.56 1.91
C VAL C 92 6.99 28.99 1.49
N ILE C 93 6.63 29.96 2.31
CA ILE C 93 7.00 31.35 2.05
C ILE C 93 8.52 31.47 1.95
N MET C 94 9.22 30.87 2.93
CA MET C 94 10.68 30.81 2.90
C MET C 94 11.19 30.01 1.70
N SER C 95 10.49 28.94 1.31
CA SER C 95 11.00 28.11 0.23
C SER C 95 10.86 28.82 -1.12
N VAL C 96 9.73 29.48 -1.36
CA VAL C 96 9.56 30.23 -2.60
C VAL C 96 10.67 31.26 -2.74
N ASN C 97 10.92 32.05 -1.67
CA ASN C 97 11.92 33.10 -1.80
C ASN C 97 13.32 32.53 -2.08
N ASN C 98 13.70 31.46 -1.39
CA ASN C 98 15.03 30.89 -1.58
C ASN C 98 15.16 30.23 -2.95
N SER C 99 14.28 29.29 -3.27
CA SER C 99 14.51 28.43 -4.43
C SER C 99 13.91 29.00 -5.69
N LEU C 100 12.66 29.45 -5.61
CA LEU C 100 11.93 29.81 -6.82
C LEU C 100 12.22 31.25 -7.28
N TYR C 101 12.46 32.19 -6.37
CA TYR C 101 12.68 33.57 -6.77
C TYR C 101 14.18 33.88 -6.88
N LEU C 102 14.88 33.85 -5.74
CA LEU C 102 16.31 34.10 -5.74
C LEU C 102 17.06 33.09 -6.58
N GLY C 103 16.70 31.81 -6.47
CA GLY C 103 17.39 30.73 -7.15
C GLY C 103 17.70 30.99 -8.61
N PRO C 104 16.69 31.22 -9.44
CA PRO C 104 16.96 31.47 -10.87
C PRO C 104 17.78 32.73 -11.12
N ILE C 105 17.69 33.74 -10.25
CA ILE C 105 18.44 34.97 -10.49
C ILE C 105 19.92 34.76 -10.20
N LEU C 106 20.24 34.06 -9.11
CA LEU C 106 21.63 33.70 -8.85
C LEU C 106 22.20 32.87 -10.01
N LYS C 107 21.41 31.94 -10.53
CA LYS C 107 21.94 30.99 -11.49
C LYS C 107 22.03 31.59 -12.89
N PHE C 108 21.03 32.39 -13.29
CA PHE C 108 20.92 32.88 -14.66
C PHE C 108 21.05 34.39 -14.79
N GLY C 109 21.19 35.15 -13.70
CA GLY C 109 21.20 36.58 -13.81
C GLY C 109 22.60 37.14 -14.05
N SER C 110 22.64 38.34 -14.62
CA SER C 110 23.88 39.12 -14.66
C SER C 110 24.18 39.71 -13.29
N LYS C 111 25.40 40.20 -13.12
CA LYS C 111 25.76 40.83 -11.85
C LYS C 111 24.84 42.00 -11.55
N GLU C 112 24.48 42.79 -12.57
CA GLU C 112 23.56 43.90 -12.37
C GLU C 112 22.21 43.41 -11.87
N GLN C 113 21.70 42.31 -12.44
CA GLN C 113 20.38 41.84 -12.04
C GLN C 113 20.38 41.32 -10.61
N LYS C 114 21.44 40.63 -10.21
CA LYS C 114 21.53 40.17 -8.83
C LYS C 114 21.57 41.35 -7.86
N GLN C 115 22.33 42.39 -8.19
CA GLN C 115 22.42 43.55 -7.30
C GLN C 115 21.06 44.20 -7.13
N ALA C 116 20.27 44.28 -8.20
CA ALA C 116 18.97 44.94 -8.14
C ALA C 116 17.84 44.03 -7.67
N TRP C 117 17.87 42.73 -7.97
CA TRP C 117 16.75 41.86 -7.67
C TRP C 117 17.01 40.80 -6.59
N VAL C 118 18.27 40.52 -6.27
CA VAL C 118 18.58 39.60 -5.18
C VAL C 118 18.80 40.36 -3.88
N THR C 119 19.72 41.33 -3.91
CA THR C 119 20.13 42.04 -2.70
C THR C 119 18.97 42.64 -1.91
N PRO C 120 18.01 43.36 -2.50
CA PRO C 120 16.90 43.89 -1.68
C PRO C 120 15.92 42.83 -1.21
N PHE C 121 16.12 41.56 -1.56
CA PHE C 121 15.19 40.51 -1.18
C PHE C 121 15.84 39.47 -0.28
N THR C 122 16.93 39.83 0.39
CA THR C 122 17.69 38.90 1.23
C THR C 122 17.50 39.13 2.73
N SER C 123 16.73 40.14 3.15
CA SER C 123 16.67 40.51 4.56
C SER C 123 15.28 40.41 5.16
N GLY C 124 14.29 39.94 4.40
CA GLY C 124 12.95 39.80 4.94
C GLY C 124 12.10 41.04 4.84
N ASP C 125 12.57 42.09 4.17
CA ASP C 125 11.75 43.27 3.96
C ASP C 125 10.96 43.19 2.65
N LYS C 126 11.49 42.49 1.66
CA LYS C 126 10.77 42.15 0.44
C LYS C 126 11.02 40.69 0.13
N ILE C 127 9.99 40.01 -0.37
CA ILE C 127 10.13 38.63 -0.82
C ILE C 127 9.64 38.55 -2.26
N GLY C 128 10.02 37.45 -2.92
CA GLY C 128 9.69 37.24 -4.31
C GLY C 128 8.67 36.14 -4.52
N CYS C 129 8.37 35.89 -5.79
CA CYS C 129 7.45 34.82 -6.16
C CYS C 129 7.79 34.35 -7.56
N PHE C 130 7.10 33.29 -7.98
CA PHE C 130 7.48 32.48 -9.14
C PHE C 130 6.19 32.18 -9.89
N ALA C 131 6.07 32.69 -11.11
CA ALA C 131 4.82 32.63 -11.87
C ALA C 131 5.07 31.81 -13.13
N LEU C 132 4.86 30.50 -13.02
CA LEU C 132 5.02 29.59 -14.14
C LEU C 132 3.69 29.03 -14.61
N SER C 133 2.84 28.62 -13.66
CA SER C 133 1.57 28.00 -13.95
C SER C 133 0.58 29.01 -14.54
N GLU C 134 -0.39 28.50 -15.27
CA GLU C 134 -1.51 29.24 -15.82
C GLU C 134 -2.78 28.45 -15.57
N PRO C 135 -3.95 29.10 -15.63
CA PRO C 135 -5.18 28.40 -15.26
C PRO C 135 -5.43 27.15 -16.08
N GLY C 136 -5.02 27.14 -17.34
CA GLY C 136 -5.21 26.00 -18.22
C GLY C 136 -4.08 25.00 -18.25
N ASN C 137 -2.97 25.26 -17.54
CA ASN C 137 -1.84 24.34 -17.60
C ASN C 137 -0.94 24.56 -16.39
N GLY C 138 -0.87 23.56 -15.52
CA GLY C 138 0.08 23.58 -14.43
C GLY C 138 1.15 22.52 -14.62
N SER C 139 0.79 21.35 -15.13
CA SER C 139 1.78 20.27 -15.27
C SER C 139 2.62 20.39 -16.53
N ASP C 140 2.08 20.93 -17.62
CA ASP C 140 2.93 21.21 -18.77
C ASP C 140 3.30 22.68 -18.69
N ALA C 141 4.51 22.93 -18.21
CA ALA C 141 5.03 24.29 -18.19
C ALA C 141 5.08 24.88 -19.60
N GLY C 142 5.52 24.08 -20.55
CA GLY C 142 5.72 24.50 -21.93
C GLY C 142 4.55 25.04 -22.69
N ALA C 143 3.38 24.81 -22.20
CA ALA C 143 2.18 25.33 -22.82
C ALA C 143 1.82 26.75 -22.33
N ALA C 144 2.83 27.58 -22.03
CA ALA C 144 2.60 28.97 -21.65
C ALA C 144 1.92 29.76 -22.78
N SER C 145 0.72 30.26 -22.51
CA SER C 145 0.06 31.14 -23.47
C SER C 145 0.20 32.62 -23.13
N THR C 146 0.63 32.96 -21.91
CA THR C 146 1.04 34.34 -21.63
C THR C 146 2.19 34.70 -22.56
N THR C 147 2.14 35.88 -23.15
CA THR C 147 3.15 36.24 -24.14
C THR C 147 3.97 37.43 -23.64
N ALA C 148 5.18 37.52 -24.19
CA ALA C 148 6.06 38.66 -24.00
C ALA C 148 6.50 39.12 -25.39
N ARG C 149 6.17 40.35 -25.75
CA ARG C 149 6.54 40.91 -27.04
C ARG C 149 7.56 42.02 -26.84
N ALA C 150 8.61 42.03 -27.66
CA ALA C 150 9.64 43.05 -27.56
C ALA C 150 9.14 44.35 -28.17
N GLU C 151 9.35 45.47 -27.46
CA GLU C 151 8.98 46.78 -28.00
C GLU C 151 10.01 47.80 -27.50
N GLY C 152 11.02 48.04 -28.33
CA GLY C 152 11.99 49.08 -28.02
C GLY C 152 12.81 48.72 -26.80
N ASP C 153 12.83 49.61 -25.81
CA ASP C 153 13.53 49.34 -24.57
C ASP C 153 12.66 48.61 -23.55
N SER C 154 11.61 47.92 -23.99
CA SER C 154 10.65 47.27 -23.11
C SER C 154 10.21 45.92 -23.67
N TRP C 155 9.77 45.05 -22.75
CA TRP C 155 8.93 43.90 -23.08
C TRP C 155 7.50 44.22 -22.66
N VAL C 156 6.53 43.68 -23.39
CA VAL C 156 5.11 43.86 -23.06
C VAL C 156 4.51 42.49 -22.81
N LEU C 157 4.01 42.28 -21.59
CA LEU C 157 3.45 41.00 -21.17
C LEU C 157 1.93 41.02 -21.18
N ASN C 158 1.32 39.96 -21.69
CA ASN C 158 -0.13 39.80 -21.68
C ASN C 158 -0.50 38.37 -21.34
N GLY C 159 -1.44 38.21 -20.41
CA GLY C 159 -1.93 36.89 -20.04
C GLY C 159 -2.10 36.74 -18.56
N THR C 160 -2.62 35.58 -18.12
CA THR C 160 -2.87 35.32 -16.70
C THR C 160 -2.03 34.14 -16.25
N LYS C 161 -1.10 34.40 -15.32
CA LYS C 161 -0.43 33.34 -14.59
C LYS C 161 -1.29 32.96 -13.39
N ALA C 162 -1.20 31.69 -12.97
CA ALA C 162 -2.11 31.18 -11.96
C ALA C 162 -1.37 30.54 -10.80
N TRP C 163 -2.00 30.59 -9.64
CA TRP C 163 -1.60 29.85 -8.43
C TRP C 163 -0.34 30.44 -7.79
N ILE C 164 -0.14 31.75 -7.82
CA ILE C 164 1.15 32.30 -7.40
C ILE C 164 1.20 32.41 -5.88
N THR C 165 2.06 31.61 -5.25
CA THR C 165 2.32 31.75 -3.82
C THR C 165 3.08 33.03 -3.54
N ASN C 166 2.68 33.74 -2.48
CA ASN C 166 3.23 35.04 -2.06
C ASN C 166 2.70 36.16 -2.94
N ALA C 167 1.68 35.90 -3.76
CA ALA C 167 1.23 36.89 -4.74
C ALA C 167 0.84 38.20 -4.07
N TRP C 168 0.27 38.13 -2.87
CA TRP C 168 -0.24 39.32 -2.21
C TRP C 168 0.77 39.99 -1.31
N GLU C 169 2.01 39.50 -1.27
CA GLU C 169 3.03 40.06 -0.40
C GLU C 169 4.35 40.32 -1.12
N ALA C 170 4.53 39.79 -2.32
CA ALA C 170 5.82 39.88 -2.98
C ALA C 170 5.99 41.23 -3.66
N SER C 171 7.24 41.67 -3.75
CA SER C 171 7.61 42.88 -4.47
C SER C 171 8.28 42.60 -5.81
N ALA C 172 8.38 41.34 -6.22
CA ALA C 172 8.97 40.97 -7.51
C ALA C 172 8.57 39.54 -7.85
N ALA C 173 8.50 39.26 -9.15
CA ALA C 173 8.14 37.95 -9.65
C ALA C 173 9.10 37.52 -10.77
N VAL C 174 9.45 36.25 -10.79
CA VAL C 174 10.07 35.61 -11.95
C VAL C 174 8.92 35.05 -12.76
N VAL C 175 8.68 35.61 -13.94
CA VAL C 175 7.49 35.30 -14.75
C VAL C 175 7.94 34.64 -16.04
N PHE C 176 7.24 33.57 -16.41
CA PHE C 176 7.54 32.82 -17.62
C PHE C 176 6.46 33.12 -18.65
N ALA C 177 6.90 33.53 -19.84
CA ALA C 177 5.99 33.97 -20.88
C ALA C 177 6.54 33.55 -22.23
N SER C 178 5.63 33.34 -23.17
CA SER C 178 6.01 32.92 -24.52
C SER C 178 6.45 34.14 -25.34
N THR C 179 7.71 34.13 -25.78
CA THR C 179 8.24 35.13 -26.71
C THR C 179 8.16 34.68 -28.16
N ASP C 180 7.84 33.40 -28.37
CA ASP C 180 7.62 32.86 -29.69
C ASP C 180 6.75 31.61 -29.62
N ARG C 181 5.46 31.79 -29.73
CA ARG C 181 4.48 30.72 -29.70
C ARG C 181 4.79 29.56 -30.65
N ALA C 182 5.25 29.84 -31.86
CA ALA C 182 5.55 28.84 -32.84
C ALA C 182 6.60 27.87 -32.38
N LEU C 183 7.59 28.36 -31.66
CA LEU C 183 8.62 27.55 -31.09
C LEU C 183 8.19 26.67 -29.88
N GLN C 184 6.96 26.81 -29.39
CA GLN C 184 6.40 26.03 -28.32
C GLN C 184 7.36 26.07 -27.14
N ASN C 185 7.85 24.91 -26.85
CA ASN C 185 8.82 24.56 -25.86
C ASN C 185 10.12 25.31 -25.83
N LYS C 186 10.55 25.81 -26.97
CA LYS C 186 11.75 26.56 -27.07
C LYS C 186 11.48 28.04 -27.25
N GLY C 187 10.23 28.42 -27.16
CA GLY C 187 9.81 29.79 -27.28
C GLY C 187 9.37 30.48 -25.99
N ILE C 188 9.83 29.99 -24.86
CA ILE C 188 9.46 30.57 -23.58
C ILE C 188 10.65 31.33 -23.04
N SER C 189 10.39 32.44 -22.36
CA SER C 189 11.44 33.25 -21.75
C SER C 189 11.06 33.61 -20.33
N ALA C 190 12.07 34.02 -19.55
CA ALA C 190 11.91 34.30 -18.13
C ALA C 190 12.16 35.79 -17.89
N PHE C 191 11.33 36.38 -17.03
CA PHE C 191 11.30 37.83 -16.86
C PHE C 191 11.19 38.20 -15.40
N LEU C 192 12.04 39.14 -14.99
CA LEU C 192 11.95 39.78 -13.68
C LEU C 192 10.94 40.93 -13.73
N VAL C 193 9.90 40.84 -12.91
CA VAL C 193 8.78 41.79 -12.96
C VAL C 193 8.58 42.43 -11.59
N PRO C 194 8.49 43.77 -11.50
CA PRO C 194 8.25 44.40 -10.20
C PRO C 194 6.78 44.35 -9.81
N MET C 195 6.55 44.32 -8.50
CA MET C 195 5.19 44.30 -7.96
C MET C 195 5.11 45.33 -6.85
N PRO C 196 4.16 46.28 -6.90
CA PRO C 196 3.18 46.53 -7.97
C PRO C 196 3.81 47.16 -9.21
N THR C 197 3.08 47.14 -10.33
CA THR C 197 3.56 47.79 -11.55
C THR C 197 2.36 47.98 -12.47
N PRO C 198 2.35 49.04 -13.27
CA PRO C 198 1.19 49.25 -14.14
C PRO C 198 1.08 48.12 -15.15
N GLY C 199 -0.16 47.65 -15.37
CA GLY C 199 -0.40 46.51 -16.20
C GLY C 199 -0.60 45.21 -15.44
N LEU C 200 -0.35 45.20 -14.13
CA LEU C 200 -0.43 44.00 -13.30
C LEU C 200 -1.58 44.15 -12.31
N THR C 201 -2.53 43.22 -12.35
CA THR C 201 -3.59 43.11 -11.36
C THR C 201 -3.50 41.78 -10.65
N LEU C 202 -3.74 41.79 -9.34
CA LEU C 202 -3.79 40.56 -8.56
C LEU C 202 -5.20 40.00 -8.57
N GLY C 203 -5.32 38.70 -8.81
CA GLY C 203 -6.58 38.03 -8.60
C GLY C 203 -6.92 37.88 -7.12
N LYS C 204 -8.15 37.42 -6.89
CA LYS C 204 -8.60 37.10 -5.55
C LYS C 204 -7.78 35.97 -4.93
N LYS C 205 -7.51 36.07 -3.63
CA LYS C 205 -6.79 35.01 -2.93
C LYS C 205 -7.58 33.71 -2.96
N GLU C 206 -6.88 32.60 -3.16
CA GLU C 206 -7.51 31.30 -3.05
C GLU C 206 -7.76 30.94 -1.60
N ASP C 207 -8.91 30.33 -1.33
CA ASP C 207 -9.24 29.78 -0.03
C ASP C 207 -8.88 28.29 -0.03
N LYS C 208 -7.89 27.94 0.73
CA LYS C 208 -7.41 26.59 0.68
C LYS C 208 -7.50 25.64 1.82
N LEU C 209 -7.21 24.39 1.48
CA LEU C 209 -7.27 23.34 2.50
C LEU C 209 -6.21 23.57 3.58
N GLY C 210 -5.04 23.95 3.19
CA GLY C 210 -3.93 24.09 4.09
C GLY C 210 -2.97 25.13 3.60
N ILE C 211 -1.81 25.21 4.22
CA ILE C 211 -0.83 26.30 4.07
C ILE C 211 -1.53 27.70 3.93
N ARG C 212 -2.45 27.97 4.84
CA ARG C 212 -3.40 29.03 4.81
C ARG C 212 -2.78 30.39 5.06
N GLY C 213 -1.62 30.41 5.69
CA GLY C 213 -0.86 31.59 5.94
C GLY C 213 -0.20 32.20 4.71
N SER C 214 -0.07 31.42 3.66
CA SER C 214 0.49 31.82 2.42
C SER C 214 -0.62 32.36 1.55
N SER C 215 -0.30 33.34 0.71
CA SER C 215 -1.27 33.85 -0.24
C SER C 215 -1.08 33.15 -1.59
N THR C 216 -2.20 32.86 -2.28
CA THR C 216 -2.20 32.21 -3.59
C THR C 216 -3.21 32.92 -4.47
N ALA C 217 -2.77 33.47 -5.61
CA ALA C 217 -3.66 34.23 -6.47
C ALA C 217 -3.05 34.39 -7.87
N ASN C 218 -3.92 34.67 -8.84
CA ASN C 218 -3.46 34.91 -10.20
C ASN C 218 -2.73 36.25 -10.30
N LEU C 219 -1.77 36.32 -11.23
CA LEU C 219 -1.21 37.57 -11.71
C LEU C 219 -1.75 37.81 -13.11
N ILE C 220 -2.45 38.92 -13.30
CA ILE C 220 -3.14 39.27 -14.55
C ILE C 220 -2.35 40.39 -15.24
N PHE C 221 -1.71 40.06 -16.36
CA PHE C 221 -0.91 41.01 -17.13
C PHE C 221 -1.71 41.48 -18.34
N GLU C 222 -1.97 42.78 -18.42
CA GLU C 222 -2.68 43.37 -19.56
C GLU C 222 -1.80 44.50 -20.11
N ASP C 223 -1.15 44.24 -21.23
CA ASP C 223 -0.21 45.18 -21.85
C ASP C 223 0.74 45.77 -20.81
N CYS C 224 1.27 44.90 -19.97
CA CYS C 224 2.16 45.28 -18.89
C CYS C 224 3.58 45.40 -19.43
N ARG C 225 4.18 46.57 -19.25
CA ARG C 225 5.49 46.86 -19.84
C ARG C 225 6.57 46.79 -18.77
N ILE C 226 7.70 46.20 -19.13
CA ILE C 226 8.87 46.12 -18.24
C ILE C 226 10.12 46.45 -19.04
N PRO C 227 11.16 46.94 -18.37
CA PRO C 227 12.40 47.26 -19.09
C PRO C 227 12.97 46.09 -19.87
N LYS C 228 13.84 46.37 -20.84
CA LYS C 228 14.35 45.32 -21.73
C LYS C 228 15.23 44.33 -20.98
N ASP C 229 16.06 44.81 -20.05
CA ASP C 229 16.96 43.91 -19.34
C ASP C 229 16.30 43.22 -18.16
N SER C 230 14.97 43.18 -18.14
CA SER C 230 14.24 42.32 -17.22
C SER C 230 14.29 40.85 -17.64
N ILE C 231 14.69 40.55 -18.87
CA ILE C 231 14.73 39.15 -19.29
C ILE C 231 15.87 38.46 -18.57
N LEU C 232 15.60 37.27 -18.04
CA LEU C 232 16.60 36.44 -17.39
C LEU C 232 17.19 35.50 -18.43
N GLY C 233 18.49 35.57 -18.64
CA GLY C 233 19.06 34.83 -19.75
C GLY C 233 18.61 35.42 -21.08
N GLU C 234 18.60 34.58 -22.09
CA GLU C 234 18.26 34.98 -23.44
C GLU C 234 16.89 34.47 -23.83
N PRO C 235 16.26 35.02 -24.87
CA PRO C 235 14.95 34.51 -25.29
C PRO C 235 15.02 33.02 -25.62
N GLY C 236 13.92 32.31 -25.35
CA GLY C 236 13.86 30.89 -25.53
C GLY C 236 14.41 30.05 -24.40
N MET C 237 15.19 30.63 -23.49
CA MET C 237 15.74 29.86 -22.39
C MET C 237 14.75 29.65 -21.25
N GLY C 238 13.53 30.20 -21.36
CA GLY C 238 12.60 30.15 -20.24
C GLY C 238 12.26 28.75 -19.79
N PHE C 239 12.09 27.83 -20.74
CA PHE C 239 11.71 26.48 -20.36
C PHE C 239 12.82 25.80 -19.55
N LYS C 240 14.08 25.92 -19.99
CA LYS C 240 15.17 25.35 -19.20
C LYS C 240 15.27 26.02 -17.83
N ILE C 241 15.07 27.34 -17.78
CA ILE C 241 15.17 28.05 -16.50
C ILE C 241 14.10 27.57 -15.53
N ALA C 242 12.86 27.44 -16.01
CA ALA C 242 11.78 26.92 -15.17
C ALA C 242 12.11 25.55 -14.63
N MET C 243 12.61 24.65 -15.50
CA MET C 243 12.86 23.27 -15.10
C MET C 243 13.98 23.19 -14.08
N GLN C 244 15.09 23.87 -14.35
CA GLN C 244 16.22 23.86 -13.42
C GLN C 244 15.87 24.58 -12.12
N THR C 245 14.99 25.58 -12.17
CA THR C 245 14.50 26.18 -10.93
C THR C 245 13.66 25.20 -10.15
N LEU C 246 12.76 24.47 -10.82
CA LEU C 246 11.92 23.52 -10.11
C LEU C 246 12.73 22.38 -9.52
N ASP C 247 13.87 22.03 -10.15
CA ASP C 247 14.73 20.99 -9.55
C ASP C 247 15.22 21.44 -8.17
N MET C 248 15.66 22.70 -8.06
CA MET C 248 16.07 23.23 -6.76
C MET C 248 14.87 23.38 -5.84
N GLY C 249 13.77 23.91 -6.37
CA GLY C 249 12.59 24.10 -5.53
C GLY C 249 12.07 22.80 -4.96
N ARG C 250 12.18 21.69 -5.71
CA ARG C 250 11.67 20.42 -5.21
C ARG C 250 12.41 19.97 -3.96
N ILE C 251 13.70 20.31 -3.83
CA ILE C 251 14.42 20.02 -2.60
C ILE C 251 13.82 20.80 -1.44
N GLY C 252 13.46 22.06 -1.68
CA GLY C 252 12.80 22.85 -0.66
C GLY C 252 11.46 22.27 -0.25
N ILE C 253 10.66 21.81 -1.22
CA ILE C 253 9.35 21.25 -0.87
C ILE C 253 9.50 19.91 -0.17
N ALA C 254 10.43 19.06 -0.62
CA ALA C 254 10.71 17.85 0.13
C ALA C 254 11.02 18.17 1.58
N SER C 255 11.83 19.21 1.81
CA SER C 255 12.23 19.56 3.17
C SER C 255 11.04 20.07 3.97
N GLN C 256 10.15 20.80 3.35
CA GLN C 256 8.93 21.26 3.99
C GLN C 256 8.10 20.01 4.43
N ALA C 257 7.96 19.05 3.54
CA ALA C 257 7.22 17.85 3.84
C ALA C 257 7.84 17.09 5.01
N LEU C 258 9.18 17.06 5.08
CA LEU C 258 9.87 16.49 6.23
C LEU C 258 9.47 17.19 7.53
N GLY C 259 9.38 18.51 7.50
CA GLY C 259 9.01 19.24 8.71
C GLY C 259 7.60 18.92 9.15
N ILE C 260 6.67 18.91 8.20
CA ILE C 260 5.29 18.53 8.48
C ILE C 260 5.22 17.11 9.04
N ALA C 261 6.00 16.21 8.45
CA ALA C 261 5.97 14.82 8.91
C ALA C 261 6.56 14.70 10.30
N GLN C 262 7.72 15.33 10.52
CA GLN C 262 8.37 15.26 11.83
C GLN C 262 7.45 15.80 12.93
N THR C 263 6.82 16.96 12.69
CA THR C 263 5.99 17.50 13.76
C THR C 263 4.73 16.66 13.98
N ALA C 264 4.20 16.04 12.92
CA ALA C 264 3.10 15.09 13.09
C ALA C 264 3.55 13.89 13.92
N LEU C 265 4.75 13.36 13.65
CA LEU C 265 5.27 12.24 14.44
C LEU C 265 5.56 12.67 15.87
N ASP C 266 6.16 13.85 16.06
CA ASP C 266 6.34 14.37 17.42
C ASP C 266 5.02 14.36 18.17
N CYS C 267 3.96 14.79 17.51
CA CYS C 267 2.66 14.88 18.15
C CYS C 267 2.13 13.49 18.51
N ALA C 268 2.33 12.51 17.62
CA ALA C 268 1.80 11.18 17.87
C ALA C 268 2.54 10.48 19.01
N VAL C 269 3.86 10.67 19.08
CA VAL C 269 4.64 10.03 20.14
C VAL C 269 4.27 10.64 21.49
N ASN C 270 4.26 11.97 21.58
CA ASN C 270 3.87 12.58 22.84
C ASN C 270 2.48 12.15 23.27
N TYR C 271 1.54 12.09 22.32
CA TYR C 271 0.17 11.74 22.68
C TYR C 271 0.07 10.29 23.13
N ALA C 272 0.65 9.36 22.35
CA ALA C 272 0.52 7.94 22.66
C ALA C 272 1.22 7.59 23.97
N GLU C 273 2.28 8.32 24.32
CA GLU C 273 2.97 8.10 25.58
C GLU C 273 2.13 8.56 26.79
N ASN C 274 1.17 9.44 26.59
CA ASN C 274 0.45 10.03 27.71
C ASN C 274 -1.05 9.78 27.67
N ARG C 275 -1.50 8.99 26.74
CA ARG C 275 -2.88 8.60 26.69
C ARG C 275 -3.01 7.11 27.09
N MET C 276 -3.89 6.79 28.03
CA MET C 276 -4.12 5.42 28.44
C MET C 276 -5.31 4.83 27.71
N ALA C 277 -5.26 3.51 27.47
CA ALA C 277 -6.41 2.75 27.00
C ALA C 277 -6.22 1.31 27.46
N PHE C 278 -7.31 0.69 27.93
CA PHE C 278 -7.30 -0.70 28.38
C PHE C 278 -6.19 -0.92 29.42
N GLY C 279 -5.96 0.09 30.25
CA GLY C 279 -5.10 -0.05 31.41
C GLY C 279 -3.64 0.29 31.20
N ALA C 280 -3.26 0.82 30.05
CA ALA C 280 -1.85 1.03 29.75
C ALA C 280 -1.74 2.13 28.70
N PRO C 281 -0.57 2.75 28.57
CA PRO C 281 -0.39 3.74 27.51
C PRO C 281 -0.60 3.15 26.14
N LEU C 282 -0.96 4.01 25.18
CA LEU C 282 -1.13 3.55 23.80
C LEU C 282 0.14 2.90 23.27
N THR C 283 1.32 3.44 23.64
CA THR C 283 2.59 2.89 23.17
C THR C 283 2.83 1.45 23.65
N LYS C 284 2.01 0.93 24.56
CA LYS C 284 2.08 -0.48 24.91
C LYS C 284 1.38 -1.37 23.89
N LEU C 285 0.53 -0.79 23.04
CA LEU C 285 -0.19 -1.59 22.05
C LEU C 285 0.71 -1.86 20.85
N GLN C 286 0.77 -3.13 20.44
CA GLN C 286 1.67 -3.53 19.37
C GLN C 286 1.33 -2.81 18.07
N VAL C 287 0.04 -2.65 17.77
CA VAL C 287 -0.37 -1.93 16.56
C VAL C 287 0.11 -0.49 16.59
N ILE C 288 0.12 0.13 17.77
CA ILE C 288 0.60 1.51 17.85
C ILE C 288 2.10 1.57 17.63
N GLN C 289 2.84 0.65 18.28
CA GLN C 289 4.28 0.57 18.04
C GLN C 289 4.59 0.40 16.56
N PHE C 290 3.80 -0.40 15.85
CA PHE C 290 4.07 -0.60 14.42
C PHE C 290 3.81 0.67 13.62
N LYS C 291 2.74 1.39 13.94
CA LYS C 291 2.45 2.65 13.25
C LYS C 291 3.60 3.63 13.41
N LEU C 292 4.05 3.79 14.65
CA LEU C 292 5.16 4.69 14.94
C LEU C 292 6.42 4.27 14.22
N ALA C 293 6.73 2.96 14.24
CA ALA C 293 7.92 2.51 13.53
C ALA C 293 7.80 2.78 12.04
N ASP C 294 6.62 2.51 11.47
CA ASP C 294 6.43 2.77 10.04
C ASP C 294 6.53 4.26 9.73
N MET C 295 6.06 5.10 10.66
CA MET C 295 6.18 6.54 10.46
C MET C 295 7.63 6.97 10.47
N ALA C 296 8.40 6.50 11.45
CA ALA C 296 9.83 6.86 11.56
C ALA C 296 10.61 6.41 10.34
N LEU C 297 10.38 5.18 9.89
CA LEU C 297 11.08 4.68 8.71
C LEU C 297 10.81 5.58 7.50
N ALA C 298 9.53 5.80 7.19
CA ALA C 298 9.18 6.63 6.05
C ALA C 298 9.79 8.02 6.16
N LEU C 299 9.79 8.60 7.36
CA LEU C 299 10.34 9.95 7.51
C LEU C 299 11.85 9.94 7.34
N GLU C 300 12.55 9.01 7.98
CA GLU C 300 14.01 9.02 7.93
C GLU C 300 14.53 8.68 6.55
N SER C 301 13.92 7.71 5.84
CA SER C 301 14.39 7.45 4.48
C SER C 301 14.08 8.62 3.54
N ALA C 302 12.92 9.28 3.70
CA ALA C 302 12.66 10.43 2.85
C ALA C 302 13.67 11.54 3.09
N ARG C 303 14.11 11.70 4.34
CA ARG C 303 15.13 12.71 4.64
C ARG C 303 16.47 12.35 4.01
N LEU C 304 16.84 11.07 4.02
CA LEU C 304 18.09 10.68 3.37
C LEU C 304 18.03 10.97 1.88
N LEU C 305 16.87 10.71 1.24
CA LEU C 305 16.69 11.11 -0.16
C LEU C 305 16.85 12.62 -0.32
N THR C 306 16.33 13.40 0.62
CA THR C 306 16.37 14.84 0.49
C THR C 306 17.80 15.38 0.64
N TRP C 307 18.49 14.92 1.69
CA TRP C 307 19.86 15.35 1.90
C TRP C 307 20.76 14.93 0.73
N ARG C 308 20.50 13.74 0.15
CA ARG C 308 21.27 13.33 -1.03
C ARG C 308 21.14 14.34 -2.17
N ALA C 309 19.89 14.73 -2.49
CA ALA C 309 19.68 15.70 -3.57
C ALA C 309 20.35 17.04 -3.26
N ALA C 310 20.24 17.50 -2.03
CA ALA C 310 20.88 18.75 -1.63
C ALA C 310 22.39 18.68 -1.78
N MET C 311 22.99 17.59 -1.32
CA MET C 311 24.44 17.48 -1.36
C MET C 311 24.95 17.34 -2.80
N LEU C 312 24.23 16.57 -3.63
CA LEU C 312 24.58 16.48 -5.04
C LEU C 312 24.55 17.87 -5.68
N LYS C 313 23.50 18.64 -5.42
CA LYS C 313 23.46 20.01 -5.93
C LYS C 313 24.64 20.81 -5.40
N ASP C 314 24.93 20.70 -4.10
CA ASP C 314 26.07 21.41 -3.53
C ASP C 314 27.38 20.98 -4.19
N ASN C 315 27.50 19.72 -4.58
CA ASN C 315 28.73 19.18 -5.11
C ASN C 315 28.83 19.35 -6.63
N LYS C 316 27.88 20.07 -7.22
CA LYS C 316 27.87 20.41 -8.66
C LYS C 316 27.68 19.18 -9.53
N LYS C 317 26.86 18.24 -9.05
CA LYS C 317 26.49 17.02 -9.75
C LYS C 317 25.04 17.12 -10.23
N PRO C 318 24.65 16.34 -11.23
CA PRO C 318 23.22 16.29 -11.60
C PRO C 318 22.38 15.76 -10.44
N PHE C 319 21.16 16.30 -10.32
CA PHE C 319 20.28 15.88 -9.23
C PHE C 319 18.80 15.96 -9.58
N ILE C 320 18.45 16.00 -10.87
CA ILE C 320 17.04 16.08 -11.26
C ILE C 320 16.28 14.87 -10.72
N LYS C 321 16.74 13.66 -11.06
CA LYS C 321 16.06 12.46 -10.59
C LYS C 321 16.05 12.40 -9.06
N GLU C 322 17.16 12.77 -8.44
CA GLU C 322 17.26 12.67 -6.98
C GLU C 322 16.36 13.69 -6.29
N ALA C 323 16.23 14.92 -6.84
CA ALA C 323 15.32 15.89 -6.23
C ALA C 323 13.87 15.45 -6.39
N ALA C 324 13.54 14.86 -7.54
CA ALA C 324 12.18 14.35 -7.75
C ALA C 324 11.87 13.22 -6.77
N MET C 325 12.79 12.26 -6.62
CA MET C 325 12.57 11.20 -5.63
C MET C 325 12.35 11.77 -4.24
N ALA C 326 13.17 12.74 -3.86
CA ALA C 326 13.04 13.33 -2.53
C ALA C 326 11.66 13.97 -2.35
N LYS C 327 11.27 14.82 -3.29
CA LYS C 327 9.97 15.51 -3.18
C LYS C 327 8.82 14.52 -3.18
N LEU C 328 8.89 13.50 -4.02
CA LEU C 328 7.84 12.48 -4.07
C LEU C 328 7.77 11.70 -2.76
N ALA C 329 8.92 11.22 -2.30
CA ALA C 329 8.96 10.40 -1.10
C ALA C 329 8.48 11.17 0.13
N ALA C 330 9.04 12.36 0.34
CA ALA C 330 8.73 13.15 1.53
C ALA C 330 7.29 13.63 1.52
N SER C 331 6.78 14.02 0.34
CA SER C 331 5.40 14.46 0.25
C SER C 331 4.44 13.32 0.59
N GLU C 332 4.65 12.13 0.02
CA GLU C 332 3.73 11.03 0.34
C GLU C 332 3.92 10.57 1.78
N ALA C 333 5.15 10.64 2.29
CA ALA C 333 5.36 10.35 3.70
C ALA C 333 4.65 11.36 4.59
N ALA C 334 4.63 12.63 4.19
CA ALA C 334 3.97 13.64 5.02
C ALA C 334 2.48 13.39 5.13
N THR C 335 1.83 13.01 4.02
CA THR C 335 0.40 12.69 4.12
C THR C 335 0.17 11.42 4.92
N ALA C 336 0.95 10.36 4.66
CA ALA C 336 0.71 9.09 5.37
C ALA C 336 0.97 9.26 6.87
N ILE C 337 2.06 9.94 7.22
CA ILE C 337 2.42 10.10 8.62
C ILE C 337 1.41 10.99 9.33
N SER C 338 1.06 12.13 8.70
CA SER C 338 0.03 13.00 9.27
C SER C 338 -1.32 12.29 9.37
N HIS C 339 -1.68 11.45 8.39
CA HIS C 339 -2.89 10.64 8.52
C HIS C 339 -2.83 9.72 9.74
N GLN C 340 -1.70 9.05 9.94
CA GLN C 340 -1.58 8.11 11.04
C GLN C 340 -1.46 8.81 12.38
N ALA C 341 -0.93 10.04 12.39
CA ALA C 341 -0.93 10.82 13.63
C ALA C 341 -2.36 11.13 14.08
N ILE C 342 -3.20 11.57 13.15
CA ILE C 342 -4.63 11.72 13.45
C ILE C 342 -5.19 10.44 14.06
N GLN C 343 -4.89 9.30 13.42
CA GLN C 343 -5.46 8.04 13.86
C GLN C 343 -5.03 7.69 15.27
N ILE C 344 -3.75 7.94 15.59
CA ILE C 344 -3.24 7.65 16.92
C ILE C 344 -3.93 8.52 17.97
N LEU C 345 -4.27 9.76 17.61
CA LEU C 345 -4.96 10.64 18.54
C LEU C 345 -6.44 10.30 18.69
N GLY C 346 -6.99 9.53 17.75
CA GLY C 346 -8.40 9.19 17.82
C GLY C 346 -9.24 10.45 17.65
N GLY C 347 -10.26 10.59 18.50
CA GLY C 347 -11.13 11.74 18.41
C GLY C 347 -10.36 13.05 18.42
N MET C 348 -9.35 13.15 19.28
CA MET C 348 -8.54 14.38 19.35
C MET C 348 -7.86 14.71 18.03
N GLY C 349 -7.65 13.72 17.16
CA GLY C 349 -7.02 13.99 15.87
C GLY C 349 -7.90 14.72 14.88
N TYR C 350 -9.19 14.79 15.12
CA TYR C 350 -10.12 15.43 14.22
C TYR C 350 -10.56 16.87 14.59
N VAL C 351 -10.03 17.43 15.67
CA VAL C 351 -10.48 18.71 16.18
C VAL C 351 -9.31 19.63 16.43
N THR C 352 -9.62 20.93 16.58
CA THR C 352 -8.58 21.96 16.68
C THR C 352 -7.88 21.99 18.04
N GLU C 353 -8.36 21.24 19.04
CA GLU C 353 -7.62 21.14 20.30
C GLU C 353 -6.20 20.66 20.07
N MET C 354 -5.99 19.88 19.03
CA MET C 354 -4.69 19.30 18.69
C MET C 354 -4.28 19.75 17.30
N PRO C 355 -2.98 19.72 17.00
CA PRO C 355 -2.50 20.17 15.69
C PRO C 355 -2.53 19.11 14.59
N ALA C 356 -2.96 17.88 14.91
CA ALA C 356 -2.84 16.79 13.95
C ALA C 356 -3.67 17.05 12.70
N GLU C 357 -4.90 17.58 12.86
CA GLU C 357 -5.72 17.76 11.66
C GLU C 357 -5.15 18.84 10.76
N ARG C 358 -4.52 19.87 11.34
CA ARG C 358 -3.84 20.87 10.52
C ARG C 358 -2.67 20.25 9.76
N HIS C 359 -1.89 19.38 10.42
CA HIS C 359 -0.74 18.76 9.73
C HIS C 359 -1.18 17.90 8.55
N TYR C 360 -2.35 17.28 8.66
CA TYR C 360 -2.91 16.51 7.56
C TYR C 360 -3.24 17.41 6.37
N ARG C 361 -3.85 18.57 6.65
CA ARG C 361 -4.24 19.52 5.60
C ARG C 361 -3.02 20.16 4.95
N ASP C 362 -2.02 20.54 5.71
CA ASP C 362 -0.81 21.09 5.20
C ASP C 362 -0.04 20.08 4.35
N ALA C 363 0.07 18.86 4.83
CA ALA C 363 0.80 17.85 4.06
C ALA C 363 0.19 17.65 2.68
N ARG C 364 -1.13 17.75 2.57
CA ARG C 364 -1.80 17.39 1.32
C ARG C 364 -1.26 18.17 0.12
N ILE C 365 -0.83 19.41 0.32
CA ILE C 365 -0.31 20.27 -0.76
C ILE C 365 1.01 19.79 -1.34
N THR C 366 1.83 19.17 -0.51
CA THR C 366 3.17 18.81 -0.98
C THR C 366 3.14 17.75 -2.06
N GLU C 367 2.02 17.05 -2.21
CA GLU C 367 1.83 16.08 -3.30
C GLU C 367 1.36 16.74 -4.58
N ILE C 368 1.13 18.05 -4.57
CA ILE C 368 0.54 18.71 -5.72
C ILE C 368 1.49 19.72 -6.35
N TYR C 369 1.89 20.75 -5.61
CA TYR C 369 2.73 21.82 -6.14
C TYR C 369 4.17 21.48 -6.45
N GLU C 370 4.79 22.33 -7.25
CA GLU C 370 6.12 22.10 -7.81
C GLU C 370 6.20 20.75 -8.52
N GLY C 371 5.09 20.39 -9.18
CA GLY C 371 5.00 19.16 -9.93
C GLY C 371 4.35 18.07 -9.10
N THR C 372 3.15 17.63 -9.49
CA THR C 372 2.44 16.59 -8.75
C THR C 372 3.26 15.31 -8.67
N SER C 373 2.80 14.40 -7.82
CA SER C 373 3.45 13.11 -7.67
C SER C 373 3.48 12.36 -8.99
N GLU C 374 2.40 12.44 -9.78
CA GLU C 374 2.38 11.81 -11.10
C GLU C 374 3.50 12.36 -11.99
N ILE C 375 3.64 13.68 -12.02
CA ILE C 375 4.73 14.32 -12.74
C ILE C 375 6.08 13.88 -12.21
N GLN C 376 6.21 13.80 -10.87
CA GLN C 376 7.48 13.34 -10.29
C GLN C 376 7.82 11.94 -10.78
N ARG C 377 6.84 11.05 -10.87
CA ARG C 377 7.14 9.68 -11.31
C ARG C 377 7.51 9.65 -12.80
N LEU C 378 6.89 10.51 -13.61
CA LEU C 378 7.31 10.64 -15.00
C LEU C 378 8.74 11.16 -15.08
N VAL C 379 9.09 12.15 -14.26
CA VAL C 379 10.45 12.66 -14.27
C VAL C 379 11.43 11.56 -13.86
N ILE C 380 11.09 10.80 -12.82
CA ILE C 380 12.00 9.77 -12.34
C ILE C 380 12.16 8.69 -13.39
N ALA C 381 11.06 8.27 -14.02
CA ALA C 381 11.13 7.21 -15.02
C ALA C 381 12.01 7.64 -16.20
N GLY C 382 11.80 8.85 -16.72
CA GLY C 382 12.57 9.30 -17.87
C GLY C 382 14.05 9.30 -17.60
N HIS C 383 14.46 9.75 -16.41
CA HIS C 383 15.88 9.78 -16.09
C HIS C 383 16.43 8.41 -15.73
N LEU C 384 15.62 7.54 -15.12
CA LEU C 384 16.09 6.17 -14.92
C LEU C 384 16.43 5.51 -16.25
N LEU C 385 15.54 5.65 -17.24
CA LEU C 385 15.78 5.03 -18.55
C LEU C 385 16.99 5.62 -19.24
N ARG C 386 17.17 6.94 -19.17
CA ARG C 386 18.40 7.57 -19.68
C ARG C 386 19.65 6.96 -19.02
N SER C 387 19.58 6.68 -17.73
CA SER C 387 20.74 6.11 -17.04
C SER C 387 21.12 4.77 -17.67
N TYR C 388 20.13 3.93 -17.97
CA TYR C 388 20.44 2.62 -18.54
C TYR C 388 20.90 2.70 -19.98
N ARG C 389 20.57 3.78 -20.68
CA ARG C 389 20.95 3.93 -22.08
C ARG C 389 22.42 4.32 -22.27
N ILE D 6 -20.65 4.72 -10.86
CA ILE D 6 -21.92 4.05 -11.15
C ILE D 6 -21.75 2.54 -11.30
N TYR D 7 -22.52 1.77 -10.53
CA TYR D 7 -22.38 0.33 -10.37
C TYR D 7 -23.64 -0.40 -10.82
N GLN D 8 -23.42 -1.60 -11.28
CA GLN D 8 -24.49 -2.40 -11.77
C GLN D 8 -24.33 -3.58 -11.00
N SER D 9 -24.88 -3.52 -9.84
CA SER D 9 -24.72 -4.61 -9.01
C SER D 9 -25.95 -5.16 -8.29
N VAL D 10 -26.10 -6.42 -8.63
CA VAL D 10 -27.01 -7.37 -8.14
C VAL D 10 -28.38 -7.10 -8.64
N GLU D 11 -29.26 -7.82 -8.01
CA GLU D 11 -30.63 -8.00 -8.21
C GLU D 11 -31.69 -7.16 -7.46
N LEU D 12 -31.48 -5.89 -7.22
CA LEU D 12 -32.49 -5.15 -6.42
C LEU D 12 -33.99 -5.28 -6.46
N PRO D 13 -34.59 -5.42 -5.30
CA PRO D 13 -36.02 -5.43 -5.21
C PRO D 13 -36.53 -4.04 -5.63
N GLU D 14 -37.68 -4.04 -6.28
CA GLU D 14 -38.16 -2.78 -6.83
C GLU D 14 -38.50 -1.77 -5.72
N THR D 15 -38.88 -2.24 -4.54
CA THR D 15 -39.08 -1.32 -3.43
C THR D 15 -37.79 -0.56 -3.13
N HIS D 16 -36.66 -1.29 -3.09
CA HIS D 16 -35.37 -0.68 -2.80
C HIS D 16 -34.80 0.07 -4.00
N GLN D 17 -35.10 -0.38 -5.22
CA GLN D 17 -34.73 0.40 -6.39
C GLN D 17 -35.42 1.77 -6.37
N MET D 18 -36.70 1.80 -6.05
CA MET D 18 -37.40 3.07 -6.00
C MET D 18 -36.90 3.94 -4.84
N LEU D 19 -36.55 3.31 -3.71
CA LEU D 19 -36.02 4.07 -2.59
C LEU D 19 -34.71 4.76 -2.96
N LEU D 20 -33.85 4.06 -3.71
CA LEU D 20 -32.61 4.67 -4.16
C LEU D 20 -32.89 5.92 -5.00
N GLN D 21 -33.81 5.82 -5.97
CA GLN D 21 -34.12 6.98 -6.81
C GLN D 21 -34.70 8.13 -5.99
N THR D 22 -35.65 7.84 -5.10
CA THR D 22 -36.23 8.87 -4.24
C THR D 22 -35.14 9.60 -3.45
N CYS D 23 -34.25 8.83 -2.85
CA CYS D 23 -33.17 9.39 -2.04
C CYS D 23 -32.18 10.17 -2.88
N ARG D 24 -31.74 9.59 -4.00
CA ARG D 24 -30.86 10.31 -4.92
C ARG D 24 -31.50 11.61 -5.38
N ASP D 25 -32.79 11.58 -5.74
CA ASP D 25 -33.45 12.82 -6.15
C ASP D 25 -33.52 13.81 -4.99
N PHE D 26 -33.87 13.35 -3.80
CA PHE D 26 -33.86 14.25 -2.65
C PHE D 26 -32.48 14.88 -2.47
N ALA D 27 -31.43 14.05 -2.51
CA ALA D 27 -30.08 14.56 -2.26
C ALA D 27 -29.68 15.58 -3.30
N GLU D 28 -29.84 15.25 -4.58
CA GLU D 28 -29.42 16.18 -5.63
C GLU D 28 -30.24 17.46 -5.58
N LYS D 29 -31.53 17.38 -5.22
CA LYS D 29 -32.36 18.58 -5.20
C LYS D 29 -32.22 19.38 -3.91
N GLU D 30 -32.08 18.72 -2.75
CA GLU D 30 -32.10 19.42 -1.47
C GLU D 30 -30.74 19.47 -0.77
N LEU D 31 -29.83 18.54 -1.04
CA LEU D 31 -28.60 18.46 -0.24
C LEU D 31 -27.39 19.01 -0.99
N PHE D 32 -27.19 18.61 -2.24
CA PHE D 32 -26.08 19.12 -3.05
C PHE D 32 -25.96 20.65 -3.02
N PRO D 33 -27.04 21.43 -3.21
CA PRO D 33 -26.87 22.90 -3.20
C PRO D 33 -26.42 23.47 -1.86
N ILE D 34 -26.66 22.79 -0.75
CA ILE D 34 -26.37 23.33 0.58
C ILE D 34 -25.12 22.74 1.23
N ALA D 35 -24.49 21.72 0.61
CA ALA D 35 -23.40 21.02 1.27
C ALA D 35 -22.23 21.96 1.55
N ALA D 36 -21.91 22.85 0.61
CA ALA D 36 -20.79 23.77 0.82
C ALA D 36 -21.09 24.75 1.95
N GLN D 37 -22.34 25.24 2.03
CA GLN D 37 -22.67 26.19 3.10
C GLN D 37 -22.71 25.51 4.46
N VAL D 38 -23.30 24.32 4.52
CA VAL D 38 -23.38 23.58 5.77
C VAL D 38 -21.97 23.39 6.34
N ASP D 39 -21.01 23.06 5.49
CA ASP D 39 -19.65 22.81 5.93
C ASP D 39 -18.94 24.12 6.29
N LYS D 40 -18.98 25.11 5.40
CA LYS D 40 -18.20 26.32 5.65
C LYS D 40 -18.75 27.11 6.85
N GLU D 41 -20.07 27.14 7.03
CA GLU D 41 -20.67 27.90 8.10
C GLU D 41 -20.99 27.08 9.33
N HIS D 42 -20.60 25.80 9.35
CA HIS D 42 -20.88 24.89 10.49
C HIS D 42 -22.36 24.96 10.84
N LEU D 43 -23.22 24.85 9.84
CA LEU D 43 -24.64 25.15 9.98
C LEU D 43 -25.45 23.86 9.98
N PHE D 44 -26.14 23.59 11.08
CA PHE D 44 -27.00 22.42 11.17
C PHE D 44 -28.11 22.55 10.14
N PRO D 45 -28.30 21.56 9.26
CA PRO D 45 -29.28 21.72 8.15
C PRO D 45 -30.70 21.42 8.58
N ALA D 46 -31.28 22.36 9.34
CA ALA D 46 -32.50 22.08 10.09
C ALA D 46 -33.68 21.81 9.17
N ALA D 47 -33.93 22.71 8.21
CA ALA D 47 -35.07 22.53 7.31
C ALA D 47 -34.99 21.21 6.57
N GLN D 48 -33.79 20.81 6.12
CA GLN D 48 -33.67 19.57 5.37
C GLN D 48 -33.85 18.35 6.26
N VAL D 49 -33.41 18.43 7.53
CA VAL D 49 -33.64 17.32 8.46
C VAL D 49 -35.14 17.16 8.72
N LYS D 50 -35.83 18.28 8.96
CA LYS D 50 -37.28 18.25 9.09
C LYS D 50 -37.93 17.58 7.88
N LYS D 51 -37.46 17.91 6.67
CA LYS D 51 -38.09 17.36 5.49
C LYS D 51 -37.78 15.87 5.36
N MET D 52 -36.53 15.47 5.62
CA MET D 52 -36.22 14.05 5.67
C MET D 52 -37.11 13.32 6.65
N GLY D 53 -37.32 13.91 7.84
CA GLY D 53 -38.18 13.29 8.83
C GLY D 53 -39.57 13.02 8.28
N GLY D 54 -40.14 14.00 7.56
CA GLY D 54 -41.43 13.78 6.92
C GLY D 54 -41.43 12.60 5.96
N LEU D 55 -40.30 12.37 5.28
CA LEU D 55 -40.15 11.27 4.33
C LEU D 55 -39.98 9.91 5.00
N GLY D 56 -39.72 9.86 6.30
CA GLY D 56 -39.42 8.60 6.93
C GLY D 56 -37.94 8.27 7.01
N LEU D 57 -37.07 9.16 6.55
CA LEU D 57 -35.65 8.85 6.48
C LEU D 57 -34.97 8.86 7.83
N LEU D 58 -35.53 9.58 8.82
CA LEU D 58 -34.94 9.61 10.16
C LEU D 58 -35.34 8.41 11.02
N ALA D 59 -36.26 7.56 10.55
CA ALA D 59 -36.80 6.44 11.31
C ALA D 59 -37.13 5.30 10.36
N MET D 60 -36.12 4.83 9.63
CA MET D 60 -36.37 3.92 8.53
C MET D 60 -36.75 2.52 9.00
N ASP D 61 -36.08 2.02 10.04
CA ASP D 61 -36.29 0.68 10.55
C ASP D 61 -37.36 0.64 11.65
N VAL D 62 -37.98 1.78 11.96
CA VAL D 62 -38.99 1.84 13.02
C VAL D 62 -40.32 1.34 12.47
N PRO D 63 -41.02 0.43 13.17
CA PRO D 63 -42.33 -0.02 12.67
C PRO D 63 -43.26 1.15 12.44
N GLU D 64 -44.13 1.01 11.44
CA GLU D 64 -44.99 2.12 11.07
C GLU D 64 -45.95 2.51 12.19
N GLU D 65 -46.39 1.53 12.99
CA GLU D 65 -47.30 1.83 14.09
C GLU D 65 -46.65 2.69 15.17
N LEU D 66 -45.32 2.72 15.23
CA LEU D 66 -44.61 3.65 16.11
C LEU D 66 -44.25 4.96 15.43
N GLY D 67 -44.66 5.13 14.16
CA GLY D 67 -44.36 6.35 13.44
C GLY D 67 -43.23 6.26 12.44
N GLY D 68 -42.62 5.10 12.28
CA GLY D 68 -41.53 4.93 11.34
C GLY D 68 -42.00 4.50 9.97
N ALA D 69 -41.01 4.20 9.11
CA ALA D 69 -41.26 3.83 7.72
C ALA D 69 -41.39 2.33 7.50
N GLY D 70 -41.08 1.52 8.49
CA GLY D 70 -41.21 0.08 8.35
C GLY D 70 -40.33 -0.54 7.30
N LEU D 71 -39.16 0.03 7.04
CA LEU D 71 -38.29 -0.55 6.03
C LEU D 71 -37.30 -1.51 6.69
N ASP D 72 -36.23 -1.86 5.99
CA ASP D 72 -35.25 -2.80 6.52
C ASP D 72 -33.86 -2.16 6.46
N TYR D 73 -32.84 -2.91 6.89
CA TYR D 73 -31.52 -2.30 6.98
C TYR D 73 -30.81 -2.26 5.64
N LEU D 74 -31.24 -3.07 4.66
CA LEU D 74 -30.76 -2.87 3.30
C LEU D 74 -31.22 -1.53 2.76
N ALA D 75 -32.48 -1.18 3.03
CA ALA D 75 -33.01 0.13 2.61
C ALA D 75 -32.26 1.26 3.30
N TYR D 76 -31.97 1.08 4.59
CA TYR D 76 -31.24 2.09 5.36
C TYR D 76 -29.87 2.35 4.75
N ALA D 77 -29.15 1.28 4.40
CA ALA D 77 -27.85 1.44 3.78
C ALA D 77 -27.95 2.21 2.46
N ILE D 78 -28.92 1.85 1.62
CA ILE D 78 -29.07 2.54 0.35
C ILE D 78 -29.40 4.02 0.59
N ALA D 79 -30.32 4.29 1.51
CA ALA D 79 -30.67 5.68 1.80
C ALA D 79 -29.48 6.45 2.38
N MET D 80 -28.75 5.83 3.31
CA MET D 80 -27.61 6.50 3.92
C MET D 80 -26.55 6.86 2.89
N GLU D 81 -26.29 5.96 1.93
CA GLU D 81 -25.31 6.27 0.89
C GLU D 81 -25.78 7.46 0.04
N GLU D 82 -27.02 7.40 -0.46
CA GLU D 82 -27.52 8.47 -1.34
C GLU D 82 -27.55 9.81 -0.62
N ILE D 83 -27.98 9.82 0.66
CA ILE D 83 -28.06 11.06 1.41
C ILE D 83 -26.66 11.59 1.70
N SER D 84 -25.73 10.71 2.11
CA SER D 84 -24.39 11.17 2.47
C SER D 84 -23.62 11.61 1.24
N ARG D 85 -23.91 11.02 0.08
CA ARG D 85 -23.42 11.54 -1.19
C ARG D 85 -23.76 13.03 -1.33
N GLY D 86 -24.95 13.42 -0.88
CA GLY D 86 -25.35 14.81 -0.96
C GLY D 86 -24.67 15.66 0.09
N CYS D 87 -24.72 15.23 1.36
CA CYS D 87 -24.14 16.00 2.46
C CYS D 87 -23.71 15.00 3.53
N ALA D 88 -22.45 14.98 3.83
CA ALA D 88 -21.88 14.11 4.81
C ALA D 88 -22.37 14.38 6.26
N SER D 89 -22.64 15.63 6.59
CA SER D 89 -23.18 16.00 7.87
C SER D 89 -24.61 15.54 8.02
N THR D 90 -25.40 15.86 7.01
CA THR D 90 -26.77 15.39 6.97
C THR D 90 -26.83 13.87 7.12
N GLY D 91 -25.86 13.18 6.54
CA GLY D 91 -25.80 11.72 6.68
C GLY D 91 -25.62 11.24 8.11
N VAL D 92 -24.64 11.79 8.81
CA VAL D 92 -24.43 11.35 10.16
C VAL D 92 -25.57 11.70 11.10
N ILE D 93 -26.10 12.89 10.94
CA ILE D 93 -27.27 13.30 11.72
C ILE D 93 -28.36 12.26 11.59
N MET D 94 -28.64 11.84 10.35
CA MET D 94 -29.65 10.84 10.10
C MET D 94 -29.23 9.49 10.66
N SER D 95 -27.95 9.15 10.56
CA SER D 95 -27.51 7.82 11.01
C SER D 95 -27.56 7.71 12.52
N VAL D 96 -27.23 8.80 13.24
CA VAL D 96 -27.35 8.78 14.71
C VAL D 96 -28.80 8.55 15.12
N ASN D 97 -29.73 9.34 14.56
CA ASN D 97 -31.12 9.16 14.95
C ASN D 97 -31.59 7.74 14.68
N ASN D 98 -31.24 7.19 13.52
CA ASN D 98 -31.70 5.86 13.14
C ASN D 98 -31.05 4.77 14.00
N SER D 99 -29.73 4.63 13.90
CA SER D 99 -29.09 3.44 14.47
C SER D 99 -28.85 3.60 15.97
N LEU D 100 -28.37 4.76 16.39
CA LEU D 100 -27.77 4.91 17.71
C LEU D 100 -28.76 5.38 18.76
N TYR D 101 -29.75 6.19 18.38
CA TYR D 101 -30.78 6.61 19.30
C TYR D 101 -32.03 5.72 19.23
N LEU D 102 -32.70 5.68 18.07
CA LEU D 102 -33.93 4.90 17.97
C LEU D 102 -33.64 3.41 18.12
N GLY D 103 -32.58 2.91 17.48
CA GLY D 103 -32.23 1.51 17.48
C GLY D 103 -32.26 0.82 18.83
N PRO D 104 -31.49 1.31 19.81
CA PRO D 104 -31.52 0.67 21.14
C PRO D 104 -32.87 0.76 21.84
N ILE D 105 -33.63 1.83 21.62
CA ILE D 105 -34.91 1.93 22.30
C ILE D 105 -35.92 0.99 21.67
N LEU D 106 -35.93 0.91 20.34
CA LEU D 106 -36.70 -0.12 19.66
C LEU D 106 -36.38 -1.51 20.21
N LYS D 107 -35.09 -1.87 20.25
CA LYS D 107 -34.73 -3.23 20.62
C LYS D 107 -34.86 -3.49 22.12
N PHE D 108 -34.67 -2.47 22.97
CA PHE D 108 -34.62 -2.73 24.41
C PHE D 108 -35.67 -1.98 25.22
N GLY D 109 -36.47 -1.13 24.62
CA GLY D 109 -37.41 -0.35 25.39
C GLY D 109 -38.66 -1.14 25.76
N SER D 110 -39.38 -0.60 26.74
CA SER D 110 -40.74 -1.06 27.02
C SER D 110 -41.71 -0.39 26.06
N LYS D 111 -42.91 -0.98 25.96
CA LYS D 111 -44.02 -0.36 25.25
C LYS D 111 -44.13 1.11 25.61
N GLU D 112 -44.15 1.41 26.92
CA GLU D 112 -44.27 2.79 27.37
C GLU D 112 -43.07 3.61 26.93
N GLN D 113 -41.88 3.02 26.93
CA GLN D 113 -40.69 3.77 26.56
C GLN D 113 -40.68 4.08 25.07
N LYS D 114 -41.08 3.11 24.25
CA LYS D 114 -41.11 3.34 22.80
C LYS D 114 -42.13 4.41 22.43
N GLN D 115 -43.33 4.38 22.99
CA GLN D 115 -44.28 5.40 22.58
C GLN D 115 -43.90 6.78 23.10
N ALA D 116 -43.09 6.85 24.16
CA ALA D 116 -42.69 8.12 24.73
C ALA D 116 -41.39 8.67 24.15
N TRP D 117 -40.45 7.80 23.80
CA TRP D 117 -39.14 8.20 23.33
C TRP D 117 -38.84 7.87 21.85
N VAL D 118 -39.60 6.97 21.25
CA VAL D 118 -39.41 6.63 19.85
C VAL D 118 -40.34 7.50 19.02
N THR D 119 -41.66 7.29 19.18
CA THR D 119 -42.64 7.95 18.33
C THR D 119 -42.43 9.45 18.17
N PRO D 120 -42.18 10.24 19.21
CA PRO D 120 -41.97 11.68 18.98
C PRO D 120 -40.67 12.01 18.28
N PHE D 121 -39.85 11.03 17.95
CA PHE D 121 -38.56 11.25 17.32
C PHE D 121 -38.48 10.57 15.97
N THR D 122 -39.62 10.42 15.30
CA THR D 122 -39.68 9.72 14.02
C THR D 122 -40.05 10.63 12.86
N SER D 123 -40.34 11.90 13.12
CA SER D 123 -40.85 12.79 12.08
C SER D 123 -39.95 13.98 11.78
N GLY D 124 -38.86 14.18 12.51
CA GLY D 124 -38.00 15.32 12.26
C GLY D 124 -38.26 16.55 13.10
N ASP D 125 -39.26 16.52 13.99
CA ASP D 125 -39.43 17.64 14.93
C ASP D 125 -38.48 17.54 16.10
N LYS D 126 -38.05 16.33 16.45
CA LYS D 126 -37.07 16.08 17.50
C LYS D 126 -36.15 14.94 17.04
N ILE D 127 -34.84 15.09 17.32
CA ILE D 127 -33.87 14.02 17.10
C ILE D 127 -33.18 13.74 18.42
N GLY D 128 -32.51 12.59 18.47
CA GLY D 128 -31.81 12.13 19.66
C GLY D 128 -30.32 12.06 19.44
N CYS D 129 -29.64 11.52 20.44
CA CYS D 129 -28.21 11.28 20.33
C CYS D 129 -27.81 10.13 21.22
N PHE D 130 -26.53 9.77 21.13
CA PHE D 130 -25.98 8.53 21.68
C PHE D 130 -24.72 8.89 22.45
N ALA D 131 -24.71 8.64 23.76
CA ALA D 131 -23.63 9.17 24.60
C ALA D 131 -22.99 8.02 25.38
N LEU D 132 -21.89 7.50 24.81
CA LEU D 132 -21.11 6.40 25.35
C LEU D 132 -19.69 6.82 25.69
N SER D 133 -19.00 7.49 24.77
CA SER D 133 -17.65 7.97 24.95
C SER D 133 -17.56 9.07 25.99
N GLU D 134 -16.40 9.14 26.60
CA GLU D 134 -16.03 10.13 27.62
C GLU D 134 -14.63 10.66 27.31
N PRO D 135 -14.23 11.77 27.92
CA PRO D 135 -12.89 12.32 27.62
C PRO D 135 -11.78 11.30 27.81
N GLY D 136 -11.89 10.46 28.85
CA GLY D 136 -10.85 9.50 29.14
C GLY D 136 -10.93 8.20 28.38
N ASN D 137 -12.02 7.95 27.73
CA ASN D 137 -12.22 6.68 27.05
C ASN D 137 -13.27 6.65 25.90
N GLY D 138 -12.86 6.18 24.74
CA GLY D 138 -13.67 6.00 23.55
C GLY D 138 -13.60 4.55 23.13
N SER D 139 -12.47 4.16 22.55
CA SER D 139 -12.23 2.79 22.16
C SER D 139 -12.47 1.87 23.34
N ASP D 140 -11.92 2.17 24.50
CA ASP D 140 -12.11 1.44 25.72
C ASP D 140 -13.47 1.90 26.34
N ALA D 141 -14.58 1.53 25.70
CA ALA D 141 -15.89 1.96 26.05
C ALA D 141 -16.31 1.46 27.40
N GLY D 142 -15.87 0.28 27.73
CA GLY D 142 -16.25 -0.31 29.01
C GLY D 142 -15.62 0.36 30.22
N ALA D 143 -14.74 1.33 30.01
CA ALA D 143 -14.15 2.09 31.10
C ALA D 143 -15.00 3.30 31.49
N ALA D 144 -16.24 3.37 31.00
CA ALA D 144 -17.13 4.49 31.31
C ALA D 144 -17.15 4.73 32.81
N SER D 145 -16.82 5.96 33.21
CA SER D 145 -16.79 6.31 34.62
C SER D 145 -17.83 7.36 35.03
N THR D 146 -18.62 7.90 34.08
CA THR D 146 -19.85 8.57 34.48
C THR D 146 -20.67 7.58 35.32
N THR D 147 -21.26 8.07 36.41
CA THR D 147 -21.96 7.21 37.36
C THR D 147 -23.46 7.51 37.37
N ALA D 148 -24.25 6.48 37.69
CA ALA D 148 -25.67 6.65 37.97
C ALA D 148 -25.99 5.95 39.28
N ARG D 149 -26.45 6.73 40.26
CA ARG D 149 -26.73 6.23 41.60
C ARG D 149 -28.23 6.35 41.87
N ALA D 150 -28.84 5.26 42.37
CA ALA D 150 -30.25 5.30 42.73
C ALA D 150 -30.45 6.07 44.03
N GLU D 151 -31.46 6.94 44.06
CA GLU D 151 -31.84 7.67 45.26
C GLU D 151 -33.29 8.08 45.13
N GLY D 152 -34.14 7.58 46.03
CA GLY D 152 -35.55 7.95 45.99
C GLY D 152 -36.22 7.41 44.73
N ASP D 153 -36.99 8.28 44.08
CA ASP D 153 -37.63 7.91 42.82
C ASP D 153 -36.79 8.32 41.61
N SER D 154 -35.46 8.30 41.74
CA SER D 154 -34.62 8.93 40.74
C SER D 154 -33.30 8.19 40.57
N TRP D 155 -32.76 8.26 39.36
CA TRP D 155 -31.34 8.03 39.12
C TRP D 155 -30.62 9.37 39.18
N VAL D 156 -29.42 9.37 39.77
CA VAL D 156 -28.61 10.57 39.91
C VAL D 156 -27.34 10.39 39.08
N LEU D 157 -27.16 11.23 38.05
CA LEU D 157 -26.08 11.08 37.09
C LEU D 157 -25.00 12.12 37.35
N ASN D 158 -23.74 11.69 37.35
CA ASN D 158 -22.62 12.59 37.51
C ASN D 158 -21.51 12.19 36.56
N GLY D 159 -20.99 13.13 35.80
CA GLY D 159 -19.86 12.89 34.91
C GLY D 159 -20.07 13.48 33.53
N THR D 160 -18.99 13.39 32.75
CA THR D 160 -18.95 14.04 31.44
C THR D 160 -18.87 12.97 30.36
N LYS D 161 -19.86 12.97 29.48
CA LYS D 161 -19.77 12.21 28.23
C LYS D 161 -19.15 13.13 27.18
N ALA D 162 -18.39 12.55 26.25
CA ALA D 162 -17.63 13.34 25.29
C ALA D 162 -17.96 12.93 23.86
N TRP D 163 -17.83 13.92 22.96
CA TRP D 163 -17.93 13.73 21.51
C TRP D 163 -19.36 13.42 21.05
N ILE D 164 -20.39 14.02 21.62
CA ILE D 164 -21.74 13.56 21.34
C ILE D 164 -22.28 14.26 20.09
N THR D 165 -22.45 13.50 19.00
CA THR D 165 -23.03 14.03 17.78
C THR D 165 -24.50 14.39 18.00
N ASN D 166 -24.91 15.56 17.48
CA ASN D 166 -26.24 16.15 17.67
C ASN D 166 -26.44 16.74 19.06
N ALA D 167 -25.36 16.92 19.85
CA ALA D 167 -25.54 17.39 21.23
C ALA D 167 -26.34 18.68 21.29
N TRP D 168 -26.11 19.59 20.34
CA TRP D 168 -26.72 20.91 20.42
C TRP D 168 -28.10 20.98 19.80
N GLU D 169 -28.58 19.92 19.15
CA GLU D 169 -29.90 19.89 18.54
C GLU D 169 -30.80 18.79 19.09
N ALA D 170 -30.26 17.86 19.86
CA ALA D 170 -31.04 16.71 20.32
C ALA D 170 -31.97 17.11 21.45
N SER D 171 -33.08 16.41 21.54
CA SER D 171 -34.07 16.60 22.57
C SER D 171 -34.08 15.41 23.56
N ALA D 172 -33.29 14.39 23.27
CA ALA D 172 -33.12 13.27 24.14
C ALA D 172 -31.78 12.54 23.89
N ALA D 173 -31.35 11.75 24.86
CA ALA D 173 -30.09 11.04 24.76
C ALA D 173 -30.24 9.65 25.36
N VAL D 174 -29.64 8.67 24.69
CA VAL D 174 -29.38 7.37 25.30
C VAL D 174 -27.98 7.47 25.90
N VAL D 175 -27.91 7.48 27.23
CA VAL D 175 -26.66 7.70 27.95
C VAL D 175 -26.24 6.40 28.63
N PHE D 176 -24.95 6.08 28.54
CA PHE D 176 -24.37 4.94 29.23
C PHE D 176 -23.58 5.43 30.44
N ALA D 177 -23.88 4.87 31.62
CA ALA D 177 -23.24 5.27 32.86
C ALA D 177 -23.10 4.04 33.74
N SER D 178 -22.05 4.05 34.55
CA SER D 178 -21.77 2.92 35.42
C SER D 178 -22.67 3.02 36.64
N THR D 179 -23.50 2.01 36.84
CA THR D 179 -24.18 1.87 38.11
C THR D 179 -23.32 1.21 39.16
N ASP D 180 -22.15 0.69 38.78
CA ASP D 180 -21.10 0.31 39.71
C ASP D 180 -19.80 0.01 38.97
N ARG D 181 -18.80 0.88 39.14
CA ARG D 181 -17.57 0.73 38.38
C ARG D 181 -16.80 -0.51 38.79
N ALA D 182 -17.00 -1.01 40.03
CA ALA D 182 -16.31 -2.22 40.41
C ALA D 182 -16.76 -3.44 39.61
N LEU D 183 -17.90 -3.36 38.94
CA LEU D 183 -18.34 -4.46 38.08
C LEU D 183 -17.79 -4.34 36.66
N GLN D 184 -17.08 -3.27 36.35
CA GLN D 184 -16.38 -3.11 35.06
C GLN D 184 -17.46 -3.15 33.97
N ASN D 185 -17.22 -3.80 32.84
CA ASN D 185 -18.21 -3.69 31.78
C ASN D 185 -19.42 -4.59 32.00
N LYS D 186 -19.60 -5.13 33.21
CA LYS D 186 -20.89 -5.59 33.67
C LYS D 186 -21.57 -4.57 34.60
N GLY D 187 -20.97 -3.41 34.77
CA GLY D 187 -21.52 -2.36 35.60
C GLY D 187 -22.14 -1.19 34.87
N ILE D 188 -22.23 -1.25 33.51
CA ILE D 188 -22.78 -0.16 32.71
C ILE D 188 -24.28 -0.34 32.58
N SER D 189 -25.00 0.77 32.60
CA SER D 189 -26.42 0.74 32.32
C SER D 189 -26.75 1.86 31.33
N ALA D 190 -27.88 1.72 30.65
CA ALA D 190 -28.33 2.68 29.65
C ALA D 190 -29.52 3.46 30.18
N PHE D 191 -29.54 4.77 29.92
CA PHE D 191 -30.57 5.66 30.45
C PHE D 191 -31.11 6.58 29.36
N LEU D 192 -32.38 6.78 29.36
CA LEU D 192 -33.02 7.74 28.49
C LEU D 192 -33.08 9.05 29.24
N VAL D 193 -32.46 10.06 28.69
CA VAL D 193 -32.36 11.35 29.28
C VAL D 193 -32.92 12.45 28.38
N PRO D 194 -33.79 13.28 28.92
CA PRO D 194 -34.33 14.36 28.12
C PRO D 194 -33.34 15.52 28.04
N MET D 195 -33.51 16.31 27.00
CA MET D 195 -32.65 17.42 26.75
C MET D 195 -33.52 18.58 26.27
N PRO D 196 -33.44 19.71 26.97
CA PRO D 196 -32.59 19.85 28.15
C PRO D 196 -33.25 19.38 29.44
N THR D 197 -32.49 19.28 30.52
CA THR D 197 -32.94 18.88 31.86
C THR D 197 -32.03 19.47 32.96
N PRO D 198 -32.62 19.81 34.12
CA PRO D 198 -31.80 20.25 35.26
C PRO D 198 -30.64 19.29 35.53
N GLY D 199 -29.44 19.85 35.67
CA GLY D 199 -28.24 19.08 35.96
C GLY D 199 -27.41 18.74 34.75
N LEU D 200 -27.91 19.03 33.57
CA LEU D 200 -27.21 18.75 32.35
C LEU D 200 -26.83 20.01 31.65
N THR D 201 -25.56 20.21 31.40
CA THR D 201 -25.09 21.34 30.61
C THR D 201 -24.33 20.84 29.39
N LEU D 202 -24.39 21.60 28.31
CA LEU D 202 -23.73 21.25 27.07
C LEU D 202 -22.35 21.87 27.05
N GLY D 203 -21.36 21.08 26.63
CA GLY D 203 -20.05 21.65 26.38
C GLY D 203 -20.03 22.48 25.12
N LYS D 204 -18.97 23.26 24.99
CA LYS D 204 -18.74 24.00 23.76
C LYS D 204 -18.66 23.04 22.56
N LYS D 205 -19.15 23.51 21.42
CA LYS D 205 -19.08 22.74 20.18
C LYS D 205 -17.63 22.53 19.75
N GLU D 206 -17.34 21.32 19.27
CA GLU D 206 -16.02 21.05 18.70
C GLU D 206 -15.87 21.74 17.35
N ASP D 207 -14.66 22.23 17.10
CA ASP D 207 -14.27 22.80 15.81
C ASP D 207 -13.61 21.65 15.04
N LYS D 208 -14.34 21.06 14.13
CA LYS D 208 -13.88 19.86 13.47
C LYS D 208 -13.30 19.98 12.11
N LEU D 209 -12.54 18.95 11.76
CA LEU D 209 -11.97 18.90 10.41
C LEU D 209 -13.07 18.84 9.35
N GLY D 210 -14.09 18.08 9.63
CA GLY D 210 -15.14 17.83 8.71
C GLY D 210 -16.39 17.45 9.42
N ILE D 211 -17.36 16.96 8.67
CA ILE D 211 -18.74 16.80 9.12
C ILE D 211 -19.20 18.04 9.97
N ARG D 212 -18.98 19.23 9.41
CA ARG D 212 -19.10 20.49 10.08
C ARG D 212 -20.52 20.92 10.39
N GLY D 213 -21.45 20.34 9.67
CA GLY D 213 -22.86 20.57 9.86
C GLY D 213 -23.46 19.93 11.08
N SER D 214 -22.79 18.94 11.59
CA SER D 214 -23.18 18.26 12.76
C SER D 214 -22.59 18.94 13.98
N SER D 215 -23.33 18.94 15.06
CA SER D 215 -22.77 19.42 16.31
C SER D 215 -22.15 18.25 17.05
N THR D 216 -21.04 18.55 17.75
CA THR D 216 -20.32 17.61 18.62
C THR D 216 -19.93 18.38 19.86
N ALA D 217 -20.28 17.88 21.04
CA ALA D 217 -19.97 18.58 22.28
C ALA D 217 -20.17 17.65 23.45
N ASN D 218 -19.56 18.00 24.59
CA ASN D 218 -19.69 17.15 25.77
C ASN D 218 -21.08 17.27 26.37
N LEU D 219 -21.50 16.20 27.03
CA LEU D 219 -22.67 16.22 27.91
C LEU D 219 -22.13 16.14 29.33
N ILE D 220 -22.35 17.20 30.11
CA ILE D 220 -21.78 17.35 31.44
C ILE D 220 -22.90 17.19 32.45
N PHE D 221 -22.92 16.06 33.16
CA PHE D 221 -23.93 15.79 34.17
C PHE D 221 -23.37 16.13 35.54
N GLU D 222 -24.06 17.03 36.24
CA GLU D 222 -23.73 17.36 37.62
C GLU D 222 -25.01 17.22 38.43
N ASP D 223 -25.08 16.16 39.23
CA ASP D 223 -26.23 15.88 40.07
C ASP D 223 -27.53 15.99 39.27
N CYS D 224 -27.55 15.26 38.15
CA CYS D 224 -28.66 15.31 37.20
C CYS D 224 -29.61 14.17 37.53
N ARG D 225 -30.85 14.51 37.89
CA ARG D 225 -31.80 13.52 38.38
C ARG D 225 -32.85 13.24 37.32
N ILE D 226 -33.09 11.99 37.06
CA ILE D 226 -34.07 11.57 36.11
C ILE D 226 -34.91 10.48 36.73
N PRO D 227 -36.14 10.20 36.21
CA PRO D 227 -37.01 9.17 36.81
C PRO D 227 -36.35 7.81 36.88
N LYS D 228 -36.78 7.02 37.87
CA LYS D 228 -36.27 5.66 38.04
C LYS D 228 -36.51 4.78 36.81
N ASP D 229 -37.63 4.96 36.12
CA ASP D 229 -37.94 4.14 34.97
C ASP D 229 -37.30 4.69 33.70
N SER D 230 -36.42 5.69 33.82
CA SER D 230 -35.60 6.16 32.70
C SER D 230 -34.58 5.13 32.24
N ILE D 231 -34.33 4.06 33.02
CA ILE D 231 -33.30 3.10 32.63
C ILE D 231 -33.81 2.26 31.47
N LEU D 232 -32.90 1.93 30.55
CA LEU D 232 -33.20 1.16 29.35
C LEU D 232 -32.65 -0.23 29.57
N GLY D 233 -33.52 -1.21 29.63
CA GLY D 233 -33.13 -2.58 29.94
C GLY D 233 -33.14 -2.83 31.44
N GLU D 234 -32.02 -3.31 31.98
CA GLU D 234 -31.85 -3.59 33.39
C GLU D 234 -30.45 -3.17 33.78
N PRO D 235 -30.20 -2.92 35.07
CA PRO D 235 -28.84 -2.53 35.48
C PRO D 235 -27.82 -3.57 35.01
N GLY D 236 -26.74 -3.08 34.39
CA GLY D 236 -25.66 -3.96 33.98
C GLY D 236 -25.70 -4.47 32.55
N MET D 237 -26.80 -4.30 31.82
CA MET D 237 -26.77 -4.68 30.40
C MET D 237 -26.45 -3.49 29.49
N GLY D 238 -26.01 -2.36 30.05
CA GLY D 238 -25.68 -1.20 29.24
C GLY D 238 -24.56 -1.45 28.23
N PHE D 239 -23.51 -2.15 28.66
CA PHE D 239 -22.39 -2.42 27.75
C PHE D 239 -22.86 -3.19 26.53
N LYS D 240 -23.67 -4.24 26.73
CA LYS D 240 -24.13 -5.04 25.60
C LYS D 240 -25.14 -4.29 24.75
N ILE D 241 -25.95 -3.42 25.36
CA ILE D 241 -26.81 -2.54 24.59
C ILE D 241 -25.97 -1.64 23.68
N ALA D 242 -24.90 -1.05 24.23
CA ALA D 242 -24.04 -0.18 23.44
C ALA D 242 -23.35 -0.94 22.30
N MET D 243 -22.91 -2.17 22.56
CA MET D 243 -22.19 -2.91 21.54
C MET D 243 -23.11 -3.38 20.43
N GLN D 244 -24.31 -3.86 20.79
CA GLN D 244 -25.23 -4.29 19.73
C GLN D 244 -25.72 -3.09 18.93
N THR D 245 -25.81 -1.93 19.57
CA THR D 245 -26.17 -0.72 18.85
C THR D 245 -25.07 -0.31 17.89
N LEU D 246 -23.81 -0.37 18.33
CA LEU D 246 -22.71 -0.02 17.43
C LEU D 246 -22.61 -0.98 16.26
N ASP D 247 -22.91 -2.28 16.48
CA ASP D 247 -22.96 -3.24 15.38
C ASP D 247 -23.90 -2.76 14.27
N MET D 248 -25.06 -2.26 14.66
CA MET D 248 -26.01 -1.75 13.67
C MET D 248 -25.56 -0.41 13.12
N GLY D 249 -25.05 0.48 13.98
CA GLY D 249 -24.62 1.78 13.54
C GLY D 249 -23.49 1.71 12.53
N ARG D 250 -22.61 0.71 12.67
CA ARG D 250 -21.47 0.55 11.78
C ARG D 250 -21.90 0.33 10.34
N ILE D 251 -23.06 -0.28 10.12
CA ILE D 251 -23.61 -0.39 8.76
C ILE D 251 -23.99 1.00 8.26
N GLY D 252 -24.53 1.83 9.15
CA GLY D 252 -24.80 3.21 8.79
C GLY D 252 -23.56 3.99 8.42
N ILE D 253 -22.50 3.87 9.24
CA ILE D 253 -21.29 4.64 8.94
C ILE D 253 -20.61 4.10 7.68
N ALA D 254 -20.64 2.78 7.48
CA ALA D 254 -20.17 2.22 6.21
C ALA D 254 -20.88 2.88 5.04
N SER D 255 -22.20 3.00 5.13
CA SER D 255 -22.98 3.61 4.06
C SER D 255 -22.70 5.10 3.94
N GLN D 256 -22.40 5.75 5.05
CA GLN D 256 -22.06 7.12 4.96
C GLN D 256 -20.76 7.25 4.14
N ALA D 257 -19.78 6.40 4.45
CA ALA D 257 -18.51 6.40 3.74
C ALA D 257 -18.69 6.11 2.24
N LEU D 258 -19.60 5.18 1.90
CA LEU D 258 -19.87 4.92 0.49
C LEU D 258 -20.36 6.18 -0.23
N GLY D 259 -21.20 6.98 0.44
CA GLY D 259 -21.71 8.19 -0.18
C GLY D 259 -20.61 9.21 -0.46
N ILE D 260 -19.80 9.49 0.56
CA ILE D 260 -18.63 10.35 0.40
C ILE D 260 -17.73 9.84 -0.71
N ALA D 261 -17.42 8.53 -0.71
CA ALA D 261 -16.57 7.95 -1.75
C ALA D 261 -17.20 8.12 -3.13
N GLN D 262 -18.51 7.84 -3.24
CA GLN D 262 -19.18 7.93 -4.53
C GLN D 262 -19.19 9.37 -5.04
N THR D 263 -19.48 10.34 -4.18
CA THR D 263 -19.50 11.71 -4.68
C THR D 263 -18.09 12.24 -4.99
N ALA D 264 -17.07 11.77 -4.27
CA ALA D 264 -15.71 12.12 -4.64
C ALA D 264 -15.34 11.55 -6.01
N LEU D 265 -15.71 10.29 -6.28
CA LEU D 265 -15.47 9.70 -7.61
C LEU D 265 -16.23 10.44 -8.70
N ASP D 266 -17.53 10.71 -8.47
CA ASP D 266 -18.30 11.55 -9.38
C ASP D 266 -17.56 12.84 -9.71
N CYS D 267 -17.04 13.50 -8.68
CA CYS D 267 -16.32 14.74 -8.87
C CYS D 267 -15.08 14.55 -9.73
N ALA D 268 -14.33 13.46 -9.47
CA ALA D 268 -13.10 13.21 -10.21
C ALA D 268 -13.38 12.92 -11.68
N VAL D 269 -14.39 12.09 -11.97
CA VAL D 269 -14.69 11.74 -13.35
C VAL D 269 -15.15 12.96 -14.13
N ASN D 270 -16.11 13.71 -13.58
CA ASN D 270 -16.62 14.88 -14.29
C ASN D 270 -15.48 15.86 -14.61
N TYR D 271 -14.57 16.06 -13.65
CA TYR D 271 -13.47 17.00 -13.88
C TYR D 271 -12.48 16.46 -14.90
N ALA D 272 -12.13 15.17 -14.81
CA ALA D 272 -11.11 14.63 -15.71
C ALA D 272 -11.61 14.53 -17.15
N GLU D 273 -12.93 14.38 -17.35
CA GLU D 273 -13.49 14.36 -18.69
C GLU D 273 -13.40 15.72 -19.38
N ASN D 274 -13.29 16.82 -18.63
CA ASN D 274 -13.31 18.16 -19.23
C ASN D 274 -12.02 18.94 -19.06
N ARG D 275 -11.16 18.56 -18.11
CA ARG D 275 -9.84 19.16 -18.01
C ARG D 275 -8.95 18.64 -19.13
N MET D 276 -8.32 19.54 -19.87
CA MET D 276 -7.45 19.18 -20.99
C MET D 276 -6.00 19.21 -20.56
N ALA D 277 -5.23 18.23 -21.00
CA ALA D 277 -3.80 18.28 -20.79
C ALA D 277 -3.14 17.61 -21.97
N PHE D 278 -2.01 18.18 -22.39
CA PHE D 278 -1.20 17.62 -23.46
C PHE D 278 -2.08 17.24 -24.64
N GLY D 279 -3.12 18.04 -24.88
CA GLY D 279 -3.94 17.96 -26.08
C GLY D 279 -5.29 17.28 -25.96
N ALA D 280 -5.68 16.78 -24.78
CA ALA D 280 -6.80 15.85 -24.72
C ALA D 280 -7.32 15.81 -23.28
N PRO D 281 -8.52 15.25 -23.07
CA PRO D 281 -9.02 15.11 -21.70
C PRO D 281 -8.12 14.24 -20.84
N LEU D 282 -8.08 14.56 -19.53
CA LEU D 282 -7.25 13.78 -18.61
C LEU D 282 -7.60 12.30 -18.65
N THR D 283 -8.85 11.96 -18.97
CA THR D 283 -9.25 10.56 -19.04
C THR D 283 -8.59 9.82 -20.20
N LYS D 284 -7.88 10.52 -21.07
CA LYS D 284 -7.04 9.85 -22.07
C LYS D 284 -5.70 9.41 -21.48
N LEU D 285 -5.31 9.90 -20.32
CA LEU D 285 -4.04 9.50 -19.72
C LEU D 285 -4.24 8.18 -18.98
N GLN D 286 -3.37 7.21 -19.26
CA GLN D 286 -3.49 5.88 -18.67
C GLN D 286 -3.40 5.94 -17.15
N VAL D 287 -2.55 6.81 -16.62
CA VAL D 287 -2.41 6.98 -15.17
C VAL D 287 -3.73 7.42 -14.56
N ILE D 288 -4.46 8.30 -15.25
CA ILE D 288 -5.75 8.78 -14.73
C ILE D 288 -6.80 7.68 -14.83
N GLN D 289 -6.78 6.93 -15.95
CA GLN D 289 -7.67 5.76 -16.06
C GLN D 289 -7.43 4.78 -14.91
N PHE D 290 -6.16 4.49 -14.58
CA PHE D 290 -5.91 3.51 -13.54
C PHE D 290 -6.36 4.03 -12.17
N LYS D 291 -6.15 5.30 -11.87
CA LYS D 291 -6.67 5.87 -10.63
C LYS D 291 -8.17 5.64 -10.53
N LEU D 292 -8.91 5.95 -11.59
CA LEU D 292 -10.36 5.83 -11.57
C LEU D 292 -10.80 4.39 -11.40
N ALA D 293 -10.11 3.45 -12.07
CA ALA D 293 -10.48 2.05 -11.94
C ALA D 293 -10.27 1.55 -10.52
N ASP D 294 -9.15 1.92 -9.89
CA ASP D 294 -8.89 1.52 -8.51
C ASP D 294 -9.93 2.14 -7.57
N MET D 295 -10.34 3.37 -7.84
CA MET D 295 -11.35 4.02 -7.00
C MET D 295 -12.69 3.30 -7.12
N ALA D 296 -13.10 2.99 -8.37
CA ALA D 296 -14.35 2.28 -8.59
C ALA D 296 -14.33 0.91 -7.93
N LEU D 297 -13.23 0.17 -8.08
CA LEU D 297 -13.12 -1.14 -7.45
C LEU D 297 -13.22 -1.02 -5.93
N ALA D 298 -12.47 -0.09 -5.33
CA ALA D 298 -12.50 0.05 -3.88
C ALA D 298 -13.91 0.35 -3.42
N LEU D 299 -14.60 1.23 -4.14
CA LEU D 299 -15.93 1.67 -3.77
C LEU D 299 -16.96 0.54 -3.91
N GLU D 300 -16.95 -0.15 -5.06
CA GLU D 300 -17.94 -1.18 -5.31
C GLU D 300 -17.69 -2.40 -4.44
N SER D 301 -16.41 -2.70 -4.16
CA SER D 301 -16.07 -3.73 -3.18
C SER D 301 -16.67 -3.42 -1.82
N ALA D 302 -16.47 -2.20 -1.32
CA ALA D 302 -16.97 -1.87 0.02
C ALA D 302 -18.50 -1.87 0.06
N ARG D 303 -19.15 -1.54 -1.04
CA ARG D 303 -20.62 -1.56 -1.04
C ARG D 303 -21.16 -2.98 -0.92
N LEU D 304 -20.54 -3.94 -1.61
CA LEU D 304 -20.98 -5.32 -1.49
C LEU D 304 -20.81 -5.85 -0.06
N LEU D 305 -19.68 -5.52 0.58
CA LEU D 305 -19.51 -5.80 2.00
C LEU D 305 -20.59 -5.16 2.86
N THR D 306 -20.89 -3.88 2.60
CA THR D 306 -21.92 -3.18 3.36
C THR D 306 -23.29 -3.81 3.15
N TRP D 307 -23.68 -4.05 1.90
CA TRP D 307 -24.99 -4.65 1.65
C TRP D 307 -25.09 -6.05 2.25
N ARG D 308 -24.00 -6.81 2.27
CA ARG D 308 -24.05 -8.13 2.89
C ARG D 308 -24.37 -8.03 4.38
N ALA D 309 -23.70 -7.11 5.08
CA ALA D 309 -23.98 -6.95 6.51
C ALA D 309 -25.43 -6.55 6.74
N ALA D 310 -25.94 -5.60 5.95
CA ALA D 310 -27.33 -5.20 6.06
C ALA D 310 -28.27 -6.38 5.81
N MET D 311 -28.04 -7.13 4.74
CA MET D 311 -28.94 -8.23 4.41
C MET D 311 -28.85 -9.35 5.43
N LEU D 312 -27.70 -9.53 6.05
CA LEU D 312 -27.53 -10.51 7.08
C LEU D 312 -28.36 -10.13 8.31
N LYS D 313 -28.27 -8.89 8.71
CA LYS D 313 -29.06 -8.41 9.84
C LYS D 313 -30.55 -8.50 9.54
N ASP D 314 -30.95 -8.17 8.31
CA ASP D 314 -32.35 -8.28 7.91
C ASP D 314 -32.86 -9.71 8.01
N ASN D 315 -32.01 -10.68 7.66
CA ASN D 315 -32.38 -12.09 7.77
C ASN D 315 -32.17 -12.65 9.18
N LYS D 316 -31.89 -11.79 10.17
CA LYS D 316 -31.65 -12.20 11.55
C LYS D 316 -30.51 -13.22 11.64
N LYS D 317 -29.44 -12.98 10.94
CA LYS D 317 -28.27 -13.79 11.02
C LYS D 317 -27.20 -13.01 11.76
N PRO D 318 -26.18 -13.67 12.27
CA PRO D 318 -25.07 -12.94 12.90
C PRO D 318 -24.41 -12.04 11.87
N PHE D 319 -23.98 -10.86 12.32
CA PHE D 319 -23.40 -9.92 11.37
C PHE D 319 -22.32 -9.03 11.98
N ILE D 320 -21.80 -9.33 13.17
CA ILE D 320 -20.84 -8.43 13.81
C ILE D 320 -19.56 -8.33 12.97
N LYS D 321 -18.99 -9.47 12.58
CA LYS D 321 -17.79 -9.45 11.75
C LYS D 321 -18.04 -8.72 10.43
N GLU D 322 -19.17 -9.03 9.79
CA GLU D 322 -19.45 -8.46 8.48
C GLU D 322 -19.72 -6.96 8.59
N ALA D 323 -20.39 -6.53 9.66
CA ALA D 323 -20.59 -5.09 9.84
C ALA D 323 -19.26 -4.35 10.02
N ALA D 324 -18.32 -4.98 10.74
CA ALA D 324 -17.03 -4.35 10.99
C ALA D 324 -16.17 -4.29 9.72
N MET D 325 -16.18 -5.36 8.93
CA MET D 325 -15.49 -5.35 7.64
C MET D 325 -16.02 -4.24 6.75
N ALA D 326 -17.34 -4.09 6.68
CA ALA D 326 -17.94 -3.07 5.81
C ALA D 326 -17.52 -1.68 6.25
N LYS D 327 -17.66 -1.39 7.54
CA LYS D 327 -17.28 -0.09 8.08
C LYS D 327 -15.81 0.19 7.81
N LEU D 328 -14.96 -0.82 8.03
CA LEU D 328 -13.52 -0.67 7.82
C LEU D 328 -13.20 -0.41 6.35
N ALA D 329 -13.69 -1.28 5.48
CA ALA D 329 -13.40 -1.16 4.06
C ALA D 329 -13.94 0.15 3.49
N ALA D 330 -15.20 0.48 3.82
CA ALA D 330 -15.82 1.69 3.25
C ALA D 330 -15.08 2.95 3.68
N SER D 331 -14.71 3.03 4.96
CA SER D 331 -14.06 4.23 5.49
C SER D 331 -12.67 4.41 4.91
N GLU D 332 -11.88 3.35 4.80
CA GLU D 332 -10.57 3.49 4.19
C GLU D 332 -10.68 3.74 2.68
N ALA D 333 -11.72 3.20 2.05
CA ALA D 333 -11.97 3.54 0.65
C ALA D 333 -12.36 5.01 0.50
N ALA D 334 -13.21 5.53 1.39
CA ALA D 334 -13.60 6.94 1.28
C ALA D 334 -12.39 7.85 1.43
N THR D 335 -11.48 7.54 2.36
CA THR D 335 -10.28 8.36 2.45
C THR D 335 -9.39 8.20 1.22
N ALA D 336 -9.19 6.96 0.76
CA ALA D 336 -8.33 6.75 -0.40
C ALA D 336 -8.92 7.42 -1.64
N ILE D 337 -10.21 7.23 -1.88
CA ILE D 337 -10.83 7.79 -3.07
C ILE D 337 -10.85 9.31 -3.01
N SER D 338 -11.21 9.90 -1.86
CA SER D 338 -11.23 11.35 -1.80
C SER D 338 -9.83 11.90 -1.92
N HIS D 339 -8.81 11.15 -1.46
CA HIS D 339 -7.44 11.59 -1.68
C HIS D 339 -7.13 11.67 -3.17
N GLN D 340 -7.53 10.64 -3.92
CA GLN D 340 -7.20 10.58 -5.32
C GLN D 340 -8.07 11.51 -6.16
N ALA D 341 -9.26 11.86 -5.68
CA ALA D 341 -10.08 12.87 -6.35
C ALA D 341 -9.42 14.25 -6.26
N ILE D 342 -8.96 14.63 -5.06
CA ILE D 342 -8.13 15.84 -4.96
C ILE D 342 -6.99 15.77 -5.97
N GLN D 343 -6.31 14.62 -6.03
CA GLN D 343 -5.12 14.52 -6.87
C GLN D 343 -5.47 14.69 -8.35
N ILE D 344 -6.60 14.12 -8.77
CA ILE D 344 -6.99 14.23 -10.15
C ILE D 344 -7.35 15.68 -10.50
N LEU D 345 -7.92 16.41 -9.55
CA LEU D 345 -8.23 17.81 -9.80
C LEU D 345 -6.99 18.68 -9.79
N GLY D 346 -5.87 18.19 -9.25
CA GLY D 346 -4.67 19.01 -9.20
C GLY D 346 -4.89 20.22 -8.30
N GLY D 347 -4.39 21.37 -8.74
CA GLY D 347 -4.52 22.58 -7.92
C GLY D 347 -5.94 22.86 -7.49
N MET D 348 -6.91 22.63 -8.39
CA MET D 348 -8.31 22.81 -8.02
C MET D 348 -8.77 21.83 -6.95
N GLY D 349 -8.05 20.72 -6.75
CA GLY D 349 -8.42 19.80 -5.67
C GLY D 349 -8.19 20.37 -4.28
N TYR D 350 -7.38 21.40 -4.14
CA TYR D 350 -6.99 21.96 -2.90
C TYR D 350 -7.75 23.23 -2.48
N VAL D 351 -8.69 23.69 -3.28
CA VAL D 351 -9.35 24.97 -3.07
C VAL D 351 -10.83 24.73 -2.78
N THR D 352 -11.42 25.65 -2.01
CA THR D 352 -12.76 25.47 -1.46
C THR D 352 -13.86 25.67 -2.49
N GLU D 353 -13.54 26.14 -3.69
CA GLU D 353 -14.54 26.32 -4.74
C GLU D 353 -14.73 25.05 -5.57
N MET D 354 -14.09 23.96 -5.18
CA MET D 354 -14.40 22.62 -5.63
C MET D 354 -14.72 21.79 -4.39
N PRO D 355 -15.52 20.72 -4.53
CA PRO D 355 -15.96 19.99 -3.34
C PRO D 355 -14.99 18.90 -2.87
N ALA D 356 -13.88 18.71 -3.57
CA ALA D 356 -13.01 17.56 -3.28
C ALA D 356 -12.32 17.69 -1.93
N GLU D 357 -11.85 18.89 -1.56
CA GLU D 357 -11.15 19.00 -0.27
C GLU D 357 -12.11 18.75 0.88
N ARG D 358 -13.38 19.16 0.72
CA ARG D 358 -14.40 18.85 1.73
C ARG D 358 -14.61 17.33 1.85
N HIS D 359 -14.70 16.61 0.72
CA HIS D 359 -14.92 15.17 0.78
C HIS D 359 -13.80 14.47 1.52
N TYR D 360 -12.57 14.94 1.31
CA TYR D 360 -11.40 14.39 2.00
C TYR D 360 -11.48 14.65 3.50
N ARG D 361 -11.91 15.85 3.89
CA ARG D 361 -12.07 16.16 5.31
C ARG D 361 -13.20 15.35 5.92
N ASP D 362 -14.29 15.17 5.21
CA ASP D 362 -15.41 14.41 5.64
C ASP D 362 -15.09 12.94 5.73
N ALA D 363 -14.39 12.42 4.76
CA ALA D 363 -14.03 11.00 4.77
C ALA D 363 -13.26 10.62 6.02
N ARG D 364 -12.39 11.53 6.49
CA ARG D 364 -11.43 11.18 7.53
C ARG D 364 -12.11 10.69 8.81
N ILE D 365 -13.28 11.23 9.12
CA ILE D 365 -13.98 10.84 10.32
C ILE D 365 -14.48 9.42 10.33
N THR D 366 -14.77 8.87 9.17
CA THR D 366 -15.34 7.53 9.11
C THR D 366 -14.35 6.46 9.55
N GLU D 367 -13.06 6.75 9.53
CA GLU D 367 -12.05 5.85 10.06
C GLU D 367 -11.93 5.89 11.59
N ILE D 368 -12.65 6.80 12.26
CA ILE D 368 -12.44 7.07 13.69
C ILE D 368 -13.66 6.66 14.52
N TYR D 369 -14.79 7.32 14.30
CA TYR D 369 -15.99 7.05 15.07
C TYR D 369 -16.71 5.74 14.87
N GLU D 370 -17.58 5.45 15.83
CA GLU D 370 -18.26 4.15 15.94
C GLU D 370 -17.25 3.01 15.88
N GLY D 371 -16.06 3.25 16.43
CA GLY D 371 -15.00 2.25 16.50
C GLY D 371 -13.93 2.47 15.45
N THR D 372 -12.71 2.79 15.88
CA THR D 372 -11.64 3.08 14.95
C THR D 372 -11.33 1.87 14.07
N SER D 373 -10.62 2.14 12.97
CA SER D 373 -10.16 1.07 12.09
C SER D 373 -9.47 -0.04 12.88
N GLU D 374 -8.69 0.33 13.91
CA GLU D 374 -7.96 -0.63 14.71
C GLU D 374 -8.91 -1.52 15.51
N ILE D 375 -9.94 -0.92 16.11
CA ILE D 375 -10.98 -1.68 16.80
C ILE D 375 -11.71 -2.59 15.83
N GLN D 376 -12.05 -2.09 14.62
CA GLN D 376 -12.70 -2.97 13.64
C GLN D 376 -11.83 -4.19 13.33
N ARG D 377 -10.52 -4.00 13.20
CA ARG D 377 -9.66 -5.13 12.90
C ARG D 377 -9.58 -6.09 14.08
N LEU D 378 -9.60 -5.58 15.31
CA LEU D 378 -9.69 -6.48 16.45
C LEU D 378 -10.99 -7.26 16.42
N VAL D 379 -12.10 -6.57 16.12
CA VAL D 379 -13.41 -7.22 16.11
C VAL D 379 -13.45 -8.31 15.04
N ILE D 380 -12.93 -7.99 13.85
CA ILE D 380 -12.89 -8.97 12.77
C ILE D 380 -12.07 -10.18 13.16
N ALA D 381 -10.87 -9.94 13.71
CA ALA D 381 -9.97 -11.04 14.06
C ALA D 381 -10.60 -11.95 15.11
N GLY D 382 -11.27 -11.39 16.10
CA GLY D 382 -11.88 -12.21 17.12
C GLY D 382 -12.93 -13.15 16.54
N HIS D 383 -13.77 -12.63 15.63
CA HIS D 383 -14.82 -13.46 15.07
C HIS D 383 -14.29 -14.45 14.06
N LEU D 384 -13.27 -14.07 13.29
CA LEU D 384 -12.62 -15.01 12.39
C LEU D 384 -12.06 -16.20 13.17
N LEU D 385 -11.35 -15.91 14.26
CA LEU D 385 -10.77 -16.97 15.07
C LEU D 385 -11.84 -17.88 15.67
N ARG D 386 -12.92 -17.29 16.20
CA ARG D 386 -14.03 -18.07 16.73
C ARG D 386 -14.60 -19.00 15.66
N SER D 387 -14.77 -18.51 14.43
CA SER D 387 -15.31 -19.34 13.36
C SER D 387 -14.40 -20.53 13.06
N TYR D 388 -13.09 -20.38 13.29
CA TYR D 388 -12.17 -21.49 13.03
C TYR D 388 -12.13 -22.48 14.19
N ARG D 389 -12.41 -22.01 15.42
CA ARG D 389 -12.54 -22.88 16.57
C ARG D 389 -13.88 -23.59 16.62
N SER D 390 -14.82 -23.17 15.78
CA SER D 390 -16.15 -23.77 15.69
C SER D 390 -16.19 -24.83 14.58
PA FAD E . 8.30 -17.51 14.45
O1A FAD E . 9.09 -16.83 15.50
O2A FAD E . 7.48 -18.77 14.85
O5B FAD E . 7.44 -16.42 13.78
C5B FAD E . 6.05 -16.64 13.47
C4B FAD E . 5.43 -15.31 13.10
O4B FAD E . 5.10 -14.56 14.30
C3B FAD E . 6.30 -14.37 12.25
O3B FAD E . 5.51 -13.69 11.28
C2B FAD E . 6.88 -13.42 13.29
O2B FAD E . 7.33 -12.18 12.76
C1B FAD E . 5.70 -13.29 14.25
N9A FAD E . 6.11 -12.91 15.59
C8A FAD E . 6.99 -13.59 16.39
N7A FAD E . 7.22 -13.02 17.55
C5A FAD E . 6.43 -11.88 17.52
C6A FAD E . 6.22 -10.84 18.44
N6A FAD E . 6.81 -10.79 19.64
N1A FAD E . 5.39 -9.84 18.08
C2A FAD E . 4.81 -9.89 16.88
N3A FAD E . 4.93 -10.81 15.93
C4A FAD E . 5.76 -11.79 16.30
N1 FAD E . 18.58 -18.77 12.18
C2 FAD E . 19.85 -18.75 12.67
O2 FAD E . 20.10 -18.59 13.87
N3 FAD E . 20.92 -18.90 11.82
C4 FAD E . 20.85 -19.11 10.48
O4 FAD E . 21.88 -19.26 9.83
C4X FAD E . 19.50 -19.12 9.95
N5 FAD E . 19.35 -19.32 8.67
C5X FAD E . 18.06 -19.39 8.18
C6 FAD E . 17.89 -19.62 6.81
C7 FAD E . 16.61 -19.69 6.26
C7M FAD E . 16.46 -19.95 4.79
C8 FAD E . 15.49 -19.54 7.09
C8M FAD E . 14.10 -19.61 6.53
C9 FAD E . 15.66 -19.32 8.45
C9A FAD E . 16.93 -19.24 9.00
N10 FAD E . 17.14 -18.99 10.38
C10 FAD E . 18.42 -18.95 10.89
C1' FAD E . 16.00 -18.81 11.29
C2' FAD E . 15.27 -17.47 11.08
O2' FAD E . 15.97 -16.36 11.61
C3' FAD E . 13.86 -17.56 11.70
O3' FAD E . 13.07 -18.38 10.87
C4' FAD E . 13.15 -16.22 11.85
O4' FAD E . 13.85 -15.38 12.77
C5' FAD E . 11.70 -16.36 12.26
O5' FAD E . 11.62 -17.25 13.40
P FAD E . 10.71 -18.52 13.36
O1P FAD E . 10.96 -19.26 12.05
O2P FAD E . 10.83 -19.36 14.62
O3P FAD E . 9.24 -17.94 13.25
PA FAD F . 3.01 -8.50 -22.45
O1A FAD F . 4.24 -8.24 -23.21
O2A FAD F . 1.63 -8.39 -23.09
O5B FAD F . 2.89 -7.51 -21.23
C5B FAD F . 4.05 -6.94 -20.61
C4B FAD F . 3.61 -5.99 -19.52
O4B FAD F . 2.98 -4.80 -20.08
C3B FAD F . 2.60 -6.58 -18.53
O3B FAD F . 3.00 -6.09 -17.26
C2B FAD F . 1.31 -5.87 -18.94
O2B FAD F . 0.30 -5.75 -17.93
C1B FAD F . 1.94 -4.51 -19.19
N9A FAD F . 1.06 -3.44 -19.65
C8A FAD F . 0.75 -2.32 -18.91
N7A FAD F . -0.05 -1.49 -19.51
C5A FAD F . -0.31 -2.11 -20.72
C6A FAD F . -1.09 -1.74 -21.81
N6A FAD F . -1.80 -0.61 -21.85
N1A FAD F . -1.14 -2.57 -22.85
C2A FAD F . -0.44 -3.72 -22.80
N3A FAD F . 0.36 -4.17 -21.84
C4A FAD F . 0.37 -3.32 -20.81
N1 FAD F . -2.72 -17.48 -23.30
C2 FAD F . -3.70 -18.14 -24.00
O2 FAD F . -4.24 -17.66 -25.00
N3 FAD F . -4.12 -19.39 -23.57
C4 FAD F . -3.64 -20.08 -22.48
O4 FAD F . -4.09 -21.19 -22.21
C4X FAD F . -2.62 -19.37 -21.74
N5 FAD F . -2.08 -19.98 -20.68
C5X FAD F . -1.06 -19.32 -20.01
C6 FAD F . -0.47 -19.95 -18.91
C7 FAD F . 0.56 -19.32 -18.21
C7M FAD F . 1.17 -20.02 -17.02
C8 FAD F . 1.01 -18.06 -18.61
C8M FAD F . 2.12 -17.34 -17.89
C9 FAD F . 0.43 -17.45 -19.72
C9A FAD F . -0.60 -18.06 -20.42
N10 FAD F . -1.20 -17.45 -21.54
C10 FAD F . -2.21 -18.08 -22.23
C1' FAD F . -0.77 -16.11 -21.98
C2' FAD F . -1.15 -14.99 -21.00
O2' FAD F . -2.53 -14.62 -21.13
C3' FAD F . -0.25 -13.78 -21.23
O3' FAD F . 0.99 -13.99 -20.54
C4' FAD F . -0.80 -12.39 -20.92
O4' FAD F . -2.20 -12.30 -21.18
C5' FAD F . -0.21 -11.38 -21.87
O5' FAD F . 1.10 -11.02 -21.42
P FAD F . 2.38 -11.23 -22.30
O1P FAD F . 3.09 -12.44 -21.67
O2P FAD F . 2.36 -11.20 -23.77
O3P FAD F . 3.10 -9.92 -21.75
C10 7R3 G . 9.19 -19.73 -26.97
C13 7R3 G . 7.30 -18.60 -25.04
C15 7R3 G . 5.99 -18.95 -24.64
C17 7R3 G . 11.72 -18.26 -25.00
C20 7R3 G . 14.05 -22.23 -24.43
C21 7R3 G . 13.20 -18.25 -24.62
C22 7R3 G . 13.94 -19.59 -24.44
C24 7R3 G . 13.69 -25.08 -17.96
C26 7R3 G . 13.76 -23.30 -23.31
C28 7R3 G . 14.79 -23.46 -22.20
C09 7R3 G . 8.44 -18.56 -27.40
C11 7R3 G . 7.18 -18.40 -26.59
C12 7R3 G . 9.51 -19.34 -25.57
C14 7R3 G . 10.97 -19.57 -25.17
C16 7R3 G . 11.68 -20.94 -25.00
C18 7R3 G . 13.19 -20.93 -24.61
C19 7R3 G . 13.78 -26.51 -18.83
C23 7R3 G . 15.04 -26.85 -18.86
C25 7R3 G . 15.76 -26.01 -17.72
C27 7R3 G . 13.36 -25.45 -21.10
C29 7R3 G . 12.54 -24.23 -23.36
C30 7R3 G . 14.60 -24.53 -21.09
C31 7R3 G . 12.34 -25.28 -22.24
O2 7R3 G . 8.38 -19.65 -24.66
O3 7R3 G . 8.17 -18.63 -28.87
O4 7R3 G . 10.42 -19.95 -27.76
O5 7R3 G . 6.70 -17.07 -26.62
O6 7R3 G . 6.01 -19.96 -23.69
O7 7R3 G . 14.64 -25.12 -17.07
O8 7R3 G . 13.11 -26.47 -20.12
CL1 7R3 G . 15.66 -19.53 -24.00
PA FAD H . -3.23 19.48 -13.90
O1A FAD H . -4.43 19.81 -14.46
O2A FAD H . -2.05 19.67 -14.60
O5B FAD H . -3.27 17.99 -13.51
C5B FAD H . -4.37 17.22 -13.23
C4B FAD H . -4.09 15.73 -13.02
O4B FAD H . -3.54 15.08 -14.12
C3B FAD H . -3.15 15.56 -11.88
O3B FAD H . -3.41 14.46 -11.07
C2B FAD H . -1.85 15.40 -12.63
O2B FAD H . -0.88 14.78 -11.90
C1B FAD H . -2.28 14.66 -13.88
N9A FAD H . -1.44 14.86 -15.04
C8A FAD H . -1.14 15.99 -15.63
N7A FAD H . -0.35 15.82 -16.63
C5A FAD H . -0.12 14.55 -16.70
C6A FAD H . 0.68 13.63 -17.53
N6A FAD H . 1.39 14.07 -18.53
N1A FAD H . 0.65 12.36 -17.24
C2A FAD H . -0.07 11.86 -16.27
N3A FAD H . -0.78 12.63 -15.48
C4A FAD H . -0.83 13.93 -15.64
N1 FAD H . 2.42 27.37 -9.45
C2 FAD H . 3.39 28.26 -9.61
O2 FAD H . 3.83 28.36 -10.73
N3 FAD H . 3.87 29.01 -8.65
C4 FAD H . 3.38 28.94 -7.47
O4 FAD H . 3.81 29.62 -6.60
C4X FAD H . 2.29 28.00 -7.19
N5 FAD H . 1.72 27.84 -6.01
C5X FAD H . 0.71 27.01 -5.79
C6 FAD H . 0.12 26.92 -4.57
C7 FAD H . -0.92 26.08 -4.35
C7M FAD H . -1.59 25.97 -3.01
C8 FAD H . -1.42 25.28 -5.43
C8M FAD H . -2.55 24.34 -5.18
C9 FAD H . -0.82 25.32 -6.66
C9A FAD H . 0.21 26.19 -6.91
N10 FAD H . 0.81 26.27 -8.15
C10 FAD H . 1.84 27.18 -8.32
C1' FAD H . 0.34 25.48 -9.28
C2' FAD H . 0.74 24.02 -9.13
O2' FAD H . 2.12 23.86 -9.34
C3' FAD H . -0.11 23.08 -9.98
O3' FAD H . -1.27 22.93 -9.32
C4' FAD H . 0.35 21.64 -10.29
O4' FAD H . 1.60 21.56 -10.85
C5' FAD H . -0.61 20.83 -11.14
O5' FAD H . -1.20 21.60 -12.16
P FAD H . -2.67 21.73 -12.30
O1P FAD H . -3.16 22.20 -11.11
O2P FAD H . -2.92 22.40 -13.49
O3P FAD H . -3.18 20.27 -12.56
PA FAD I . -8.64 6.36 21.81
O1A FAD I . -7.94 7.01 22.80
O2A FAD I . -9.50 5.40 22.18
O5B FAD I . -7.71 5.68 20.80
C5B FAD I . -6.49 6.18 20.36
C4B FAD I . -5.70 5.25 19.44
O4B FAD I . -5.41 4.01 20.01
C3B FAD I . -6.50 4.98 18.16
O3B FAD I . -5.75 4.91 16.99
C2B FAD I . -7.16 3.67 18.48
O2B FAD I . -7.61 2.94 17.40
C1B FAD I . -6.06 3.03 19.30
N9A FAD I . -6.48 1.93 20.15
C8A FAD I . -7.31 1.98 21.15
N7A FAD I . -7.49 0.82 21.70
C5A FAD I . -6.74 -0.02 21.03
C6A FAD I . -6.47 -1.45 21.08
N6A FAD I . -7.03 -2.23 22.00
N1A FAD I . -5.64 -1.92 20.19
C2A FAD I . -5.05 -1.17 19.26
N3A FAD I . -5.27 0.10 19.11
C4A FAD I . -6.10 0.71 19.96
N1 FAD I . -18.95 8.80 20.68
C2 FAD I . -20.22 8.64 21.08
O2 FAD I . -20.46 7.89 21.98
N3 FAD I . -21.24 9.20 20.49
C4 FAD I . -21.14 10.06 19.55
O4 FAD I . -22.09 10.62 19.07
C4X FAD I . -19.78 10.30 19.06
N5 FAD I . -19.58 11.15 18.07
C5X FAD I . -18.35 11.44 17.66
C6 FAD I . -18.16 12.36 16.70
C7 FAD I . -16.91 12.67 16.26
C7M FAD I . -16.75 13.67 15.16
C8 FAD I . -15.76 12.02 16.84
C8M FAD I . -14.38 12.31 16.38
C9 FAD I . -15.97 11.10 17.82
C9A FAD I . -17.20 10.79 18.28
N10 FAD I . -17.39 9.87 19.29
C10 FAD I . -18.67 9.62 19.70
C1' FAD I . -16.29 9.20 19.92
C2' FAD I . -15.57 8.23 19.00
O2' FAD I . -16.32 7.08 18.79
C3' FAD I . -14.11 7.96 19.48
O3' FAD I . -13.40 9.07 19.09
C4' FAD I . -13.42 6.63 19.07
O4' FAD I . -14.13 5.53 19.47
C5' FAD I . -12.02 6.47 19.65
O5' FAD I . -11.87 6.93 20.94
P FAD I . -10.90 7.94 21.45
O1P FAD I . -11.02 7.87 22.82
O2P FAD I . -11.11 9.12 20.86
O3P FAD I . -9.49 7.41 21.05
#